data_1Q0K
#
_entry.id   1Q0K
#
_cell.length_a   111.635
_cell.length_b   113.651
_cell.length_c   129.356
_cell.angle_alpha   90.00
_cell.angle_beta   90.00
_cell.angle_gamma   90.00
#
_symmetry.space_group_name_H-M   'P 21 21 21'
#
loop_
_entity.id
_entity.type
_entity.pdbx_description
1 polymer 'Superoxide dismutase [Ni]'
2 non-polymer 'NICKEL (II) ION'
3 non-polymer 'SULFATE ION'
4 non-polymer THIOSULFATE
5 water water
#
_entity_poly.entity_id   1
_entity_poly.type   'polypeptide(L)'
_entity_poly.pdbx_seq_one_letter_code
;HCDLPCGVYDPAQARIEAESVKAIQEKMAANDDLHFQIRATVIKEQRAELAKHHLDVLWSDYFKPPHFESYPELHTLVNE
AVKALSAAKASTDPATGQKALDYIAQIDKIFWETKKA
;
_entity_poly.pdbx_strand_id   A,B,C,D,E,F,G,H,I,J,K,L
#
# COMPACT_ATOMS: atom_id res chain seq x y z
N HIS A 1 25.78 -27.45 22.93
CA HIS A 1 25.93 -25.99 22.72
C HIS A 1 25.37 -25.56 21.36
N CYS A 2 24.95 -26.53 20.56
CA CYS A 2 24.42 -26.28 19.23
C CYS A 2 22.90 -26.13 19.23
N ASP A 3 22.29 -26.35 20.40
CA ASP A 3 20.84 -26.23 20.60
C ASP A 3 19.98 -27.34 20.00
N LEU A 4 20.58 -28.48 19.65
CA LEU A 4 19.80 -29.60 19.10
C LEU A 4 18.76 -30.08 20.12
N PRO A 5 19.18 -30.27 21.39
CA PRO A 5 20.52 -30.08 21.94
C PRO A 5 21.42 -31.29 21.72
N CYS A 6 22.72 -31.10 21.87
CA CYS A 6 23.67 -32.18 21.66
C CYS A 6 24.23 -32.70 22.99
N GLY A 7 24.08 -31.90 24.05
CA GLY A 7 24.57 -32.29 25.36
C GLY A 7 26.05 -32.03 25.59
N VAL A 8 26.70 -31.37 24.63
CA VAL A 8 28.13 -31.08 24.74
C VAL A 8 28.37 -29.60 25.03
N TYR A 9 28.94 -29.29 26.19
CA TYR A 9 29.22 -27.91 26.57
C TYR A 9 30.55 -27.83 27.31
N ASP A 10 31.19 -26.66 27.23
CA ASP A 10 32.45 -26.44 27.94
C ASP A 10 32.82 -24.97 27.98
N PRO A 11 32.87 -24.38 29.18
CA PRO A 11 33.23 -22.97 29.32
C PRO A 11 34.59 -22.67 28.69
N ALA A 12 35.35 -23.72 28.39
CA ALA A 12 36.67 -23.57 27.79
C ALA A 12 36.59 -22.82 26.46
N GLN A 13 35.46 -22.98 25.74
CA GLN A 13 35.31 -22.29 24.47
C GLN A 13 35.38 -20.79 24.70
N ALA A 14 34.72 -20.32 25.76
CA ALA A 14 34.73 -18.89 26.06
C ALA A 14 36.13 -18.49 26.54
N ARG A 15 36.71 -19.29 27.43
CA ARG A 15 38.04 -19.00 27.96
C ARG A 15 39.08 -18.77 26.86
N ILE A 16 39.21 -19.73 25.95
CA ILE A 16 40.18 -19.64 24.86
C ILE A 16 40.04 -18.34 24.06
N GLU A 17 38.82 -17.87 23.85
CA GLU A 17 38.66 -16.63 23.10
C GLU A 17 39.07 -15.45 23.97
N ALA A 18 38.73 -15.51 25.26
CA ALA A 18 39.09 -14.45 26.19
C ALA A 18 40.61 -14.37 26.33
N GLU A 19 41.28 -15.52 26.24
CA GLU A 19 42.73 -15.55 26.33
C GLU A 19 43.36 -14.83 25.15
N SER A 20 42.77 -14.95 23.97
CA SER A 20 43.27 -14.27 22.78
C SER A 20 43.06 -12.78 22.96
N VAL A 21 41.95 -12.41 23.62
CA VAL A 21 41.65 -11.01 23.85
C VAL A 21 42.74 -10.36 24.73
N LYS A 22 43.11 -11.02 25.82
CA LYS A 22 44.13 -10.46 26.68
C LYS A 22 45.49 -10.45 26.00
N ALA A 23 45.80 -11.52 25.28
CA ALA A 23 47.08 -11.62 24.58
C ALA A 23 47.19 -10.48 23.57
N ILE A 24 46.11 -10.22 22.85
CA ILE A 24 46.11 -9.15 21.86
C ILE A 24 46.36 -7.79 22.52
N GLN A 25 45.71 -7.56 23.66
CA GLN A 25 45.87 -6.31 24.38
C GLN A 25 47.33 -6.09 24.80
N GLU A 26 48.00 -7.18 25.18
CA GLU A 26 49.39 -7.07 25.59
C GLU A 26 50.27 -6.72 24.41
N LYS A 27 49.97 -7.30 23.26
CA LYS A 27 50.74 -7.02 22.06
C LYS A 27 50.54 -5.57 21.64
N MET A 28 49.31 -5.07 21.77
CA MET A 28 49.02 -3.70 21.38
C MET A 28 49.83 -2.69 22.19
N ALA A 29 50.19 -3.06 23.40
CA ALA A 29 50.97 -2.17 24.27
C ALA A 29 52.42 -2.08 23.82
N ALA A 30 52.92 -3.13 23.19
CA ALA A 30 54.31 -3.17 22.74
C ALA A 30 54.55 -2.69 21.32
N ASN A 31 53.50 -2.56 20.52
CA ASN A 31 53.66 -2.12 19.13
C ASN A 31 52.64 -1.03 18.79
N ASP A 32 53.12 0.19 18.61
CA ASP A 32 52.24 1.32 18.32
C ASP A 32 52.04 1.60 16.83
N ASP A 33 52.45 0.68 15.95
CA ASP A 33 52.26 0.90 14.52
C ASP A 33 50.77 0.97 14.21
N LEU A 34 50.37 2.00 13.47
CA LEU A 34 48.98 2.21 13.11
C LEU A 34 48.25 1.00 12.54
N HIS A 35 48.83 0.38 11.52
CA HIS A 35 48.20 -0.79 10.87
C HIS A 35 48.09 -1.98 11.80
N PHE A 36 49.07 -2.17 12.67
CA PHE A 36 49.02 -3.29 13.59
C PHE A 36 47.90 -2.99 14.60
N GLN A 37 47.80 -1.74 15.00
CA GLN A 37 46.78 -1.31 15.97
C GLN A 37 45.40 -1.54 15.37
N ILE A 38 45.26 -1.24 14.09
CA ILE A 38 43.99 -1.44 13.41
C ILE A 38 43.62 -2.92 13.37
N ARG A 39 44.55 -3.76 12.94
CA ARG A 39 44.29 -5.19 12.86
C ARG A 39 44.00 -5.79 14.23
N ALA A 40 44.79 -5.41 15.22
CA ALA A 40 44.62 -5.91 16.58
C ALA A 40 43.26 -5.54 17.13
N THR A 41 42.79 -4.33 16.83
CA THR A 41 41.49 -3.89 17.30
C THR A 41 40.39 -4.73 16.66
N VAL A 42 40.45 -4.87 15.33
CA VAL A 42 39.46 -5.64 14.59
C VAL A 42 39.38 -7.09 15.06
N ILE A 43 40.53 -7.70 15.29
CA ILE A 43 40.56 -9.08 15.73
C ILE A 43 40.11 -9.26 17.17
N LYS A 44 40.55 -8.37 18.06
CA LYS A 44 40.15 -8.45 19.46
C LYS A 44 38.64 -8.33 19.55
N GLU A 45 38.07 -7.54 18.66
CA GLU A 45 36.62 -7.34 18.64
C GLU A 45 35.92 -8.65 18.34
N GLN A 46 36.41 -9.38 17.34
CA GLN A 46 35.81 -10.65 16.95
C GLN A 46 35.96 -11.74 18.02
N ARG A 47 37.12 -11.78 18.67
CA ARG A 47 37.34 -12.81 19.68
C ARG A 47 36.51 -12.56 20.94
N ALA A 48 36.38 -11.29 21.33
CA ALA A 48 35.61 -10.93 22.50
C ALA A 48 34.14 -11.26 22.25
N GLU A 49 33.68 -10.98 21.04
CA GLU A 49 32.32 -11.26 20.65
C GLU A 49 32.03 -12.75 20.69
N LEU A 50 32.99 -13.57 20.26
CA LEU A 50 32.82 -15.01 20.29
C LEU A 50 32.77 -15.50 21.74
N ALA A 51 33.60 -14.91 22.60
CA ALA A 51 33.61 -15.33 23.99
C ALA A 51 32.25 -15.05 24.62
N LYS A 52 31.65 -13.91 24.28
CA LYS A 52 30.34 -13.53 24.79
C LYS A 52 29.28 -14.51 24.30
N HIS A 53 29.37 -14.87 23.03
CA HIS A 53 28.44 -15.80 22.43
C HIS A 53 28.47 -17.12 23.22
N HIS A 54 29.67 -17.62 23.48
CA HIS A 54 29.79 -18.86 24.24
C HIS A 54 29.20 -18.78 25.64
N LEU A 55 29.38 -17.64 26.32
CA LEU A 55 28.83 -17.49 27.66
C LEU A 55 27.31 -17.39 27.59
N ASP A 56 26.81 -16.71 26.55
CA ASP A 56 25.39 -16.56 26.36
C ASP A 56 24.72 -17.92 26.18
N VAL A 57 25.37 -18.78 25.42
CA VAL A 57 24.84 -20.13 25.17
C VAL A 57 24.82 -20.96 26.44
N LEU A 58 25.84 -20.84 27.28
CA LEU A 58 25.87 -21.60 28.53
C LEU A 58 24.67 -21.18 29.38
N TRP A 59 24.45 -19.87 29.44
CA TRP A 59 23.38 -19.28 30.22
C TRP A 59 21.99 -19.63 29.69
N SER A 60 21.82 -19.56 28.38
CA SER A 60 20.52 -19.85 27.77
C SER A 60 20.25 -21.34 27.57
N ASP A 61 21.25 -22.07 27.10
CA ASP A 61 21.06 -23.49 26.81
C ASP A 61 21.46 -24.49 27.88
N TYR A 62 22.61 -24.29 28.53
CA TYR A 62 23.03 -25.25 29.53
C TYR A 62 22.41 -25.11 30.91
N PHE A 63 22.50 -23.92 31.51
CA PHE A 63 21.96 -23.72 32.83
C PHE A 63 20.44 -23.74 32.85
N LYS A 64 19.89 -24.52 33.77
CA LYS A 64 18.45 -24.69 33.91
C LYS A 64 17.94 -24.07 35.21
N PRO A 65 16.61 -23.92 35.36
CA PRO A 65 16.06 -23.33 36.58
C PRO A 65 16.63 -23.86 37.91
N PRO A 66 16.89 -25.17 38.00
CA PRO A 66 17.44 -25.66 39.27
C PRO A 66 18.80 -25.04 39.57
N HIS A 67 19.61 -24.88 38.53
CA HIS A 67 20.94 -24.30 38.66
C HIS A 67 20.86 -22.86 39.14
N PHE A 68 19.89 -22.10 38.64
CA PHE A 68 19.74 -20.70 39.03
C PHE A 68 19.18 -20.62 40.45
N GLU A 69 18.46 -21.66 40.86
CA GLU A 69 17.92 -21.70 42.21
C GLU A 69 19.08 -22.00 43.16
N SER A 70 19.91 -22.98 42.78
CA SER A 70 21.07 -23.41 43.57
C SER A 70 22.17 -22.35 43.65
N TYR A 71 22.28 -21.52 42.63
CA TYR A 71 23.28 -20.48 42.57
C TYR A 71 22.57 -19.17 42.24
N PRO A 72 22.00 -18.52 43.27
CA PRO A 72 21.27 -17.26 43.08
C PRO A 72 22.10 -16.16 42.46
N GLU A 73 23.43 -16.31 42.50
CA GLU A 73 24.33 -15.32 41.94
C GLU A 73 24.69 -15.60 40.48
N LEU A 74 24.25 -16.73 39.94
CA LEU A 74 24.61 -17.09 38.58
C LEU A 74 24.19 -16.11 37.49
N HIS A 75 22.94 -15.67 37.47
CA HIS A 75 22.50 -14.72 36.47
C HIS A 75 23.42 -13.50 36.44
N THR A 76 23.65 -12.92 37.62
CA THR A 76 24.49 -11.74 37.75
C THR A 76 25.93 -11.99 37.33
N LEU A 77 26.48 -13.14 37.74
CA LEU A 77 27.85 -13.49 37.40
C LEU A 77 28.05 -13.57 35.89
N VAL A 78 27.15 -14.25 35.18
CA VAL A 78 27.28 -14.36 33.73
C VAL A 78 27.10 -13.00 33.06
N ASN A 79 26.13 -12.22 33.51
CA ASN A 79 25.90 -10.91 32.93
C ASN A 79 27.13 -10.02 33.13
N GLU A 80 27.79 -10.18 34.28
CA GLU A 80 28.99 -9.42 34.59
C GLU A 80 30.12 -9.82 33.65
N ALA A 81 30.23 -11.11 33.37
CA ALA A 81 31.26 -11.63 32.49
C ALA A 81 31.12 -11.11 31.07
N VAL A 82 29.89 -11.05 30.55
CA VAL A 82 29.72 -10.55 29.19
C VAL A 82 29.96 -9.04 29.13
N LYS A 83 29.63 -8.33 30.21
CA LYS A 83 29.88 -6.88 30.24
C LYS A 83 31.37 -6.62 30.37
N ALA A 84 32.07 -7.52 31.07
CA ALA A 84 33.51 -7.40 31.24
C ALA A 84 34.16 -7.60 29.87
N LEU A 85 33.57 -8.46 29.05
CA LEU A 85 34.08 -8.74 27.70
C LEU A 85 33.82 -7.53 26.81
N SER A 86 32.65 -6.91 26.95
CA SER A 86 32.34 -5.72 26.17
C SER A 86 33.37 -4.64 26.54
N ALA A 87 33.69 -4.51 27.83
CA ALA A 87 34.66 -3.50 28.27
C ALA A 87 36.05 -3.78 27.68
N ALA A 88 36.41 -5.05 27.57
CA ALA A 88 37.71 -5.42 27.01
C ALA A 88 37.76 -5.06 25.53
N LYS A 89 36.61 -5.13 24.85
CA LYS A 89 36.54 -4.77 23.45
C LYS A 89 36.94 -3.31 23.30
N ALA A 90 36.45 -2.48 24.21
CA ALA A 90 36.72 -1.05 24.16
C ALA A 90 38.02 -0.62 24.83
N SER A 91 38.87 -1.58 25.19
CA SER A 91 40.11 -1.25 25.88
C SER A 91 41.34 -1.98 25.34
N THR A 92 42.51 -1.39 25.58
CA THR A 92 43.76 -2.00 25.16
C THR A 92 44.52 -2.44 26.41
N ASP A 93 43.92 -2.19 27.57
CA ASP A 93 44.51 -2.56 28.86
C ASP A 93 44.31 -4.05 29.16
N PRO A 94 45.40 -4.81 29.25
CA PRO A 94 45.31 -6.25 29.53
C PRO A 94 44.50 -6.55 30.80
N ALA A 95 44.32 -5.54 31.64
CA ALA A 95 43.58 -5.72 32.88
C ALA A 95 42.10 -6.00 32.62
N THR A 96 41.54 -5.38 31.59
CA THR A 96 40.15 -5.62 31.26
C THR A 96 40.02 -7.07 30.78
N GLY A 97 40.98 -7.52 29.98
CA GLY A 97 40.94 -8.89 29.51
C GLY A 97 41.04 -9.86 30.67
N GLN A 98 41.90 -9.53 31.63
CA GLN A 98 42.08 -10.38 32.81
C GLN A 98 40.83 -10.41 33.68
N LYS A 99 40.07 -9.32 33.69
CA LYS A 99 38.85 -9.27 34.48
C LYS A 99 37.81 -10.23 33.90
N ALA A 100 37.76 -10.30 32.57
CA ALA A 100 36.81 -11.22 31.92
C ALA A 100 37.26 -12.66 32.19
N LEU A 101 38.56 -12.91 32.13
CA LEU A 101 39.08 -14.24 32.39
C LEU A 101 38.75 -14.67 33.83
N ASP A 102 38.74 -13.71 34.75
CA ASP A 102 38.43 -14.01 36.15
C ASP A 102 37.00 -14.50 36.30
N TYR A 103 36.06 -13.79 35.69
CA TYR A 103 34.66 -14.17 35.79
C TYR A 103 34.42 -15.52 35.11
N ILE A 104 35.09 -15.75 33.99
CA ILE A 104 34.92 -17.02 33.28
C ILE A 104 35.38 -18.18 34.17
N ALA A 105 36.43 -17.94 34.95
CA ALA A 105 36.95 -18.97 35.84
C ALA A 105 35.93 -19.29 36.93
N GLN A 106 35.17 -18.28 37.35
CA GLN A 106 34.15 -18.51 38.38
C GLN A 106 32.97 -19.26 37.77
N ILE A 107 32.59 -18.89 36.55
CA ILE A 107 31.50 -19.57 35.87
C ILE A 107 31.92 -21.01 35.61
N ASP A 108 33.17 -21.20 35.18
CA ASP A 108 33.70 -22.53 34.91
C ASP A 108 33.57 -23.41 36.16
N LYS A 109 33.94 -22.85 37.31
CA LYS A 109 33.85 -23.58 38.58
C LYS A 109 32.43 -24.08 38.84
N ILE A 110 31.45 -23.20 38.69
CA ILE A 110 30.06 -23.55 38.92
C ILE A 110 29.61 -24.57 37.88
N PHE A 111 30.09 -24.40 36.65
CA PHE A 111 29.74 -25.32 35.58
C PHE A 111 30.08 -26.75 35.97
N TRP A 112 31.34 -26.98 36.32
CA TRP A 112 31.78 -28.31 36.71
C TRP A 112 31.12 -28.84 37.97
N GLU A 113 30.70 -27.96 38.87
CA GLU A 113 30.02 -28.41 40.08
C GLU A 113 28.66 -28.98 39.69
N THR A 114 28.02 -28.39 38.70
CA THR A 114 26.72 -28.88 38.25
C THR A 114 26.90 -30.19 37.50
N LYS A 115 28.11 -30.46 37.05
CA LYS A 115 28.40 -31.71 36.34
C LYS A 115 28.61 -32.83 37.36
N LYS A 116 28.97 -32.45 38.59
CA LYS A 116 29.20 -33.42 39.66
C LYS A 116 27.88 -33.79 40.34
N ALA A 117 26.85 -32.99 40.09
CA ALA A 117 25.54 -33.23 40.67
C ALA A 117 24.49 -33.42 39.58
N HIS B 1 32.48 -27.66 -3.73
CA HIS B 1 33.18 -26.87 -2.68
C HIS B 1 32.29 -26.66 -1.45
N CYS B 2 31.06 -27.15 -1.52
CA CYS B 2 30.09 -27.02 -0.44
C CYS B 2 30.09 -28.23 0.49
N ASP B 3 30.86 -29.25 0.10
CA ASP B 3 30.99 -30.48 0.90
C ASP B 3 29.80 -31.43 0.89
N LEU B 4 28.92 -31.31 -0.09
CA LEU B 4 27.78 -32.22 -0.15
C LEU B 4 28.27 -33.65 -0.43
N PRO B 5 29.21 -33.81 -1.38
CA PRO B 5 29.84 -32.80 -2.23
C PRO B 5 29.04 -32.52 -3.50
N CYS B 6 29.22 -31.33 -4.07
CA CYS B 6 28.50 -30.95 -5.28
C CYS B 6 29.29 -31.24 -6.56
N GLY B 7 30.60 -31.43 -6.43
CA GLY B 7 31.42 -31.70 -7.60
C GLY B 7 31.87 -30.44 -8.32
N VAL B 8 31.51 -29.28 -7.77
CA VAL B 8 31.90 -28.02 -8.39
C VAL B 8 33.03 -27.35 -7.60
N TYR B 9 34.18 -27.18 -8.25
CA TYR B 9 35.35 -26.56 -7.65
C TYR B 9 36.02 -25.63 -8.65
N ASP B 10 36.67 -24.57 -8.16
CA ASP B 10 37.35 -23.64 -9.04
C ASP B 10 38.27 -22.71 -8.25
N PRO B 11 39.60 -22.85 -8.46
CA PRO B 11 40.57 -22.00 -7.75
C PRO B 11 40.26 -20.53 -8.01
N ALA B 12 39.37 -20.26 -8.97
CA ALA B 12 39.00 -18.91 -9.30
C ALA B 12 38.39 -18.18 -8.08
N GLN B 13 37.64 -18.91 -7.27
CA GLN B 13 37.04 -18.31 -6.08
C GLN B 13 38.15 -17.73 -5.21
N ALA B 14 39.20 -18.53 -5.00
CA ALA B 14 40.35 -18.11 -4.21
C ALA B 14 41.07 -16.96 -4.87
N ARG B 15 41.25 -17.06 -6.19
CA ARG B 15 41.95 -16.03 -6.93
C ARG B 15 41.27 -14.67 -6.89
N ILE B 16 39.95 -14.64 -7.09
CA ILE B 16 39.23 -13.38 -7.08
C ILE B 16 39.40 -12.65 -5.75
N GLU B 17 39.37 -13.39 -4.64
CA GLU B 17 39.53 -12.77 -3.33
C GLU B 17 40.96 -12.28 -3.14
N ALA B 18 41.93 -13.04 -3.65
CA ALA B 18 43.33 -12.65 -3.51
C ALA B 18 43.65 -11.41 -4.35
N GLU B 19 42.94 -11.24 -5.46
CA GLU B 19 43.16 -10.08 -6.31
C GLU B 19 42.67 -8.84 -5.58
N SER B 20 41.59 -8.99 -4.82
CA SER B 20 41.06 -7.87 -4.05
C SER B 20 42.10 -7.44 -3.03
N VAL B 21 42.74 -8.42 -2.39
CA VAL B 21 43.76 -8.15 -1.40
C VAL B 21 44.85 -7.26 -1.98
N LYS B 22 45.43 -7.67 -3.11
CA LYS B 22 46.49 -6.88 -3.73
C LYS B 22 46.00 -5.52 -4.19
N ALA B 23 44.80 -5.49 -4.77
CA ALA B 23 44.22 -4.25 -5.24
C ALA B 23 44.01 -3.26 -4.10
N ILE B 24 43.72 -3.78 -2.91
CA ILE B 24 43.50 -2.90 -1.76
C ILE B 24 44.83 -2.37 -1.26
N GLN B 25 45.85 -3.23 -1.26
CA GLN B 25 47.18 -2.79 -0.83
C GLN B 25 47.67 -1.65 -1.72
N GLU B 26 47.33 -1.72 -3.00
CA GLU B 26 47.75 -0.67 -3.93
C GLU B 26 47.03 0.65 -3.63
N LYS B 27 45.72 0.58 -3.38
CA LYS B 27 44.95 1.79 -3.09
C LYS B 27 45.41 2.45 -1.80
N MET B 28 45.82 1.63 -0.83
CA MET B 28 46.28 2.15 0.45
C MET B 28 47.49 3.05 0.27
N ALA B 29 48.47 2.60 -0.50
CA ALA B 29 49.68 3.38 -0.75
C ALA B 29 49.34 4.77 -1.27
N ALA B 30 48.24 4.87 -2.01
CA ALA B 30 47.83 6.13 -2.59
C ALA B 30 47.00 7.04 -1.69
N ASN B 31 46.19 6.46 -0.79
CA ASN B 31 45.36 7.27 0.10
C ASN B 31 45.76 7.07 1.56
N ASP B 32 46.36 8.11 2.15
CA ASP B 32 46.81 8.03 3.54
C ASP B 32 45.78 8.46 4.59
N ASP B 33 44.58 8.81 4.14
CA ASP B 33 43.51 9.21 5.05
C ASP B 33 43.36 8.12 6.13
N LEU B 34 43.16 8.54 7.38
CA LEU B 34 43.01 7.59 8.49
C LEU B 34 41.84 6.63 8.32
N HIS B 35 40.64 7.17 8.10
CA HIS B 35 39.46 6.36 7.95
C HIS B 35 39.52 5.41 6.77
N PHE B 36 40.13 5.85 5.67
CA PHE B 36 40.24 4.98 4.50
C PHE B 36 41.21 3.84 4.83
N GLN B 37 42.26 4.17 5.59
CA GLN B 37 43.24 3.16 5.99
C GLN B 37 42.58 2.10 6.87
N ILE B 38 41.64 2.54 7.71
CA ILE B 38 40.93 1.62 8.59
C ILE B 38 40.04 0.68 7.80
N ARG B 39 39.21 1.25 6.93
CA ARG B 39 38.32 0.46 6.12
C ARG B 39 39.10 -0.49 5.23
N ALA B 40 40.17 -0.01 4.63
CA ALA B 40 41.00 -0.84 3.77
C ALA B 40 41.59 -2.00 4.57
N THR B 41 42.05 -1.72 5.77
CA THR B 41 42.63 -2.77 6.59
C THR B 41 41.60 -3.83 6.98
N VAL B 42 40.42 -3.37 7.36
CA VAL B 42 39.34 -4.26 7.77
C VAL B 42 38.92 -5.16 6.62
N ILE B 43 38.64 -4.55 5.48
CA ILE B 43 38.19 -5.27 4.31
C ILE B 43 39.24 -6.21 3.71
N LYS B 44 40.51 -5.80 3.76
CA LYS B 44 41.59 -6.64 3.25
C LYS B 44 41.65 -7.93 4.07
N GLU B 45 41.49 -7.78 5.38
CA GLU B 45 41.51 -8.90 6.31
C GLU B 45 40.44 -9.93 5.96
N GLN B 46 39.25 -9.44 5.61
CA GLN B 46 38.13 -10.31 5.26
C GLN B 46 38.34 -11.03 3.93
N ARG B 47 38.77 -10.30 2.91
CA ARG B 47 38.99 -10.90 1.60
C ARG B 47 40.08 -11.97 1.67
N ALA B 48 41.14 -11.69 2.42
CA ALA B 48 42.23 -12.64 2.56
C ALA B 48 41.74 -13.89 3.29
N GLU B 49 40.93 -13.68 4.33
CA GLU B 49 40.39 -14.80 5.09
C GLU B 49 39.55 -15.67 4.16
N LEU B 50 38.80 -15.06 3.26
CA LEU B 50 37.97 -15.82 2.32
C LEU B 50 38.86 -16.61 1.36
N ALA B 51 39.90 -15.96 0.85
CA ALA B 51 40.84 -16.61 -0.05
C ALA B 51 41.40 -17.86 0.63
N LYS B 52 41.83 -17.71 1.89
CA LYS B 52 42.38 -18.84 2.64
C LYS B 52 41.38 -19.98 2.75
N HIS B 53 40.13 -19.64 3.03
CA HIS B 53 39.09 -20.65 3.16
C HIS B 53 38.91 -21.42 1.85
N HIS B 54 38.84 -20.70 0.73
CA HIS B 54 38.68 -21.35 -0.55
C HIS B 54 39.80 -22.33 -0.84
N LEU B 55 41.03 -21.95 -0.48
CA LEU B 55 42.17 -22.83 -0.70
C LEU B 55 42.12 -24.03 0.23
N ASP B 56 41.66 -23.80 1.45
CA ASP B 56 41.53 -24.88 2.44
C ASP B 56 40.56 -25.94 1.92
N VAL B 57 39.46 -25.47 1.30
CA VAL B 57 38.44 -26.38 0.77
C VAL B 57 39.00 -27.25 -0.36
N LEU B 58 39.75 -26.65 -1.28
CA LEU B 58 40.34 -27.40 -2.38
C LEU B 58 41.25 -28.49 -1.82
N TRP B 59 42.06 -28.12 -0.83
CA TRP B 59 42.99 -29.02 -0.17
C TRP B 59 42.30 -30.17 0.56
N SER B 60 41.22 -29.87 1.28
CA SER B 60 40.51 -30.89 2.05
C SER B 60 39.43 -31.66 1.32
N ASP B 61 38.75 -31.02 0.39
CA ASP B 61 37.66 -31.66 -0.35
C ASP B 61 37.97 -32.16 -1.75
N TYR B 62 38.52 -31.29 -2.61
CA TYR B 62 38.80 -31.66 -3.99
C TYR B 62 39.99 -32.61 -4.14
N PHE B 63 41.16 -32.16 -3.71
CA PHE B 63 42.37 -32.97 -3.81
C PHE B 63 42.27 -34.25 -3.00
N LYS B 64 42.53 -35.37 -3.66
CA LYS B 64 42.46 -36.69 -3.03
C LYS B 64 43.84 -37.33 -2.94
N PRO B 65 43.95 -38.45 -2.21
CA PRO B 65 45.23 -39.14 -2.06
C PRO B 65 46.03 -39.31 -3.36
N PRO B 66 45.37 -39.74 -4.46
CA PRO B 66 46.11 -39.92 -5.72
C PRO B 66 46.80 -38.63 -6.18
N HIS B 67 46.15 -37.50 -5.94
CA HIS B 67 46.69 -36.20 -6.34
C HIS B 67 47.94 -35.85 -5.53
N PHE B 68 47.90 -36.09 -4.22
CA PHE B 68 49.02 -35.79 -3.35
C PHE B 68 50.19 -36.72 -3.65
N GLU B 69 49.88 -37.90 -4.20
CA GLU B 69 50.93 -38.85 -4.53
C GLU B 69 51.61 -38.40 -5.83
N SER B 70 50.82 -38.00 -6.82
CA SER B 70 51.36 -37.54 -8.10
C SER B 70 52.02 -36.17 -7.97
N TYR B 71 51.64 -35.43 -6.93
CA TYR B 71 52.18 -34.10 -6.70
C TYR B 71 52.64 -33.99 -5.24
N PRO B 72 53.79 -34.59 -4.91
CA PRO B 72 54.37 -34.59 -3.56
C PRO B 72 54.58 -33.21 -2.97
N GLU B 73 54.49 -32.18 -3.80
CA GLU B 73 54.69 -30.82 -3.33
C GLU B 73 53.37 -30.09 -3.02
N LEU B 74 52.26 -30.69 -3.42
CA LEU B 74 50.95 -30.08 -3.24
C LEU B 74 50.63 -29.66 -1.80
N HIS B 75 50.87 -30.53 -0.82
CA HIS B 75 50.60 -30.18 0.57
C HIS B 75 51.35 -28.91 0.95
N THR B 76 52.65 -28.90 0.68
CA THR B 76 53.47 -27.74 1.01
C THR B 76 53.08 -26.51 0.21
N LEU B 77 52.75 -26.71 -1.07
CA LEU B 77 52.35 -25.59 -1.92
C LEU B 77 51.10 -24.87 -1.37
N VAL B 78 50.04 -25.64 -1.12
CA VAL B 78 48.81 -25.06 -0.61
C VAL B 78 49.05 -24.43 0.77
N ASN B 79 49.84 -25.10 1.59
CA ASN B 79 50.14 -24.59 2.92
C ASN B 79 50.87 -23.26 2.83
N GLU B 80 51.83 -23.17 1.91
CA GLU B 80 52.60 -21.93 1.73
C GLU B 80 51.70 -20.85 1.14
N ALA B 81 50.73 -21.25 0.33
CA ALA B 81 49.81 -20.29 -0.27
C ALA B 81 48.96 -19.61 0.81
N VAL B 82 48.38 -20.41 1.70
CA VAL B 82 47.56 -19.85 2.76
C VAL B 82 48.41 -19.04 3.73
N LYS B 83 49.64 -19.49 3.99
CA LYS B 83 50.52 -18.74 4.89
C LYS B 83 50.87 -17.40 4.23
N ALA B 84 50.90 -17.38 2.90
CA ALA B 84 51.21 -16.16 2.17
C ALA B 84 50.04 -15.19 2.29
N LEU B 85 48.83 -15.73 2.35
CA LEU B 85 47.65 -14.89 2.50
C LEU B 85 47.67 -14.28 3.90
N SER B 86 48.17 -15.05 4.86
CA SER B 86 48.27 -14.56 6.24
C SER B 86 49.26 -13.40 6.28
N ALA B 87 50.36 -13.54 5.54
CA ALA B 87 51.37 -12.49 5.51
C ALA B 87 50.77 -11.24 4.86
N ALA B 88 49.90 -11.45 3.89
CA ALA B 88 49.25 -10.35 3.18
C ALA B 88 48.31 -9.56 4.09
N LYS B 89 47.71 -10.24 5.08
CA LYS B 89 46.81 -9.55 6.01
C LYS B 89 47.62 -8.55 6.81
N ALA B 90 48.75 -9.02 7.32
CA ALA B 90 49.65 -8.20 8.13
C ALA B 90 50.52 -7.25 7.35
N SER B 91 50.24 -7.04 6.07
CA SER B 91 51.06 -6.16 5.26
C SER B 91 50.29 -5.25 4.30
N THR B 92 50.87 -4.08 4.04
CA THR B 92 50.27 -3.13 3.11
C THR B 92 51.07 -3.15 1.80
N ASP B 93 52.13 -3.94 1.76
CA ASP B 93 52.99 -4.03 0.58
C ASP B 93 52.33 -4.91 -0.49
N PRO B 94 51.96 -4.31 -1.64
CA PRO B 94 51.32 -5.04 -2.74
C PRO B 94 52.09 -6.28 -3.18
N ALA B 95 53.37 -6.34 -2.80
CA ALA B 95 54.21 -7.48 -3.15
C ALA B 95 53.74 -8.73 -2.42
N THR B 96 53.34 -8.57 -1.16
CA THR B 96 52.85 -9.71 -0.37
C THR B 96 51.59 -10.25 -1.04
N GLY B 97 50.79 -9.35 -1.60
CA GLY B 97 49.58 -9.78 -2.27
C GLY B 97 49.89 -10.55 -3.55
N GLN B 98 50.94 -10.12 -4.25
CA GLN B 98 51.34 -10.79 -5.48
C GLN B 98 51.85 -12.20 -5.20
N LYS B 99 52.62 -12.35 -4.13
CA LYS B 99 53.16 -13.65 -3.76
C LYS B 99 52.05 -14.68 -3.57
N ALA B 100 50.93 -14.25 -2.98
CA ALA B 100 49.82 -15.17 -2.77
C ALA B 100 49.24 -15.56 -4.14
N LEU B 101 49.03 -14.55 -4.98
CA LEU B 101 48.52 -14.78 -6.33
C LEU B 101 49.43 -15.71 -7.12
N ASP B 102 50.74 -15.61 -6.90
CA ASP B 102 51.69 -16.47 -7.60
C ASP B 102 51.49 -17.91 -7.18
N TYR B 103 51.30 -18.13 -5.88
CA TYR B 103 51.09 -19.47 -5.38
C TYR B 103 49.77 -20.02 -5.87
N ILE B 104 48.74 -19.18 -5.87
CA ILE B 104 47.42 -19.62 -6.33
C ILE B 104 47.51 -20.02 -7.80
N ALA B 105 48.33 -19.31 -8.57
CA ALA B 105 48.49 -19.61 -9.98
C ALA B 105 49.06 -21.01 -10.17
N GLN B 106 49.97 -21.40 -9.27
CA GLN B 106 50.58 -22.73 -9.32
C GLN B 106 49.56 -23.80 -8.97
N ILE B 107 48.73 -23.52 -7.97
CA ILE B 107 47.71 -24.47 -7.55
C ILE B 107 46.70 -24.61 -8.67
N ASP B 108 46.36 -23.49 -9.28
CA ASP B 108 45.42 -23.46 -10.39
C ASP B 108 45.91 -24.39 -11.51
N LYS B 109 47.19 -24.25 -11.85
CA LYS B 109 47.80 -25.07 -12.90
C LYS B 109 47.68 -26.56 -12.59
N ILE B 110 48.03 -26.94 -11.36
CA ILE B 110 47.94 -28.34 -10.96
C ILE B 110 46.47 -28.77 -10.96
N PHE B 111 45.61 -27.83 -10.60
CA PHE B 111 44.18 -28.11 -10.56
C PHE B 111 43.64 -28.61 -11.90
N TRP B 112 43.78 -27.78 -12.94
CA TRP B 112 43.26 -28.16 -14.25
C TRP B 112 43.92 -29.40 -14.83
N GLU B 113 45.16 -29.66 -14.43
CA GLU B 113 45.84 -30.86 -14.91
C GLU B 113 45.15 -32.08 -14.34
N THR B 114 44.69 -31.98 -13.10
CA THR B 114 43.99 -33.08 -12.44
C THR B 114 42.58 -33.19 -13.02
N LYS B 115 42.13 -32.12 -13.67
CA LYS B 115 40.81 -32.09 -14.30
C LYS B 115 40.87 -32.79 -15.65
N LYS B 116 41.85 -32.39 -16.46
CA LYS B 116 42.03 -32.96 -17.79
C LYS B 116 42.37 -34.44 -17.70
N ALA B 117 43.06 -34.82 -16.64
CA ALA B 117 43.47 -36.20 -16.41
C ALA B 117 42.24 -37.13 -16.49
N HIS C 1 44.83 -18.29 16.98
CA HIS C 1 43.91 -18.95 16.00
C HIS C 1 43.14 -17.89 15.22
N CYS C 2 43.28 -16.64 15.63
CA CYS C 2 42.60 -15.52 15.01
C CYS C 2 43.40 -14.94 13.84
N ASP C 3 44.65 -15.38 13.73
CA ASP C 3 45.53 -14.94 12.64
C ASP C 3 46.06 -13.50 12.74
N LEU C 4 46.15 -12.97 13.96
CA LEU C 4 46.69 -11.63 14.17
C LEU C 4 48.19 -11.63 13.86
N PRO C 5 48.94 -12.63 14.37
CA PRO C 5 48.49 -13.75 15.21
C PRO C 5 48.43 -13.37 16.69
N CYS C 6 47.69 -14.17 17.47
CA CYS C 6 47.53 -13.93 18.90
C CYS C 6 48.37 -14.89 19.75
N GLY C 7 48.87 -15.95 19.10
CA GLY C 7 49.69 -16.93 19.81
C GLY C 7 48.89 -17.87 20.69
N VAL C 8 47.57 -17.90 20.50
CA VAL C 8 46.70 -18.77 21.29
C VAL C 8 46.06 -19.82 20.39
N TYR C 9 46.43 -21.08 20.58
CA TYR C 9 45.90 -22.20 19.80
C TYR C 9 45.59 -23.38 20.71
N ASP C 10 44.60 -24.18 20.31
CA ASP C 10 44.23 -25.36 21.08
C ASP C 10 43.35 -26.30 20.28
N PRO C 11 43.80 -27.54 20.08
CA PRO C 11 43.04 -28.55 19.34
C PRO C 11 41.70 -28.82 20.01
N ALA C 12 41.55 -28.31 21.22
CA ALA C 12 40.32 -28.48 22.00
C ALA C 12 39.14 -27.90 21.22
N GLN C 13 39.37 -26.78 20.55
CA GLN C 13 38.31 -26.14 19.79
C GLN C 13 37.71 -27.15 18.80
N ALA C 14 38.57 -27.86 18.08
CA ALA C 14 38.13 -28.84 17.09
C ALA C 14 37.50 -30.07 17.74
N ARG C 15 38.10 -30.52 18.85
CA ARG C 15 37.62 -31.71 19.54
C ARG C 15 36.21 -31.56 20.09
N ILE C 16 35.91 -30.43 20.72
CA ILE C 16 34.57 -30.23 21.28
C ILE C 16 33.52 -30.26 20.16
N GLU C 17 33.85 -29.67 19.02
CA GLU C 17 32.92 -29.65 17.90
C GLU C 17 32.74 -31.06 17.34
N ALA C 18 33.83 -31.82 17.28
CA ALA C 18 33.77 -33.18 16.78
C ALA C 18 33.04 -34.09 17.75
N GLU C 19 33.04 -33.70 19.03
CA GLU C 19 32.35 -34.47 20.06
C GLU C 19 30.85 -34.34 19.87
N SER C 20 30.38 -33.14 19.55
CA SER C 20 28.96 -32.92 19.32
C SER C 20 28.52 -33.78 18.14
N VAL C 21 29.37 -33.86 17.12
CA VAL C 21 29.05 -34.65 15.94
C VAL C 21 28.72 -36.09 16.29
N LYS C 22 29.58 -36.74 17.07
CA LYS C 22 29.34 -38.12 17.45
C LYS C 22 28.12 -38.23 18.37
N ALA C 23 28.00 -37.29 19.31
CA ALA C 23 26.88 -37.27 20.24
C ALA C 23 25.56 -37.18 19.47
N ILE C 24 25.53 -36.33 18.45
CA ILE C 24 24.33 -36.17 17.63
C ILE C 24 24.04 -37.45 16.86
N GLN C 25 25.08 -38.06 16.28
CA GLN C 25 24.88 -39.29 15.53
C GLN C 25 24.27 -40.35 16.44
N GLU C 26 24.70 -40.35 17.70
CA GLU C 26 24.17 -41.31 18.66
C GLU C 26 22.71 -41.03 18.96
N LYS C 27 22.38 -39.75 19.17
CA LYS C 27 21.00 -39.38 19.44
C LYS C 27 20.09 -39.66 18.24
N MET C 28 20.66 -39.63 17.04
CA MET C 28 19.89 -39.87 15.83
C MET C 28 19.41 -41.31 15.72
N ALA C 29 20.20 -42.23 16.26
CA ALA C 29 19.85 -43.65 16.24
C ALA C 29 18.74 -43.94 17.24
N ALA C 30 18.58 -43.05 18.20
CA ALA C 30 17.58 -43.21 19.26
C ALA C 30 16.24 -42.53 18.99
N ASN C 31 16.13 -41.80 17.88
CA ASN C 31 14.88 -41.12 17.56
C ASN C 31 14.66 -41.09 16.04
N ASP C 32 13.64 -41.79 15.58
CA ASP C 32 13.35 -41.86 14.15
C ASP C 32 12.42 -40.74 13.65
N ASP C 33 11.97 -39.87 14.54
CA ASP C 33 11.07 -38.79 14.15
C ASP C 33 11.70 -37.93 13.04
N LEU C 34 10.90 -37.66 12.00
CA LEU C 34 11.35 -36.88 10.85
C LEU C 34 11.96 -35.51 11.16
N HIS C 35 11.23 -34.68 11.88
CA HIS C 35 11.70 -33.33 12.24
C HIS C 35 12.97 -33.39 13.08
N PHE C 36 13.07 -34.40 13.95
CA PHE C 36 14.25 -34.54 14.76
C PHE C 36 15.45 -34.88 13.89
N GLN C 37 15.23 -35.77 12.93
CA GLN C 37 16.28 -36.20 11.99
C GLN C 37 16.76 -35.03 11.15
N ILE C 38 15.82 -34.19 10.71
CA ILE C 38 16.16 -33.02 9.92
C ILE C 38 17.05 -32.09 10.74
N ARG C 39 16.60 -31.77 11.95
CA ARG C 39 17.35 -30.87 12.82
C ARG C 39 18.72 -31.41 13.18
N ALA C 40 18.77 -32.71 13.47
CA ALA C 40 20.03 -33.33 13.84
C ALA C 40 21.02 -33.27 12.68
N THR C 41 20.54 -33.53 11.47
CA THR C 41 21.40 -33.51 10.29
C THR C 41 21.92 -32.10 10.05
N VAL C 42 21.04 -31.12 10.19
CA VAL C 42 21.37 -29.70 9.99
C VAL C 42 22.44 -29.26 10.99
N ILE C 43 22.24 -29.59 12.26
CA ILE C 43 23.18 -29.22 13.30
C ILE C 43 24.48 -30.00 13.25
N LYS C 44 24.41 -31.27 12.85
CA LYS C 44 25.64 -32.07 12.76
C LYS C 44 26.51 -31.48 11.65
N GLU C 45 25.85 -31.05 10.56
CA GLU C 45 26.56 -30.47 9.41
C GLU C 45 27.38 -29.26 9.85
N GLN C 46 26.75 -28.41 10.67
CA GLN C 46 27.40 -27.20 11.16
C GLN C 46 28.56 -27.52 12.12
N ARG C 47 28.33 -28.41 13.07
CA ARG C 47 29.38 -28.76 14.02
C ARG C 47 30.62 -29.38 13.36
N ALA C 48 30.41 -30.21 12.34
CA ALA C 48 31.52 -30.85 11.64
C ALA C 48 32.28 -29.82 10.83
N GLU C 49 31.56 -28.87 10.26
CA GLU C 49 32.16 -27.81 9.45
C GLU C 49 33.06 -26.94 10.33
N LEU C 50 32.65 -26.74 11.58
CA LEU C 50 33.43 -25.95 12.52
C LEU C 50 34.68 -26.72 12.95
N ALA C 51 34.53 -28.02 13.15
CA ALA C 51 35.67 -28.84 13.53
C ALA C 51 36.69 -28.79 12.39
N LYS C 52 36.21 -28.91 11.15
CA LYS C 52 37.10 -28.85 10.00
C LYS C 52 37.82 -27.51 9.98
N HIS C 53 37.07 -26.44 10.25
CA HIS C 53 37.61 -25.10 10.27
C HIS C 53 38.74 -24.95 11.27
N HIS C 54 38.54 -25.49 12.47
CA HIS C 54 39.54 -25.42 13.52
C HIS C 54 40.81 -26.16 13.15
N LEU C 55 40.68 -27.33 12.52
CA LEU C 55 41.85 -28.09 12.13
C LEU C 55 42.58 -27.35 11.00
N ASP C 56 41.83 -26.78 10.06
CA ASP C 56 42.44 -26.03 8.95
C ASP C 56 43.29 -24.90 9.53
N VAL C 57 42.75 -24.22 10.53
CA VAL C 57 43.44 -23.11 11.17
C VAL C 57 44.75 -23.56 11.81
N LEU C 58 44.72 -24.73 12.45
CA LEU C 58 45.93 -25.25 13.06
C LEU C 58 46.95 -25.57 11.98
N TRP C 59 46.48 -26.24 10.93
CA TRP C 59 47.30 -26.65 9.79
C TRP C 59 47.96 -25.49 9.08
N SER C 60 47.21 -24.42 8.84
CA SER C 60 47.73 -23.26 8.12
C SER C 60 48.37 -22.17 8.97
N ASP C 61 47.87 -21.97 10.18
CA ASP C 61 48.38 -20.91 11.04
C ASP C 61 49.31 -21.32 12.17
N TYR C 62 49.01 -22.42 12.86
CA TYR C 62 49.86 -22.85 13.96
C TYR C 62 51.12 -23.59 13.55
N PHE C 63 50.95 -24.71 12.85
CA PHE C 63 52.07 -25.50 12.40
C PHE C 63 52.91 -24.73 11.39
N LYS C 64 54.22 -24.74 11.60
CA LYS C 64 55.15 -24.05 10.72
C LYS C 64 55.89 -25.10 9.90
N PRO C 65 56.58 -24.68 8.82
CA PRO C 65 57.32 -25.63 7.98
C PRO C 65 58.17 -26.67 8.72
N PRO C 66 58.87 -26.26 9.78
CA PRO C 66 59.69 -27.24 10.52
C PRO C 66 58.89 -28.42 11.05
N HIS C 67 57.67 -28.16 11.51
CA HIS C 67 56.81 -29.21 12.06
C HIS C 67 56.48 -30.28 11.03
N PHE C 68 56.20 -29.85 9.81
CA PHE C 68 55.88 -30.78 8.75
C PHE C 68 57.11 -31.61 8.37
N GLU C 69 58.28 -31.06 8.66
CA GLU C 69 59.53 -31.77 8.37
C GLU C 69 59.85 -32.70 9.55
N SER C 70 59.53 -32.25 10.76
CA SER C 70 59.77 -33.06 11.95
C SER C 70 58.79 -34.23 12.03
N TYR C 71 57.58 -34.00 11.52
CA TYR C 71 56.54 -35.04 11.52
C TYR C 71 56.07 -35.19 10.08
N PRO C 72 56.78 -36.00 9.30
CA PRO C 72 56.48 -36.27 7.88
C PRO C 72 55.04 -36.68 7.61
N GLU C 73 54.38 -37.23 8.63
CA GLU C 73 53.00 -37.70 8.49
C GLU C 73 51.94 -36.63 8.78
N LEU C 74 52.37 -35.48 9.30
CA LEU C 74 51.43 -34.42 9.68
C LEU C 74 50.47 -33.96 8.58
N HIS C 75 50.98 -33.61 7.40
CA HIS C 75 50.09 -33.17 6.32
C HIS C 75 49.01 -34.20 6.05
N THR C 76 49.42 -35.44 5.85
CA THR C 76 48.48 -36.52 5.57
C THR C 76 47.50 -36.72 6.71
N LEU C 77 47.99 -36.58 7.94
CA LEU C 77 47.16 -36.77 9.12
C LEU C 77 46.03 -35.73 9.20
N VAL C 78 46.37 -34.46 9.06
CA VAL C 78 45.36 -33.40 9.12
C VAL C 78 44.36 -33.58 7.96
N ASN C 79 44.87 -33.84 6.77
CA ASN C 79 44.03 -34.03 5.60
C ASN C 79 43.05 -35.18 5.81
N GLU C 80 43.53 -36.28 6.41
CA GLU C 80 42.67 -37.43 6.67
C GLU C 80 41.62 -37.09 7.72
N ALA C 81 41.99 -36.24 8.67
CA ALA C 81 41.09 -35.81 9.73
C ALA C 81 39.92 -34.99 9.19
N VAL C 82 40.20 -34.02 8.34
CA VAL C 82 39.14 -33.19 7.79
C VAL C 82 38.26 -34.04 6.85
N LYS C 83 38.87 -34.96 6.11
CA LYS C 83 38.09 -35.81 5.22
C LYS C 83 37.21 -36.75 6.03
N ALA C 84 37.68 -37.13 7.22
CA ALA C 84 36.93 -38.01 8.10
C ALA C 84 35.71 -37.24 8.64
N LEU C 85 35.87 -35.93 8.80
CA LEU C 85 34.77 -35.10 9.27
C LEU C 85 33.75 -34.96 8.15
N SER C 86 34.21 -34.91 6.91
CA SER C 86 33.29 -34.80 5.77
C SER C 86 32.49 -36.10 5.67
N ALA C 87 33.12 -37.20 6.07
CA ALA C 87 32.46 -38.50 6.04
C ALA C 87 31.45 -38.59 7.17
N ALA C 88 31.69 -37.86 8.25
CA ALA C 88 30.76 -37.87 9.38
C ALA C 88 29.52 -37.05 9.03
N LYS C 89 29.72 -35.99 8.24
CA LYS C 89 28.60 -35.16 7.81
C LYS C 89 27.58 -36.00 7.05
N ALA C 90 28.09 -36.77 6.10
CA ALA C 90 27.26 -37.62 5.26
C ALA C 90 26.82 -38.95 5.89
N SER C 91 27.07 -39.12 7.18
CA SER C 91 26.69 -40.37 7.84
C SER C 91 26.01 -40.19 9.19
N THR C 92 25.22 -41.18 9.59
CA THR C 92 24.54 -41.17 10.88
C THR C 92 25.17 -42.20 11.80
N ASP C 93 26.18 -42.90 11.29
CA ASP C 93 26.90 -43.93 12.04
C ASP C 93 27.88 -43.29 13.01
N PRO C 94 27.66 -43.47 14.32
CA PRO C 94 28.55 -42.88 15.34
C PRO C 94 30.01 -43.22 15.12
N ALA C 95 30.28 -44.30 14.38
CA ALA C 95 31.64 -44.73 14.09
C ALA C 95 32.40 -43.67 13.31
N THR C 96 31.75 -43.09 12.30
CA THR C 96 32.41 -42.06 11.50
C THR C 96 32.80 -40.90 12.42
N GLY C 97 31.93 -40.59 13.37
CA GLY C 97 32.22 -39.52 14.31
C GLY C 97 33.44 -39.88 15.14
N GLN C 98 33.52 -41.13 15.58
CA GLN C 98 34.63 -41.60 16.38
C GLN C 98 35.95 -41.58 15.60
N LYS C 99 35.92 -42.06 14.36
CA LYS C 99 37.11 -42.07 13.52
C LYS C 99 37.71 -40.68 13.41
N ALA C 100 36.88 -39.68 13.18
CA ALA C 100 37.36 -38.31 13.09
C ALA C 100 38.00 -37.92 14.41
N LEU C 101 37.40 -38.36 15.52
CA LEU C 101 37.92 -38.07 16.85
C LEU C 101 39.28 -38.70 17.11
N ASP C 102 39.49 -39.92 16.61
CA ASP C 102 40.77 -40.58 16.82
C ASP C 102 41.86 -39.79 16.11
N TYR C 103 41.57 -39.33 14.90
CA TYR C 103 42.54 -38.54 14.16
C TYR C 103 42.91 -37.29 14.93
N ILE C 104 41.90 -36.65 15.52
CA ILE C 104 42.12 -35.43 16.28
C ILE C 104 43.03 -35.68 17.49
N ALA C 105 42.91 -36.87 18.07
CA ALA C 105 43.74 -37.22 19.22
C ALA C 105 45.20 -37.24 18.77
N GLN C 106 45.48 -37.95 17.68
CA GLN C 106 46.84 -38.03 17.14
C GLN C 106 47.37 -36.64 16.87
N ILE C 107 46.54 -35.76 16.30
CA ILE C 107 46.96 -34.40 16.01
C ILE C 107 47.18 -33.62 17.31
N ASP C 108 46.36 -33.89 18.31
CA ASP C 108 46.47 -33.22 19.59
C ASP C 108 47.78 -33.59 20.31
N LYS C 109 48.22 -34.83 20.11
CA LYS C 109 49.46 -35.31 20.73
C LYS C 109 50.63 -34.56 20.12
N ILE C 110 50.69 -34.55 18.79
CA ILE C 110 51.76 -33.85 18.07
C ILE C 110 51.75 -32.37 18.44
N PHE C 111 50.56 -31.81 18.59
CA PHE C 111 50.42 -30.40 18.95
C PHE C 111 51.13 -30.10 20.26
N TRP C 112 50.90 -30.94 21.27
CA TRP C 112 51.53 -30.72 22.56
C TRP C 112 53.02 -30.97 22.54
N GLU C 113 53.47 -31.93 21.75
CA GLU C 113 54.90 -32.21 21.65
C GLU C 113 55.60 -30.96 21.09
N THR C 114 54.99 -30.34 20.10
CA THR C 114 55.58 -29.15 19.50
C THR C 114 55.52 -27.98 20.48
N LYS C 115 54.58 -28.05 21.41
CA LYS C 115 54.41 -27.01 22.42
C LYS C 115 55.48 -27.10 23.49
N LYS C 116 55.55 -28.25 24.16
CA LYS C 116 56.52 -28.48 25.22
C LYS C 116 57.94 -28.28 24.69
N ALA C 117 58.16 -28.69 23.44
CA ALA C 117 59.47 -28.57 22.81
C ALA C 117 59.82 -27.09 22.63
N HIS D 1 11.21 -12.91 5.07
CA HIS D 1 12.56 -12.32 4.78
C HIS D 1 13.66 -13.37 4.85
N CYS D 2 13.23 -14.59 5.15
CA CYS D 2 14.11 -15.76 5.29
C CYS D 2 14.14 -16.59 4.02
N ASP D 3 13.29 -16.23 3.05
CA ASP D 3 13.22 -16.90 1.77
C ASP D 3 12.55 -18.29 1.77
N LEU D 4 11.77 -18.59 2.81
CA LEU D 4 11.08 -19.89 2.83
C LEU D 4 10.06 -19.97 1.69
N PRO D 5 9.24 -18.93 1.50
CA PRO D 5 9.19 -17.67 2.27
C PRO D 5 8.32 -17.81 3.50
N CYS D 6 8.48 -16.87 4.43
CA CYS D 6 7.71 -16.87 5.68
C CYS D 6 6.55 -15.87 5.66
N GLY D 7 6.59 -14.93 4.71
CA GLY D 7 5.55 -13.91 4.62
C GLY D 7 5.70 -12.78 5.63
N VAL D 8 6.88 -12.71 6.25
CA VAL D 8 7.15 -11.67 7.25
C VAL D 8 8.29 -10.76 6.81
N TYR D 9 7.96 -9.50 6.54
CA TYR D 9 8.94 -8.50 6.11
C TYR D 9 8.67 -7.18 6.82
N ASP D 10 9.69 -6.34 6.94
CA ASP D 10 9.53 -5.05 7.60
C ASP D 10 10.75 -4.15 7.37
N PRO D 11 10.56 -3.02 6.69
CA PRO D 11 11.65 -2.08 6.42
C PRO D 11 12.34 -1.62 7.70
N ALA D 12 11.71 -1.88 8.84
CA ALA D 12 12.27 -1.50 10.14
C ALA D 12 13.62 -2.16 10.38
N GLN D 13 13.80 -3.38 9.87
CA GLN D 13 15.05 -4.08 10.05
C GLN D 13 16.18 -3.25 9.45
N ALA D 14 15.90 -2.62 8.30
CA ALA D 14 16.89 -1.79 7.63
C ALA D 14 17.10 -0.45 8.35
N ARG D 15 16.00 0.15 8.79
CA ARG D 15 16.05 1.44 9.48
C ARG D 15 16.86 1.40 10.78
N ILE D 16 16.57 0.41 11.63
CA ILE D 16 17.27 0.26 12.90
C ILE D 16 18.77 0.18 12.70
N GLU D 17 19.20 -0.58 11.70
CA GLU D 17 20.62 -0.71 11.42
C GLU D 17 21.18 0.62 10.91
N ALA D 18 20.44 1.28 10.02
CA ALA D 18 20.87 2.56 9.48
C ALA D 18 20.92 3.59 10.61
N GLU D 19 20.02 3.45 11.58
CA GLU D 19 20.01 4.39 12.70
C GLU D 19 21.33 4.27 13.48
N SER D 20 21.86 3.05 13.58
CA SER D 20 23.13 2.86 14.29
C SER D 20 24.24 3.54 13.51
N VAL D 21 24.15 3.49 12.19
CA VAL D 21 25.16 4.11 11.33
C VAL D 21 25.23 5.60 11.59
N LYS D 22 24.07 6.26 11.69
CA LYS D 22 24.07 7.69 11.94
C LYS D 22 24.51 8.00 13.37
N ALA D 23 24.02 7.21 14.33
CA ALA D 23 24.37 7.39 15.73
C ALA D 23 25.88 7.25 15.90
N ILE D 24 26.47 6.31 15.18
CA ILE D 24 27.91 6.08 15.26
C ILE D 24 28.69 7.25 14.68
N GLN D 25 28.20 7.79 13.57
CA GLN D 25 28.87 8.92 12.93
C GLN D 25 28.90 10.11 13.90
N GLU D 26 27.75 10.40 14.50
CA GLU D 26 27.65 11.50 15.46
C GLU D 26 28.64 11.30 16.60
N LYS D 27 28.74 10.08 17.10
CA LYS D 27 29.68 9.80 18.18
C LYS D 27 31.11 10.00 17.66
N MET D 28 31.31 9.69 16.39
CA MET D 28 32.64 9.84 15.78
C MET D 28 33.08 11.29 15.69
N ALA D 29 32.13 12.19 15.48
CA ALA D 29 32.45 13.60 15.38
C ALA D 29 32.87 14.19 16.74
N ALA D 30 32.29 13.66 17.81
CA ALA D 30 32.57 14.16 19.16
C ALA D 30 33.79 13.56 19.85
N ASN D 31 34.13 12.32 19.51
CA ASN D 31 35.27 11.64 20.14
C ASN D 31 36.35 11.27 19.12
N ASP D 32 37.48 11.96 19.17
CA ASP D 32 38.55 11.72 18.23
C ASP D 32 39.64 10.73 18.67
N ASP D 33 39.37 9.99 19.74
CA ASP D 33 40.35 9.00 20.21
C ASP D 33 40.56 7.99 19.08
N LEU D 34 41.81 7.67 18.78
CA LEU D 34 42.13 6.74 17.71
C LEU D 34 41.44 5.38 17.81
N HIS D 35 41.62 4.69 18.94
CA HIS D 35 41.02 3.40 19.14
C HIS D 35 39.50 3.42 18.98
N PHE D 36 38.89 4.54 19.37
CA PHE D 36 37.45 4.66 19.24
C PHE D 36 37.12 4.80 17.76
N GLN D 37 37.91 5.62 17.05
CA GLN D 37 37.69 5.81 15.61
C GLN D 37 37.82 4.47 14.88
N ILE D 38 38.80 3.66 15.27
CA ILE D 38 38.97 2.35 14.63
C ILE D 38 37.75 1.47 14.86
N ARG D 39 37.34 1.33 16.12
CA ARG D 39 36.19 0.51 16.47
C ARG D 39 34.91 1.03 15.84
N ALA D 40 34.75 2.34 15.84
CA ALA D 40 33.55 2.94 15.27
C ALA D 40 33.47 2.73 13.76
N THR D 41 34.60 2.83 13.07
CA THR D 41 34.63 2.64 11.62
C THR D 41 34.23 1.20 11.28
N VAL D 42 34.84 0.26 11.99
CA VAL D 42 34.57 -1.16 11.82
C VAL D 42 33.11 -1.52 12.03
N ILE D 43 32.54 -1.05 13.14
CA ILE D 43 31.14 -1.32 13.47
C ILE D 43 30.17 -0.63 12.51
N LYS D 44 30.47 0.59 12.11
CA LYS D 44 29.60 1.30 11.18
C LYS D 44 29.54 0.53 9.85
N GLU D 45 30.69 -0.02 9.46
CA GLU D 45 30.79 -0.78 8.22
C GLU D 45 29.80 -1.95 8.30
N GLN D 46 29.85 -2.70 9.40
CA GLN D 46 28.97 -3.85 9.59
C GLN D 46 27.50 -3.50 9.63
N ARG D 47 27.14 -2.47 10.40
CA ARG D 47 25.74 -2.08 10.51
C ARG D 47 25.21 -1.58 9.17
N ALA D 48 26.05 -0.92 8.40
CA ALA D 48 25.63 -0.41 7.09
C ALA D 48 25.44 -1.58 6.12
N GLU D 49 26.30 -2.59 6.25
CA GLU D 49 26.23 -3.76 5.39
C GLU D 49 24.95 -4.52 5.70
N LEU D 50 24.58 -4.59 6.98
CA LEU D 50 23.36 -5.28 7.37
C LEU D 50 22.16 -4.50 6.84
N ALA D 51 22.28 -3.18 6.80
CA ALA D 51 21.20 -2.36 6.29
C ALA D 51 21.01 -2.64 4.80
N LYS D 52 22.11 -2.69 4.05
CA LYS D 52 22.05 -2.97 2.61
C LYS D 52 21.40 -4.32 2.37
N HIS D 53 21.81 -5.31 3.17
CA HIS D 53 21.28 -6.66 3.07
C HIS D 53 19.75 -6.66 3.26
N HIS D 54 19.28 -5.97 4.30
CA HIS D 54 17.84 -5.91 4.55
C HIS D 54 17.09 -5.30 3.37
N LEU D 55 17.67 -4.27 2.76
CA LEU D 55 17.02 -3.64 1.62
C LEU D 55 17.08 -4.57 0.41
N ASP D 56 18.19 -5.27 0.26
CA ASP D 56 18.33 -6.18 -0.88
C ASP D 56 17.26 -7.26 -0.82
N VAL D 57 16.97 -7.73 0.38
CA VAL D 57 15.95 -8.75 0.58
C VAL D 57 14.55 -8.23 0.21
N LEU D 58 14.23 -7.00 0.62
CA LEU D 58 12.92 -6.45 0.26
C LEU D 58 12.82 -6.41 -1.27
N TRP D 59 13.86 -5.90 -1.90
CA TRP D 59 13.92 -5.77 -3.36
C TRP D 59 13.82 -7.11 -4.10
N SER D 60 14.59 -8.10 -3.66
CA SER D 60 14.60 -9.40 -4.34
C SER D 60 13.49 -10.36 -3.91
N ASP D 61 13.13 -10.32 -2.64
CA ASP D 61 12.12 -11.25 -2.12
C ASP D 61 10.71 -10.69 -1.92
N TYR D 62 10.59 -9.52 -1.29
CA TYR D 62 9.26 -8.96 -1.03
C TYR D 62 8.60 -8.36 -2.26
N PHE D 63 9.22 -7.36 -2.87
CA PHE D 63 8.63 -6.74 -4.04
C PHE D 63 8.50 -7.69 -5.23
N LYS D 64 7.26 -7.87 -5.69
CA LYS D 64 6.97 -8.74 -6.83
C LYS D 64 6.91 -7.91 -8.12
N PRO D 65 6.88 -8.56 -9.28
CA PRO D 65 6.81 -7.86 -10.56
C PRO D 65 5.73 -6.78 -10.66
N PRO D 66 4.51 -7.07 -10.17
CA PRO D 66 3.43 -6.08 -10.23
C PRO D 66 3.77 -4.82 -9.46
N HIS D 67 4.53 -4.99 -8.37
CA HIS D 67 4.94 -3.88 -7.53
C HIS D 67 5.83 -2.92 -8.28
N PHE D 68 6.75 -3.46 -9.09
CA PHE D 68 7.67 -2.62 -9.84
C PHE D 68 6.93 -1.87 -10.95
N GLU D 69 5.84 -2.46 -11.43
CA GLU D 69 5.02 -1.83 -12.47
C GLU D 69 4.32 -0.62 -11.83
N SER D 70 3.65 -0.87 -10.71
CA SER D 70 2.91 0.18 -9.99
C SER D 70 3.84 1.28 -9.49
N TYR D 71 5.10 0.95 -9.28
CA TYR D 71 6.08 1.91 -8.78
C TYR D 71 7.35 1.77 -9.63
N PRO D 72 7.28 2.21 -10.90
CA PRO D 72 8.40 2.14 -11.86
C PRO D 72 9.69 2.83 -11.44
N GLU D 73 9.68 3.50 -10.29
CA GLU D 73 10.88 4.18 -9.82
C GLU D 73 11.49 3.44 -8.63
N LEU D 74 10.82 2.39 -8.17
CA LEU D 74 11.27 1.60 -7.03
C LEU D 74 12.68 1.03 -7.21
N HIS D 75 12.98 0.53 -8.40
CA HIS D 75 14.29 -0.02 -8.69
C HIS D 75 15.38 1.00 -8.38
N THR D 76 15.23 2.19 -8.95
CA THR D 76 16.19 3.26 -8.73
C THR D 76 16.22 3.67 -7.27
N LEU D 77 15.05 3.76 -6.66
CA LEU D 77 14.94 4.14 -5.27
C LEU D 77 15.76 3.22 -4.37
N VAL D 78 15.56 1.90 -4.50
CA VAL D 78 16.29 0.95 -3.68
C VAL D 78 17.79 0.97 -4.01
N ASN D 79 18.11 1.16 -5.29
CA ASN D 79 19.52 1.18 -5.69
C ASN D 79 20.24 2.40 -5.13
N GLU D 80 19.55 3.54 -5.06
CA GLU D 80 20.13 4.76 -4.49
C GLU D 80 20.26 4.57 -3.00
N ALA D 81 19.29 3.86 -2.42
CA ALA D 81 19.30 3.62 -0.99
C ALA D 81 20.53 2.82 -0.59
N VAL D 82 20.80 1.73 -1.31
CA VAL D 82 21.97 0.92 -0.98
C VAL D 82 23.26 1.69 -1.24
N LYS D 83 23.31 2.44 -2.33
CA LYS D 83 24.49 3.25 -2.62
C LYS D 83 24.66 4.33 -1.55
N ALA D 84 23.55 4.87 -1.05
CA ALA D 84 23.62 5.90 -0.02
C ALA D 84 24.29 5.27 1.21
N LEU D 85 23.97 4.00 1.48
CA LEU D 85 24.54 3.29 2.61
C LEU D 85 26.04 3.08 2.37
N SER D 86 26.42 2.75 1.14
CA SER D 86 27.82 2.55 0.80
C SER D 86 28.57 3.85 1.04
N ALA D 87 27.95 4.97 0.66
CA ALA D 87 28.57 6.28 0.86
C ALA D 87 28.74 6.51 2.36
N ALA D 88 27.75 6.12 3.15
CA ALA D 88 27.82 6.30 4.61
C ALA D 88 29.01 5.54 5.18
N LYS D 89 29.32 4.38 4.60
CA LYS D 89 30.43 3.55 5.04
C LYS D 89 31.75 4.30 4.90
N ALA D 90 31.90 5.06 3.82
CA ALA D 90 33.12 5.81 3.58
C ALA D 90 33.02 7.26 4.05
N SER D 91 32.16 7.52 5.04
CA SER D 91 32.00 8.87 5.56
C SER D 91 31.72 8.90 7.06
N THR D 92 32.24 9.93 7.72
CA THR D 92 32.03 10.10 9.16
C THR D 92 31.03 11.23 9.37
N ASP D 93 30.53 11.77 8.26
CA ASP D 93 29.57 12.86 8.27
C ASP D 93 28.16 12.32 8.51
N PRO D 94 27.55 12.64 9.67
CA PRO D 94 26.21 12.17 10.02
C PRO D 94 25.16 12.42 8.93
N ALA D 95 25.44 13.36 8.03
CA ALA D 95 24.51 13.67 6.95
C ALA D 95 24.37 12.51 5.97
N THR D 96 25.46 11.78 5.75
CA THR D 96 25.42 10.63 4.85
C THR D 96 24.45 9.59 5.45
N GLY D 97 24.62 9.34 6.74
CA GLY D 97 23.73 8.39 7.40
C GLY D 97 22.29 8.82 7.28
N GLN D 98 22.04 10.12 7.47
CA GLN D 98 20.68 10.66 7.38
C GLN D 98 20.10 10.49 5.98
N LYS D 99 20.94 10.73 4.97
CA LYS D 99 20.50 10.59 3.58
C LYS D 99 19.97 9.17 3.35
N ALA D 100 20.71 8.19 3.86
CA ALA D 100 20.31 6.79 3.74
C ALA D 100 18.99 6.58 4.47
N LEU D 101 18.88 7.15 5.66
CA LEU D 101 17.66 7.02 6.45
C LEU D 101 16.48 7.63 5.69
N ASP D 102 16.75 8.68 4.92
CA ASP D 102 15.69 9.33 4.15
C ASP D 102 15.16 8.42 3.04
N TYR D 103 16.07 7.78 2.31
CA TYR D 103 15.64 6.86 1.26
C TYR D 103 14.83 5.72 1.85
N ILE D 104 15.33 5.15 2.94
CA ILE D 104 14.63 4.05 3.60
C ILE D 104 13.22 4.50 3.99
N ALA D 105 13.08 5.78 4.35
CA ALA D 105 11.78 6.32 4.73
C ALA D 105 10.81 6.29 3.55
N GLN D 106 11.31 6.56 2.35
CA GLN D 106 10.47 6.53 1.16
C GLN D 106 10.06 5.09 0.88
N ILE D 107 11.05 4.21 0.86
CA ILE D 107 10.81 2.79 0.60
C ILE D 107 9.77 2.25 1.58
N ASP D 108 9.86 2.67 2.83
CA ASP D 108 8.92 2.22 3.87
C ASP D 108 7.49 2.62 3.50
N LYS D 109 7.34 3.79 2.87
CA LYS D 109 6.02 4.26 2.48
C LYS D 109 5.45 3.44 1.33
N ILE D 110 6.29 3.10 0.35
CA ILE D 110 5.82 2.28 -0.77
C ILE D 110 5.51 0.88 -0.26
N PHE D 111 6.31 0.41 0.69
CA PHE D 111 6.12 -0.91 1.28
C PHE D 111 4.72 -1.02 1.87
N TRP D 112 4.46 -0.26 2.92
CA TRP D 112 3.15 -0.30 3.57
C TRP D 112 2.02 -0.06 2.58
N GLU D 113 2.30 0.66 1.50
CA GLU D 113 1.31 0.90 0.48
C GLU D 113 0.96 -0.43 -0.21
N THR D 114 1.98 -1.18 -0.61
CA THR D 114 1.76 -2.46 -1.27
C THR D 114 1.09 -3.44 -0.31
N LYS D 115 1.34 -3.25 0.98
CA LYS D 115 0.76 -4.11 2.01
C LYS D 115 -0.74 -3.88 2.13
N LYS D 116 -1.16 -2.62 2.07
CA LYS D 116 -2.57 -2.28 2.18
C LYS D 116 -3.32 -2.43 0.87
N ALA D 117 -2.60 -2.31 -0.25
CA ALA D 117 -3.20 -2.44 -1.57
C ALA D 117 -4.09 -3.68 -1.67
N HIS E 1 34.19 -5.80 -4.93
CA HIS E 1 32.93 -6.45 -4.45
C HIS E 1 32.86 -6.44 -2.93
N CYS E 2 33.89 -5.88 -2.31
CA CYS E 2 34.02 -5.80 -0.86
C CYS E 2 33.54 -4.45 -0.33
N ASP E 3 33.13 -3.58 -1.24
CA ASP E 3 32.63 -2.25 -0.90
C ASP E 3 33.62 -1.25 -0.34
N LEU E 4 34.92 -1.49 -0.54
CA LEU E 4 35.92 -0.54 -0.06
C LEU E 4 35.77 0.79 -0.80
N PRO E 5 35.61 0.76 -2.15
CA PRO E 5 35.57 -0.42 -3.02
C PRO E 5 36.98 -0.86 -3.42
N CYS E 6 37.09 -2.07 -3.93
CA CYS E 6 38.38 -2.61 -4.35
C CYS E 6 38.53 -2.59 -5.88
N GLY E 7 37.43 -2.41 -6.59
CA GLY E 7 37.50 -2.38 -8.04
C GLY E 7 37.57 -3.76 -8.68
N VAL E 8 37.47 -4.81 -7.86
CA VAL E 8 37.52 -6.17 -8.38
C VAL E 8 36.14 -6.82 -8.31
N TYR E 9 35.54 -7.06 -9.48
CA TYR E 9 34.22 -7.66 -9.58
C TYR E 9 34.25 -8.76 -10.63
N ASP E 10 33.33 -9.72 -10.52
CA ASP E 10 33.26 -10.80 -11.50
C ASP E 10 32.01 -11.64 -11.30
N PRO E 11 31.13 -11.67 -12.30
CA PRO E 11 29.89 -12.47 -12.19
C PRO E 11 30.20 -13.95 -11.98
N ALA E 12 31.45 -14.34 -12.16
CA ALA E 12 31.84 -15.73 -11.98
C ALA E 12 31.57 -16.19 -10.55
N GLN E 13 31.63 -15.25 -9.60
CA GLN E 13 31.38 -15.59 -8.20
C GLN E 13 29.95 -16.13 -8.07
N ALA E 14 29.01 -15.41 -8.67
CA ALA E 14 27.61 -15.82 -8.65
C ALA E 14 27.41 -17.09 -9.47
N ARG E 15 28.04 -17.15 -10.64
CA ARG E 15 27.89 -18.31 -11.51
C ARG E 15 28.35 -19.61 -10.84
N ILE E 16 29.52 -19.58 -10.21
CA ILE E 16 30.05 -20.76 -9.57
C ILE E 16 29.13 -21.28 -8.46
N GLU E 17 28.48 -20.39 -7.73
CA GLU E 17 27.57 -20.82 -6.67
C GLU E 17 26.29 -21.36 -7.31
N ALA E 18 25.84 -20.73 -8.39
CA ALA E 18 24.64 -21.16 -9.09
C ALA E 18 24.88 -22.52 -9.74
N GLU E 19 26.12 -22.77 -10.18
CA GLU E 19 26.44 -24.06 -10.79
C GLU E 19 26.34 -25.15 -9.74
N SER E 20 26.70 -24.83 -8.50
CA SER E 20 26.62 -25.81 -7.41
C SER E 20 25.15 -26.09 -7.12
N VAL E 21 24.33 -25.05 -7.14
CA VAL E 21 22.89 -25.21 -6.90
C VAL E 21 22.33 -26.21 -7.90
N LYS E 22 22.62 -26.01 -9.19
CA LYS E 22 22.10 -26.92 -10.21
C LYS E 22 22.71 -28.32 -10.10
N ALA E 23 24.01 -28.38 -9.81
CA ALA E 23 24.67 -29.68 -9.68
C ALA E 23 24.05 -30.46 -8.53
N ILE E 24 23.65 -29.75 -7.47
CA ILE E 24 23.04 -30.42 -6.32
C ILE E 24 21.67 -30.96 -6.71
N GLN E 25 20.92 -30.17 -7.48
CA GLN E 25 19.60 -30.59 -7.92
C GLN E 25 19.73 -31.85 -8.77
N GLU E 26 20.77 -31.90 -9.61
CA GLU E 26 20.99 -33.06 -10.47
C GLU E 26 21.26 -34.29 -9.63
N LYS E 27 22.04 -34.13 -8.57
CA LYS E 27 22.36 -35.24 -7.68
C LYS E 27 21.15 -35.67 -6.87
N MET E 28 20.20 -34.75 -6.66
CA MET E 28 19.01 -35.08 -5.89
C MET E 28 18.07 -35.96 -6.69
N ALA E 29 18.16 -35.87 -8.01
CA ALA E 29 17.31 -36.66 -8.88
C ALA E 29 17.78 -38.11 -8.92
N ALA E 30 19.04 -38.34 -8.58
CA ALA E 30 19.61 -39.67 -8.61
C ALA E 30 19.57 -40.45 -7.30
N ASN E 31 19.38 -39.76 -6.18
CA ASN E 31 19.34 -40.44 -4.88
C ASN E 31 18.23 -39.95 -3.97
N ASP E 32 17.28 -40.84 -3.68
CA ASP E 32 16.12 -40.52 -2.84
C ASP E 32 16.33 -40.78 -1.36
N ASP E 33 17.57 -41.04 -0.95
CA ASP E 33 17.85 -41.31 0.45
C ASP E 33 17.46 -40.08 1.27
N LEU E 34 16.71 -40.30 2.34
CA LEU E 34 16.24 -39.23 3.22
C LEU E 34 17.35 -38.31 3.71
N HIS E 35 18.35 -38.87 4.39
CA HIS E 35 19.46 -38.08 4.91
C HIS E 35 20.18 -37.33 3.82
N PHE E 36 20.36 -37.97 2.67
CA PHE E 36 21.04 -37.29 1.57
C PHE E 36 20.17 -36.12 1.12
N GLN E 37 18.87 -36.34 1.02
CA GLN E 37 17.93 -35.31 0.59
C GLN E 37 17.93 -34.12 1.55
N ILE E 38 18.10 -34.39 2.84
CA ILE E 38 18.16 -33.32 3.83
C ILE E 38 19.44 -32.50 3.67
N ARG E 39 20.58 -33.16 3.52
CA ARG E 39 21.85 -32.44 3.37
C ARG E 39 21.90 -31.65 2.06
N ALA E 40 21.41 -32.27 0.99
CA ALA E 40 21.40 -31.59 -0.30
C ALA E 40 20.53 -30.35 -0.23
N THR E 41 19.38 -30.46 0.44
CA THR E 41 18.48 -29.33 0.59
C THR E 41 19.15 -28.19 1.36
N VAL E 42 19.79 -28.54 2.47
CA VAL E 42 20.48 -27.58 3.32
C VAL E 42 21.62 -26.84 2.59
N ILE E 43 22.43 -27.60 1.86
CA ILE E 43 23.55 -27.03 1.13
C ILE E 43 23.09 -26.22 -0.09
N LYS E 44 22.06 -26.68 -0.78
CA LYS E 44 21.54 -25.96 -1.94
C LYS E 44 21.04 -24.60 -1.46
N GLU E 45 20.39 -24.60 -0.29
CA GLU E 45 19.86 -23.39 0.29
C GLU E 45 20.97 -22.36 0.49
N GLN E 46 22.08 -22.80 1.07
CA GLN E 46 23.24 -21.94 1.32
C GLN E 46 23.93 -21.45 0.04
N ARG E 47 24.09 -22.32 -0.94
CA ARG E 47 24.76 -21.90 -2.17
C ARG E 47 23.91 -20.90 -2.96
N ALA E 48 22.59 -21.11 -2.97
CA ALA E 48 21.70 -20.20 -3.67
C ALA E 48 21.73 -18.82 -2.99
N GLU E 49 21.77 -18.83 -1.67
CA GLU E 49 21.82 -17.58 -0.90
C GLU E 49 23.10 -16.82 -1.28
N LEU E 50 24.21 -17.54 -1.36
CA LEU E 50 25.49 -16.93 -1.71
C LEU E 50 25.43 -16.36 -3.13
N ALA E 51 24.83 -17.11 -4.04
CA ALA E 51 24.68 -16.67 -5.42
C ALA E 51 23.86 -15.38 -5.46
N LYS E 52 22.79 -15.33 -4.68
CA LYS E 52 21.94 -14.14 -4.64
C LYS E 52 22.72 -12.93 -4.14
N HIS E 53 23.55 -13.17 -3.13
CA HIS E 53 24.36 -12.10 -2.55
C HIS E 53 25.32 -11.51 -3.57
N HIS E 54 26.04 -12.36 -4.30
CA HIS E 54 26.98 -11.89 -5.30
C HIS E 54 26.29 -11.03 -6.35
N LEU E 55 25.10 -11.44 -6.80
CA LEU E 55 24.36 -10.66 -7.78
C LEU E 55 23.92 -9.33 -7.16
N ASP E 56 23.42 -9.36 -5.92
CA ASP E 56 23.00 -8.13 -5.26
C ASP E 56 24.16 -7.13 -5.22
N VAL E 57 25.37 -7.63 -4.94
CA VAL E 57 26.55 -6.77 -4.86
C VAL E 57 26.91 -6.17 -6.23
N LEU E 58 26.74 -6.94 -7.30
CA LEU E 58 27.02 -6.43 -8.63
C LEU E 58 26.05 -5.28 -8.87
N TRP E 59 24.78 -5.55 -8.59
CA TRP E 59 23.70 -4.60 -8.77
C TRP E 59 23.85 -3.32 -7.95
N SER E 60 24.21 -3.44 -6.68
CA SER E 60 24.35 -2.28 -5.82
C SER E 60 25.69 -1.57 -5.86
N ASP E 61 26.76 -2.33 -6.05
CA ASP E 61 28.12 -1.77 -6.03
C ASP E 61 28.80 -1.52 -7.38
N TYR E 62 28.69 -2.48 -8.30
CA TYR E 62 29.36 -2.34 -9.59
C TYR E 62 28.60 -1.50 -10.61
N PHE E 63 27.34 -1.86 -10.86
CA PHE E 63 26.55 -1.10 -11.83
C PHE E 63 26.17 0.28 -11.32
N LYS E 64 26.42 1.29 -12.15
CA LYS E 64 26.12 2.68 -11.81
C LYS E 64 25.01 3.19 -12.74
N PRO E 65 24.46 4.39 -12.47
CA PRO E 65 23.40 4.99 -13.27
C PRO E 65 23.60 4.94 -14.80
N PRO E 66 24.80 5.27 -15.28
CA PRO E 66 25.04 5.22 -16.74
C PRO E 66 24.78 3.83 -17.28
N HIS E 67 25.08 2.82 -16.47
CA HIS E 67 24.88 1.42 -16.85
C HIS E 67 23.40 1.10 -16.94
N PHE E 68 22.64 1.51 -15.92
CA PHE E 68 21.21 1.24 -15.90
C PHE E 68 20.50 2.01 -17.01
N GLU E 69 21.18 3.00 -17.55
CA GLU E 69 20.63 3.81 -18.65
C GLU E 69 20.94 3.16 -19.98
N SER E 70 22.16 2.63 -20.10
CA SER E 70 22.58 1.97 -21.34
C SER E 70 21.78 0.69 -21.54
N TYR E 71 21.45 0.03 -20.43
CA TYR E 71 20.68 -1.21 -20.47
C TYR E 71 19.45 -1.06 -19.58
N PRO E 72 18.41 -0.40 -20.10
CA PRO E 72 17.15 -0.17 -19.38
C PRO E 72 16.49 -1.42 -18.83
N GLU E 73 16.94 -2.59 -19.26
CA GLU E 73 16.37 -3.84 -18.78
C GLU E 73 17.19 -4.49 -17.66
N LEU E 74 18.32 -3.88 -17.32
CA LEU E 74 19.21 -4.45 -16.30
C LEU E 74 18.54 -4.71 -14.95
N HIS E 75 17.81 -3.74 -14.41
CA HIS E 75 17.15 -3.92 -13.12
C HIS E 75 16.31 -5.19 -13.10
N THR E 76 15.44 -5.32 -14.09
CA THR E 76 14.56 -6.49 -14.20
C THR E 76 15.37 -7.77 -14.32
N LEU E 77 16.40 -7.75 -15.15
CA LEU E 77 17.22 -8.93 -15.34
C LEU E 77 17.83 -9.43 -14.02
N VAL E 78 18.44 -8.53 -13.25
CA VAL E 78 19.04 -8.93 -11.99
C VAL E 78 17.96 -9.37 -11.01
N ASN E 79 16.85 -8.62 -10.96
CA ASN E 79 15.78 -8.98 -10.04
C ASN E 79 15.24 -10.37 -10.41
N GLU E 80 15.17 -10.65 -11.71
CA GLU E 80 14.69 -11.96 -12.17
C GLU E 80 15.67 -13.05 -11.82
N ALA E 81 16.97 -12.76 -11.94
CA ALA E 81 17.99 -13.75 -11.62
C ALA E 81 17.92 -14.14 -10.14
N VAL E 82 17.80 -13.15 -9.26
CA VAL E 82 17.73 -13.47 -7.84
C VAL E 82 16.43 -14.20 -7.52
N LYS E 83 15.32 -13.81 -8.17
CA LYS E 83 14.06 -14.49 -7.93
C LYS E 83 14.13 -15.92 -8.46
N ALA E 84 14.89 -16.13 -9.52
CA ALA E 84 15.05 -17.47 -10.09
C ALA E 84 15.87 -18.30 -9.11
N LEU E 85 16.79 -17.68 -8.39
CA LEU E 85 17.58 -18.41 -7.41
C LEU E 85 16.71 -18.81 -6.22
N SER E 86 15.76 -17.96 -5.84
CA SER E 86 14.86 -18.28 -4.73
C SER E 86 13.99 -19.47 -5.13
N ALA E 87 13.54 -19.48 -6.38
CA ALA E 87 12.70 -20.56 -6.87
C ALA E 87 13.52 -21.86 -6.89
N ALA E 88 14.83 -21.73 -7.13
CA ALA E 88 15.70 -22.90 -7.14
C ALA E 88 15.88 -23.47 -5.73
N LYS E 89 15.88 -22.60 -4.73
CA LYS E 89 16.01 -23.06 -3.34
C LYS E 89 14.83 -23.95 -3.03
N ALA E 90 13.66 -23.56 -3.51
CA ALA E 90 12.43 -24.29 -3.24
C ALA E 90 12.17 -25.47 -4.15
N SER E 91 13.11 -25.79 -5.03
CA SER E 91 12.91 -26.89 -5.97
C SER E 91 14.07 -27.86 -6.09
N THR E 92 13.77 -29.07 -6.54
CA THR E 92 14.78 -30.11 -6.75
C THR E 92 14.95 -30.32 -8.25
N ASP E 93 14.14 -29.62 -9.04
CA ASP E 93 14.17 -29.72 -10.49
C ASP E 93 15.33 -28.91 -11.07
N PRO E 94 16.30 -29.57 -11.75
CA PRO E 94 17.45 -28.87 -12.33
C PRO E 94 17.05 -27.71 -13.27
N ALA E 95 15.84 -27.75 -13.80
CA ALA E 95 15.37 -26.70 -14.68
C ALA E 95 15.31 -25.34 -13.98
N THR E 96 15.10 -25.34 -12.67
CA THR E 96 15.05 -24.07 -11.94
C THR E 96 16.47 -23.52 -11.79
N GLY E 97 17.43 -24.43 -11.57
CA GLY E 97 18.80 -24.00 -11.45
C GLY E 97 19.28 -23.48 -12.80
N GLN E 98 18.83 -24.13 -13.88
CA GLN E 98 19.22 -23.75 -15.23
C GLN E 98 18.69 -22.37 -15.59
N LYS E 99 17.47 -22.09 -15.17
CA LYS E 99 16.87 -20.78 -15.46
C LYS E 99 17.71 -19.68 -14.81
N ALA E 100 18.17 -19.92 -13.59
CA ALA E 100 18.99 -18.93 -12.88
C ALA E 100 20.32 -18.74 -13.62
N LEU E 101 20.91 -19.83 -14.08
CA LEU E 101 22.17 -19.77 -14.81
C LEU E 101 22.00 -19.03 -16.13
N ASP E 102 20.85 -19.17 -16.75
CA ASP E 102 20.60 -18.47 -18.01
C ASP E 102 20.57 -16.97 -17.75
N TYR E 103 19.84 -16.56 -16.71
CA TYR E 103 19.76 -15.14 -16.39
C TYR E 103 21.13 -14.57 -16.01
N ILE E 104 21.94 -15.37 -15.32
CA ILE E 104 23.27 -14.96 -14.91
C ILE E 104 24.17 -14.75 -16.13
N ALA E 105 24.04 -15.64 -17.12
CA ALA E 105 24.84 -15.54 -18.33
C ALA E 105 24.55 -14.22 -19.05
N GLN E 106 23.29 -13.80 -19.05
CA GLN E 106 22.93 -12.54 -19.68
C GLN E 106 23.52 -11.37 -18.88
N ILE E 107 23.46 -11.47 -17.56
CA ILE E 107 24.02 -10.42 -16.72
C ILE E 107 25.52 -10.34 -16.97
N ASP E 108 26.16 -11.51 -17.10
CA ASP E 108 27.59 -11.59 -17.33
C ASP E 108 27.98 -10.97 -18.66
N LYS E 109 27.12 -11.10 -19.66
CA LYS E 109 27.37 -10.54 -20.99
C LYS E 109 27.40 -9.03 -20.88
N ILE E 110 26.39 -8.47 -20.21
CA ILE E 110 26.31 -7.02 -20.01
C ILE E 110 27.51 -6.52 -19.20
N PHE E 111 27.82 -7.25 -18.13
CA PHE E 111 28.94 -6.87 -17.26
C PHE E 111 30.23 -6.64 -18.06
N TRP E 112 30.64 -7.63 -18.84
CA TRP E 112 31.88 -7.48 -19.60
C TRP E 112 31.80 -6.39 -20.66
N GLU E 113 30.58 -6.04 -21.09
CA GLU E 113 30.43 -4.98 -22.07
C GLU E 113 30.73 -3.65 -21.39
N THR E 114 30.31 -3.51 -20.14
CA THR E 114 30.58 -2.29 -19.39
C THR E 114 32.06 -2.22 -19.04
N LYS E 115 32.74 -3.36 -19.11
CA LYS E 115 34.17 -3.42 -18.83
C LYS E 115 34.96 -3.00 -20.07
N LYS E 116 34.29 -3.01 -21.23
CA LYS E 116 34.94 -2.63 -22.48
C LYS E 116 34.84 -1.13 -22.73
N ALA E 117 34.37 -0.39 -21.72
CA ALA E 117 34.23 1.05 -21.83
C ALA E 117 35.54 1.71 -21.43
N HIS F 1 23.18 -1.74 19.80
CA HIS F 1 23.09 -3.23 19.76
C HIS F 1 24.30 -3.86 19.08
N CYS F 2 25.23 -3.01 18.64
CA CYS F 2 26.45 -3.43 17.95
C CYS F 2 27.64 -3.53 18.90
N ASP F 3 27.40 -3.16 20.15
CA ASP F 3 28.42 -3.22 21.20
C ASP F 3 29.52 -2.16 21.12
N LEU F 4 29.29 -1.09 20.37
CA LEU F 4 30.29 -0.02 20.27
C LEU F 4 30.49 0.66 21.64
N PRO F 5 29.39 0.99 22.34
CA PRO F 5 27.97 0.81 21.99
C PRO F 5 27.45 1.97 21.11
N CYS F 6 26.35 1.72 20.41
CA CYS F 6 25.78 2.75 19.53
C CYS F 6 24.61 3.52 20.13
N GLY F 7 24.01 2.99 21.19
CA GLY F 7 22.88 3.66 21.81
C GLY F 7 21.55 3.31 21.17
N VAL F 8 21.58 2.49 20.12
CA VAL F 8 20.36 2.10 19.42
C VAL F 8 19.98 0.64 19.71
N TYR F 9 18.81 0.47 20.32
CA TYR F 9 18.31 -0.85 20.67
C TYR F 9 16.82 -0.91 20.43
N ASP F 10 16.31 -2.10 20.12
CA ASP F 10 14.88 -2.27 19.89
C ASP F 10 14.51 -3.75 19.87
N PRO F 11 13.72 -4.18 20.88
CA PRO F 11 13.27 -5.57 20.97
C PRO F 11 12.53 -6.02 19.72
N ALA F 12 12.18 -5.06 18.87
CA ALA F 12 11.48 -5.35 17.62
C ALA F 12 12.30 -6.28 16.74
N GLN F 13 13.63 -6.23 16.89
CA GLN F 13 14.51 -7.10 16.10
C GLN F 13 14.22 -8.55 16.49
N ALA F 14 14.09 -8.80 17.78
CA ALA F 14 13.79 -10.15 18.25
C ALA F 14 12.37 -10.56 17.82
N ARG F 15 11.42 -9.64 17.97
CA ARG F 15 10.03 -9.94 17.62
C ARG F 15 9.81 -10.34 16.15
N ILE F 16 10.35 -9.55 15.23
CA ILE F 16 10.19 -9.88 13.82
C ILE F 16 10.73 -11.28 13.52
N GLU F 17 11.87 -11.64 14.11
CA GLU F 17 12.41 -12.97 13.89
C GLU F 17 11.49 -14.01 14.52
N ALA F 18 10.96 -13.70 15.71
CA ALA F 18 10.05 -14.63 16.39
C ALA F 18 8.75 -14.78 15.60
N GLU F 19 8.34 -13.71 14.94
CA GLU F 19 7.12 -13.76 14.13
C GLU F 19 7.31 -14.71 12.95
N SER F 20 8.51 -14.74 12.39
CA SER F 20 8.81 -15.64 11.27
C SER F 20 8.76 -17.07 11.77
N VAL F 21 9.30 -17.31 12.96
CA VAL F 21 9.31 -18.65 13.51
C VAL F 21 7.87 -19.18 13.58
N LYS F 22 6.98 -18.38 14.17
CA LYS F 22 5.58 -18.78 14.31
C LYS F 22 4.89 -18.96 12.96
N ALA F 23 5.10 -18.01 12.06
CA ALA F 23 4.49 -18.06 10.73
C ALA F 23 4.94 -19.31 9.97
N ILE F 24 6.20 -19.72 10.19
CA ILE F 24 6.69 -20.91 9.52
C ILE F 24 5.99 -22.13 10.12
N GLN F 25 5.82 -22.13 11.44
CA GLN F 25 5.13 -23.24 12.09
C GLN F 25 3.70 -23.31 11.58
N GLU F 26 3.05 -22.17 11.40
CA GLU F 26 1.68 -22.18 10.90
C GLU F 26 1.64 -22.87 9.51
N LYS F 27 2.56 -22.50 8.63
CA LYS F 27 2.62 -23.07 7.28
C LYS F 27 2.94 -24.56 7.27
N MET F 28 3.80 -25.00 8.18
CA MET F 28 4.17 -26.40 8.26
C MET F 28 2.97 -27.31 8.49
N ALA F 29 1.92 -26.76 9.06
CA ALA F 29 0.72 -27.54 9.33
C ALA F 29 -0.10 -27.75 8.05
N ALA F 30 -0.02 -26.78 7.14
CA ALA F 30 -0.77 -26.83 5.89
C ALA F 30 -0.08 -27.50 4.70
N ASN F 31 1.19 -27.84 4.84
CA ASN F 31 1.91 -28.47 3.73
C ASN F 31 2.86 -29.54 4.25
N ASP F 32 2.56 -30.81 3.95
CA ASP F 32 3.40 -31.90 4.41
C ASP F 32 4.38 -32.45 3.38
N ASP F 33 4.59 -31.72 2.29
CA ASP F 33 5.54 -32.15 1.28
C ASP F 33 6.88 -32.26 2.02
N LEU F 34 7.64 -33.32 1.75
CA LEU F 34 8.91 -33.55 2.45
C LEU F 34 9.92 -32.41 2.32
N HIS F 35 10.17 -31.96 1.10
CA HIS F 35 11.15 -30.87 0.89
C HIS F 35 10.74 -29.57 1.52
N PHE F 36 9.43 -29.30 1.55
CA PHE F 36 8.96 -28.06 2.18
C PHE F 36 9.23 -28.16 3.69
N GLN F 37 9.00 -29.34 4.27
CA GLN F 37 9.22 -29.53 5.69
C GLN F 37 10.71 -29.36 6.04
N ILE F 38 11.58 -29.87 5.17
CA ILE F 38 13.00 -29.72 5.42
C ILE F 38 13.41 -28.24 5.38
N ARG F 39 13.01 -27.53 4.32
CA ARG F 39 13.36 -26.12 4.21
C ARG F 39 12.77 -25.31 5.36
N ALA F 40 11.52 -25.61 5.71
CA ALA F 40 10.85 -24.90 6.79
C ALA F 40 11.59 -25.09 8.10
N THR F 41 12.04 -26.33 8.36
CA THR F 41 12.77 -26.64 9.59
C THR F 41 14.11 -25.91 9.63
N VAL F 42 14.82 -25.96 8.51
CA VAL F 42 16.12 -25.30 8.39
C VAL F 42 16.01 -23.81 8.62
N ILE F 43 15.03 -23.19 7.96
CA ILE F 43 14.83 -21.75 8.07
C ILE F 43 14.29 -21.33 9.44
N LYS F 44 13.41 -22.14 10.02
CA LYS F 44 12.88 -21.81 11.34
C LYS F 44 14.04 -21.83 12.36
N GLU F 45 14.95 -22.78 12.19
CA GLU F 45 16.10 -22.92 13.08
C GLU F 45 16.93 -21.64 13.07
N GLN F 46 17.11 -21.07 11.89
CA GLN F 46 17.90 -19.84 11.74
C GLN F 46 17.20 -18.60 12.29
N ARG F 47 15.91 -18.46 12.04
CA ARG F 47 15.19 -17.29 12.52
C ARG F 47 15.11 -17.32 14.04
N ALA F 48 14.93 -18.51 14.61
CA ALA F 48 14.86 -18.66 16.06
C ALA F 48 16.21 -18.29 16.65
N GLU F 49 17.29 -18.78 16.04
CA GLU F 49 18.66 -18.48 16.52
C GLU F 49 18.94 -16.98 16.49
N LEU F 50 18.48 -16.29 15.45
CA LEU F 50 18.66 -14.84 15.35
C LEU F 50 17.87 -14.14 16.45
N ALA F 51 16.64 -14.61 16.70
CA ALA F 51 15.83 -14.01 17.75
C ALA F 51 16.53 -14.18 19.08
N LYS F 52 17.13 -15.34 19.30
CA LYS F 52 17.85 -15.58 20.56
C LYS F 52 19.02 -14.61 20.69
N HIS F 53 19.75 -14.42 19.59
CA HIS F 53 20.88 -13.52 19.59
C HIS F 53 20.43 -12.10 19.99
N HIS F 54 19.35 -11.63 19.37
CA HIS F 54 18.85 -10.29 19.67
C HIS F 54 18.47 -10.11 21.12
N LEU F 55 17.88 -11.14 21.74
CA LEU F 55 17.52 -11.05 23.15
C LEU F 55 18.78 -11.08 24.01
N ASP F 56 19.75 -11.92 23.64
CA ASP F 56 21.00 -11.99 24.39
C ASP F 56 21.67 -10.62 24.39
N VAL F 57 21.64 -9.94 23.25
CA VAL F 57 22.26 -8.62 23.15
C VAL F 57 21.58 -7.61 24.07
N LEU F 58 20.25 -7.64 24.11
CA LEU F 58 19.50 -6.74 24.98
C LEU F 58 19.90 -6.99 26.43
N TRP F 59 19.98 -8.28 26.78
CA TRP F 59 20.32 -8.69 28.13
C TRP F 59 21.74 -8.31 28.55
N SER F 60 22.71 -8.60 27.68
CA SER F 60 24.11 -8.32 27.97
C SER F 60 24.55 -6.88 27.76
N ASP F 61 24.02 -6.25 26.71
CA ASP F 61 24.41 -4.89 26.36
C ASP F 61 23.51 -3.74 26.78
N TYR F 62 22.20 -3.87 26.52
CA TYR F 62 21.30 -2.75 26.84
C TYR F 62 20.95 -2.66 28.32
N PHE F 63 20.38 -3.73 28.88
CA PHE F 63 20.02 -3.74 30.28
C PHE F 63 21.25 -3.66 31.17
N LYS F 64 21.19 -2.76 32.14
CA LYS F 64 22.32 -2.55 33.05
C LYS F 64 21.90 -2.85 34.48
N PRO F 65 22.86 -2.90 35.43
CA PRO F 65 22.55 -3.18 36.83
C PRO F 65 21.33 -2.49 37.45
N PRO F 66 21.14 -1.19 37.18
CA PRO F 66 19.97 -0.52 37.76
C PRO F 66 18.66 -1.10 37.26
N HIS F 67 18.67 -1.59 36.02
CA HIS F 67 17.49 -2.18 35.43
C HIS F 67 17.14 -3.50 36.10
N PHE F 68 18.15 -4.34 36.33
CA PHE F 68 17.89 -5.62 36.99
C PHE F 68 17.44 -5.37 38.42
N GLU F 69 17.85 -4.23 38.99
CA GLU F 69 17.47 -3.84 40.34
C GLU F 69 15.99 -3.47 40.34
N SER F 70 15.59 -2.66 39.36
CA SER F 70 14.21 -2.21 39.23
C SER F 70 13.24 -3.31 38.81
N TYR F 71 13.73 -4.29 38.05
CA TYR F 71 12.90 -5.41 37.59
C TYR F 71 13.62 -6.70 37.97
N PRO F 72 13.46 -7.14 39.22
CA PRO F 72 14.13 -8.37 39.67
C PRO F 72 13.73 -9.63 38.91
N GLU F 73 12.68 -9.56 38.12
CA GLU F 73 12.22 -10.72 37.35
C GLU F 73 12.84 -10.72 35.95
N LEU F 74 13.53 -9.65 35.59
CA LEU F 74 14.11 -9.55 34.25
C LEU F 74 15.06 -10.67 33.82
N HIS F 75 16.00 -11.07 34.67
CA HIS F 75 16.92 -12.15 34.31
C HIS F 75 16.15 -13.42 33.92
N THR F 76 15.22 -13.83 34.77
CA THR F 76 14.41 -15.02 34.55
C THR F 76 13.58 -14.89 33.28
N LEU F 77 12.98 -13.72 33.11
CA LEU F 77 12.16 -13.43 31.94
C LEU F 77 12.95 -13.59 30.63
N VAL F 78 14.15 -13.03 30.58
CA VAL F 78 14.92 -13.16 29.34
C VAL F 78 15.36 -14.61 29.17
N ASN F 79 15.77 -15.26 30.25
CA ASN F 79 16.21 -16.63 30.15
C ASN F 79 15.08 -17.52 29.65
N GLU F 80 13.86 -17.27 30.14
CA GLU F 80 12.71 -18.06 29.70
C GLU F 80 12.39 -17.76 28.24
N ALA F 81 12.54 -16.51 27.83
CA ALA F 81 12.27 -16.14 26.45
C ALA F 81 13.21 -16.88 25.50
N VAL F 82 14.50 -16.95 25.84
CA VAL F 82 15.44 -17.66 24.97
C VAL F 82 15.20 -19.16 24.98
N LYS F 83 14.84 -19.72 26.14
CA LYS F 83 14.56 -21.15 26.21
C LYS F 83 13.30 -21.47 25.38
N ALA F 84 12.33 -20.56 25.38
CA ALA F 84 11.11 -20.75 24.62
C ALA F 84 11.45 -20.80 23.13
N LEU F 85 12.45 -20.01 22.72
CA LEU F 85 12.88 -20.01 21.32
C LEU F 85 13.57 -21.32 21.00
N SER F 86 14.33 -21.87 21.95
CA SER F 86 14.99 -23.16 21.72
C SER F 86 13.91 -24.23 21.57
N ALA F 87 12.84 -24.12 22.35
CA ALA F 87 11.75 -25.10 22.25
C ALA F 87 11.01 -24.94 20.93
N ALA F 88 10.90 -23.70 20.43
CA ALA F 88 10.24 -23.47 19.15
C ALA F 88 11.04 -24.11 18.00
N LYS F 89 12.36 -24.12 18.14
CA LYS F 89 13.23 -24.74 17.14
C LYS F 89 12.90 -26.22 17.01
N ALA F 90 12.74 -26.87 18.15
CA ALA F 90 12.47 -28.31 18.21
C ALA F 90 11.01 -28.72 18.00
N SER F 91 10.15 -27.77 17.62
CA SER F 91 8.74 -28.08 17.46
C SER F 91 8.08 -27.44 16.23
N THR F 92 7.00 -28.09 15.75
CA THR F 92 6.25 -27.58 14.60
C THR F 92 4.94 -26.95 15.10
N ASP F 93 4.68 -27.06 16.40
CA ASP F 93 3.46 -26.51 17.00
C ASP F 93 3.55 -24.98 17.15
N PRO F 94 2.64 -24.24 16.49
CA PRO F 94 2.64 -22.77 16.55
C PRO F 94 2.57 -22.21 17.98
N ALA F 95 2.07 -23.01 18.91
CA ALA F 95 1.99 -22.58 20.30
C ALA F 95 3.39 -22.28 20.86
N THR F 96 4.39 -23.05 20.46
CA THR F 96 5.75 -22.79 20.96
C THR F 96 6.29 -21.46 20.45
N GLY F 97 5.97 -21.14 19.19
CA GLY F 97 6.41 -19.87 18.65
C GLY F 97 5.67 -18.73 19.33
N GLN F 98 4.40 -18.97 19.67
CA GLN F 98 3.58 -17.96 20.33
C GLN F 98 4.11 -17.65 21.73
N LYS F 99 4.51 -18.69 22.45
CA LYS F 99 5.03 -18.52 23.80
C LYS F 99 6.26 -17.63 23.80
N ALA F 100 7.14 -17.82 22.82
CA ALA F 100 8.35 -16.99 22.72
C ALA F 100 7.94 -15.54 22.47
N LEU F 101 6.97 -15.35 21.58
CA LEU F 101 6.48 -14.01 21.26
C LEU F 101 5.85 -13.32 22.48
N ASP F 102 5.17 -14.09 23.32
CA ASP F 102 4.56 -13.51 24.51
C ASP F 102 5.63 -13.02 25.51
N TYR F 103 6.70 -13.78 25.69
CA TYR F 103 7.79 -13.34 26.57
C TYR F 103 8.48 -12.11 25.98
N ILE F 104 8.66 -12.11 24.66
CA ILE F 104 9.29 -10.99 24.01
C ILE F 104 8.45 -9.72 24.23
N ALA F 105 7.13 -9.84 24.18
CA ALA F 105 6.25 -8.69 24.40
C ALA F 105 6.41 -8.15 25.82
N GLN F 106 6.61 -9.03 26.79
CA GLN F 106 6.81 -8.61 28.18
C GLN F 106 8.15 -7.87 28.28
N ILE F 107 9.17 -8.41 27.62
CA ILE F 107 10.50 -7.81 27.64
C ILE F 107 10.39 -6.42 27.00
N ASP F 108 9.69 -6.35 25.88
CA ASP F 108 9.49 -5.10 25.16
C ASP F 108 8.82 -4.04 26.04
N LYS F 109 7.84 -4.44 26.84
CA LYS F 109 7.17 -3.50 27.72
C LYS F 109 8.16 -2.94 28.74
N ILE F 110 8.97 -3.80 29.32
CA ILE F 110 9.97 -3.36 30.30
C ILE F 110 11.01 -2.47 29.62
N PHE F 111 11.36 -2.82 28.39
CA PHE F 111 12.32 -2.03 27.63
C PHE F 111 11.84 -0.59 27.46
N TRP F 112 10.62 -0.40 27.00
CA TRP F 112 10.13 0.96 26.80
C TRP F 112 9.97 1.73 28.09
N GLU F 113 9.76 1.03 29.21
CA GLU F 113 9.65 1.71 30.48
C GLU F 113 11.03 2.28 30.85
N THR F 114 12.07 1.51 30.58
CA THR F 114 13.43 1.98 30.90
C THR F 114 13.87 3.10 29.96
N LYS F 115 13.20 3.25 28.82
CA LYS F 115 13.53 4.29 27.86
C LYS F 115 12.88 5.61 28.25
N LYS F 116 11.58 5.57 28.52
CA LYS F 116 10.84 6.76 28.91
C LYS F 116 11.50 7.35 30.16
N ALA F 117 11.89 6.46 31.08
CA ALA F 117 12.53 6.87 32.32
C ALA F 117 13.94 7.38 32.04
N HIS G 1 -30.33 5.15 5.56
CA HIS G 1 -30.83 6.43 4.98
C HIS G 1 -30.89 6.39 3.44
N CYS G 2 -30.48 5.27 2.87
CA CYS G 2 -30.46 5.09 1.43
C CYS G 2 -31.69 4.31 0.94
N ASP G 3 -32.53 3.91 1.89
CA ASP G 3 -33.76 3.18 1.59
C ASP G 3 -33.58 1.74 1.11
N LEU G 4 -32.38 1.18 1.23
CA LEU G 4 -32.17 -0.19 0.79
C LEU G 4 -33.15 -1.11 1.53
N PRO G 5 -33.26 -0.99 2.86
CA PRO G 5 -32.54 -0.06 3.76
C PRO G 5 -31.17 -0.59 4.15
N CYS G 6 -30.31 0.31 4.65
CA CYS G 6 -28.96 -0.06 5.06
C CYS G 6 -28.79 -0.12 6.58
N GLY G 7 -29.72 0.49 7.31
CA GLY G 7 -29.64 0.49 8.75
C GLY G 7 -28.71 1.54 9.33
N VAL G 8 -28.16 2.39 8.47
CA VAL G 8 -27.24 3.45 8.92
C VAL G 8 -27.97 4.80 8.89
N TYR G 9 -28.17 5.39 10.05
CA TYR G 9 -28.85 6.68 10.17
C TYR G 9 -28.14 7.57 11.18
N ASP G 10 -28.30 8.89 11.01
CA ASP G 10 -27.67 9.81 11.94
C ASP G 10 -28.03 11.26 11.65
N PRO G 11 -28.75 11.92 12.58
CA PRO G 11 -29.17 13.31 12.44
C PRO G 11 -27.98 14.24 12.18
N ALA G 12 -26.77 13.73 12.37
CA ALA G 12 -25.57 14.52 12.13
C ALA G 12 -25.52 15.02 10.69
N GLN G 13 -26.04 14.23 9.76
CA GLN G 13 -26.06 14.61 8.35
C GLN G 13 -26.83 15.93 8.21
N ALA G 14 -28.00 15.99 8.83
CA ALA G 14 -28.82 17.18 8.78
C ALA G 14 -28.14 18.33 9.51
N ARG G 15 -27.60 18.06 10.69
CA ARG G 15 -26.91 19.09 11.48
C ARG G 15 -25.77 19.75 10.71
N ILE G 16 -24.92 18.95 10.07
CA ILE G 16 -23.80 19.49 9.32
C ILE G 16 -24.23 20.45 8.22
N GLU G 17 -25.31 20.11 7.50
CA GLU G 17 -25.78 20.99 6.44
C GLU G 17 -26.38 22.27 7.03
N ALA G 18 -27.15 22.13 8.11
CA ALA G 18 -27.77 23.28 8.75
C ALA G 18 -26.70 24.21 9.37
N GLU G 19 -25.58 23.64 9.82
CA GLU G 19 -24.53 24.47 10.36
C GLU G 19 -23.94 25.32 9.25
N SER G 20 -23.85 24.77 8.04
CA SER G 20 -23.34 25.54 6.91
C SER G 20 -24.33 26.69 6.66
N VAL G 21 -25.61 26.38 6.69
CA VAL G 21 -26.64 27.39 6.48
C VAL G 21 -26.42 28.59 7.41
N LYS G 22 -26.24 28.33 8.70
CA LYS G 22 -26.04 29.41 9.65
C LYS G 22 -24.73 30.14 9.40
N ALA G 23 -23.65 29.40 9.20
CA ALA G 23 -22.35 30.00 8.94
C ALA G 23 -22.38 30.88 7.70
N ILE G 24 -23.21 30.52 6.73
CA ILE G 24 -23.33 31.31 5.50
C ILE G 24 -24.05 32.62 5.82
N GLN G 25 -25.09 32.55 6.63
CA GLN G 25 -25.85 33.73 6.99
C GLN G 25 -24.96 34.70 7.77
N GLU G 26 -24.12 34.15 8.64
CA GLU G 26 -23.19 34.97 9.41
C GLU G 26 -22.25 35.72 8.50
N LYS G 27 -21.77 35.06 7.44
CA LYS G 27 -20.87 35.71 6.50
C LYS G 27 -21.63 36.78 5.71
N MET G 28 -22.88 36.48 5.37
CA MET G 28 -23.72 37.41 4.62
C MET G 28 -24.01 38.69 5.42
N ALA G 29 -23.99 38.57 6.74
CA ALA G 29 -24.26 39.74 7.59
C ALA G 29 -23.13 40.76 7.53
N ALA G 30 -21.92 40.30 7.18
CA ALA G 30 -20.76 41.19 7.13
C ALA G 30 -20.09 41.38 5.78
N ASN G 31 -20.79 41.12 4.69
CA ASN G 31 -20.20 41.29 3.37
C ASN G 31 -21.33 41.60 2.39
N ASP G 32 -21.45 42.87 2.01
CA ASP G 32 -22.52 43.28 1.10
C ASP G 32 -22.22 43.24 -0.37
N ASP G 33 -21.07 42.71 -0.75
CA ASP G 33 -20.74 42.63 -2.17
C ASP G 33 -21.87 41.88 -2.85
N LEU G 34 -22.33 42.40 -3.99
CA LEU G 34 -23.43 41.78 -4.73
C LEU G 34 -23.17 40.34 -5.15
N HIS G 35 -22.08 40.09 -5.85
CA HIS G 35 -21.74 38.73 -6.28
C HIS G 35 -21.60 37.77 -5.14
N PHE G 36 -21.07 38.23 -4.01
CA PHE G 36 -20.92 37.36 -2.86
C PHE G 36 -22.30 37.03 -2.29
N GLN G 37 -23.19 37.99 -2.29
CA GLN G 37 -24.54 37.78 -1.79
C GLN G 37 -25.26 36.77 -2.69
N ILE G 38 -25.08 36.91 -3.99
CA ILE G 38 -25.71 35.98 -4.93
C ILE G 38 -25.20 34.55 -4.70
N ARG G 39 -23.88 34.38 -4.64
CA ARG G 39 -23.30 33.06 -4.42
C ARG G 39 -23.73 32.50 -3.09
N ALA G 40 -23.69 33.32 -2.04
CA ALA G 40 -24.08 32.85 -0.71
C ALA G 40 -25.55 32.42 -0.65
N THR G 41 -26.41 33.14 -1.37
CA THR G 41 -27.83 32.84 -1.41
C THR G 41 -28.06 31.51 -2.12
N VAL G 42 -27.41 31.33 -3.26
CA VAL G 42 -27.56 30.10 -4.01
C VAL G 42 -27.06 28.89 -3.21
N ILE G 43 -25.88 29.03 -2.61
CA ILE G 43 -25.31 27.94 -1.84
C ILE G 43 -26.10 27.63 -0.56
N LYS G 44 -26.62 28.67 0.09
CA LYS G 44 -27.40 28.48 1.30
C LYS G 44 -28.67 27.69 0.94
N GLU G 45 -29.25 28.02 -0.22
CA GLU G 45 -30.45 27.37 -0.68
C GLU G 45 -30.21 25.86 -0.82
N GLN G 46 -29.07 25.50 -1.41
CA GLN G 46 -28.72 24.09 -1.60
C GLN G 46 -28.44 23.36 -0.29
N ARG G 47 -27.74 23.98 0.64
CA ARG G 47 -27.44 23.32 1.91
C ARG G 47 -28.70 23.11 2.75
N ALA G 48 -29.59 24.10 2.75
CA ALA G 48 -30.84 24.00 3.49
C ALA G 48 -31.73 22.89 2.89
N GLU G 49 -31.72 22.77 1.57
CA GLU G 49 -32.49 21.75 0.88
C GLU G 49 -31.95 20.37 1.27
N LEU G 50 -30.64 20.25 1.36
CA LEU G 50 -30.02 19.00 1.75
C LEU G 50 -30.38 18.67 3.19
N ALA G 51 -30.37 19.69 4.04
CA ALA G 51 -30.71 19.51 5.45
C ALA G 51 -32.14 18.99 5.56
N LYS G 52 -33.05 19.58 4.79
CA LYS G 52 -34.46 19.18 4.82
C LYS G 52 -34.61 17.74 4.33
N HIS G 53 -33.81 17.39 3.31
CA HIS G 53 -33.85 16.04 2.76
C HIS G 53 -33.47 15.01 3.83
N HIS G 54 -32.36 15.25 4.52
CA HIS G 54 -31.92 14.33 5.56
C HIS G 54 -32.99 14.15 6.64
N LEU G 55 -33.61 15.26 7.06
CA LEU G 55 -34.67 15.16 8.07
C LEU G 55 -35.87 14.40 7.52
N ASP G 56 -36.23 14.63 6.26
CA ASP G 56 -37.36 13.92 5.68
C ASP G 56 -37.08 12.41 5.69
N VAL G 57 -35.84 12.03 5.46
CA VAL G 57 -35.47 10.62 5.45
C VAL G 57 -35.58 9.99 6.83
N LEU G 58 -35.19 10.73 7.86
CA LEU G 58 -35.30 10.22 9.23
C LEU G 58 -36.77 9.96 9.53
N TRP G 59 -37.59 10.96 9.22
CA TRP G 59 -39.03 10.92 9.45
C TRP G 59 -39.73 9.78 8.69
N SER G 60 -39.36 9.60 7.43
CA SER G 60 -39.99 8.58 6.59
C SER G 60 -39.40 7.18 6.68
N ASP G 61 -38.08 7.09 6.76
CA ASP G 61 -37.39 5.80 6.79
C ASP G 61 -36.99 5.27 8.17
N TYR G 62 -36.43 6.12 9.03
CA TYR G 62 -36.00 5.66 10.35
C TYR G 62 -37.10 5.54 11.40
N PHE G 63 -37.80 6.63 11.67
CA PHE G 63 -38.85 6.60 12.67
C PHE G 63 -40.03 5.71 12.23
N LYS G 64 -40.48 4.88 13.16
CA LYS G 64 -41.57 3.95 12.92
C LYS G 64 -42.76 4.26 13.85
N PRO G 65 -43.90 3.58 13.63
CA PRO G 65 -45.08 3.82 14.47
C PRO G 65 -44.79 3.81 15.98
N PRO G 66 -44.00 2.83 16.48
CA PRO G 66 -43.72 2.80 17.91
C PRO G 66 -43.10 4.10 18.44
N HIS G 67 -42.30 4.75 17.60
CA HIS G 67 -41.64 5.99 17.97
C HIS G 67 -42.61 7.15 18.04
N PHE G 68 -43.45 7.28 17.02
CA PHE G 68 -44.41 8.37 17.01
C PHE G 68 -45.37 8.20 18.18
N GLU G 69 -45.53 6.97 18.63
CA GLU G 69 -46.40 6.64 19.76
C GLU G 69 -45.74 7.07 21.07
N SER G 70 -44.46 6.74 21.23
CA SER G 70 -43.73 7.11 22.43
C SER G 70 -43.47 8.62 22.49
N TYR G 71 -43.40 9.25 21.31
CA TYR G 71 -43.16 10.68 21.22
C TYR G 71 -44.23 11.36 20.38
N PRO G 72 -45.41 11.58 20.96
CA PRO G 72 -46.51 12.22 20.24
C PRO G 72 -46.18 13.58 19.62
N GLU G 73 -45.09 14.20 20.04
CA GLU G 73 -44.72 15.50 19.47
C GLU G 73 -43.69 15.39 18.34
N LEU G 74 -43.25 14.18 18.02
CA LEU G 74 -42.25 14.01 16.96
C LEU G 74 -42.67 14.52 15.58
N HIS G 75 -43.87 14.17 15.12
CA HIS G 75 -44.32 14.63 13.80
C HIS G 75 -44.21 16.15 13.69
N THR G 76 -44.78 16.85 14.66
CA THR G 76 -44.77 18.31 14.69
C THR G 76 -43.34 18.85 14.77
N LEU G 77 -42.52 18.20 15.58
CA LEU G 77 -41.12 18.61 15.76
C LEU G 77 -40.35 18.52 14.43
N VAL G 78 -40.49 17.41 13.74
CA VAL G 78 -39.77 17.26 12.47
C VAL G 78 -40.36 18.25 11.48
N ASN G 79 -41.68 18.38 11.47
CA ASN G 79 -42.32 19.31 10.55
C ASN G 79 -41.85 20.74 10.79
N GLU G 80 -41.76 21.13 12.07
CA GLU G 80 -41.33 22.49 12.40
C GLU G 80 -39.86 22.70 12.03
N ALA G 81 -39.07 21.63 12.11
CA ALA G 81 -37.66 21.73 11.78
C ALA G 81 -37.49 22.01 10.29
N VAL G 82 -38.22 21.29 9.44
CA VAL G 82 -38.11 21.51 8.00
C VAL G 82 -38.69 22.88 7.62
N LYS G 83 -39.76 23.32 8.28
CA LYS G 83 -40.31 24.65 7.99
C LYS G 83 -39.31 25.72 8.43
N ALA G 84 -38.53 25.42 9.47
CA ALA G 84 -37.52 26.36 9.98
C ALA G 84 -36.39 26.47 8.96
N LEU G 85 -36.10 25.39 8.26
CA LEU G 85 -35.05 25.41 7.25
C LEU G 85 -35.56 26.18 6.03
N SER G 86 -36.85 26.06 5.73
CA SER G 86 -37.42 26.81 4.61
C SER G 86 -37.34 28.30 4.95
N ALA G 87 -37.50 28.63 6.24
CA ALA G 87 -37.43 30.02 6.67
C ALA G 87 -35.99 30.56 6.58
N ALA G 88 -35.02 29.69 6.80
CA ALA G 88 -33.62 30.09 6.73
C ALA G 88 -33.22 30.33 5.26
N LYS G 89 -33.87 29.61 4.35
CA LYS G 89 -33.61 29.80 2.92
C LYS G 89 -34.02 31.23 2.56
N ALA G 90 -35.15 31.65 3.13
CA ALA G 90 -35.70 32.97 2.86
C ALA G 90 -35.16 34.11 3.72
N SER G 91 -34.11 33.85 4.48
CA SER G 91 -33.56 34.91 5.33
C SER G 91 -32.05 34.90 5.42
N THR G 92 -31.46 36.07 5.64
CA THR G 92 -30.01 36.18 5.78
C THR G 92 -29.68 36.29 7.26
N ASP G 93 -30.72 36.32 8.10
CA ASP G 93 -30.53 36.42 9.55
C ASP G 93 -30.07 35.10 10.18
N PRO G 94 -28.91 35.10 10.84
CA PRO G 94 -28.37 33.89 11.48
C PRO G 94 -29.34 33.30 12.50
N ALA G 95 -30.23 34.14 13.03
CA ALA G 95 -31.19 33.68 14.00
C ALA G 95 -32.04 32.55 13.42
N THR G 96 -32.45 32.70 12.17
CA THR G 96 -33.26 31.65 11.52
C THR G 96 -32.46 30.35 11.41
N GLY G 97 -31.18 30.45 11.05
CA GLY G 97 -30.35 29.26 10.95
C GLY G 97 -30.21 28.57 12.31
N GLN G 98 -30.11 29.36 13.37
CA GLN G 98 -29.96 28.80 14.72
C GLN G 98 -31.24 28.09 15.16
N LYS G 99 -32.39 28.64 14.77
CA LYS G 99 -33.65 28.03 15.14
C LYS G 99 -33.77 26.63 14.53
N ALA G 100 -33.33 26.49 13.29
CA ALA G 100 -33.37 25.18 12.63
C ALA G 100 -32.44 24.22 13.38
N LEU G 101 -31.27 24.71 13.77
CA LEU G 101 -30.30 23.90 14.51
C LEU G 101 -30.84 23.44 15.86
N ASP G 102 -31.57 24.33 16.53
CA ASP G 102 -32.13 23.99 17.83
C ASP G 102 -33.14 22.86 17.68
N TYR G 103 -33.99 22.94 16.65
CA TYR G 103 -34.98 21.90 16.42
C TYR G 103 -34.28 20.59 16.10
N ILE G 104 -33.23 20.66 15.29
CA ILE G 104 -32.48 19.47 14.92
C ILE G 104 -31.88 18.83 16.17
N ALA G 105 -31.45 19.65 17.12
CA ALA G 105 -30.88 19.15 18.36
C ALA G 105 -31.94 18.35 19.15
N GLN G 106 -33.19 18.80 19.12
CA GLN G 106 -34.25 18.06 19.82
C GLN G 106 -34.52 16.73 19.13
N ILE G 107 -34.52 16.73 17.80
CA ILE G 107 -34.75 15.51 17.04
C ILE G 107 -33.61 14.53 17.31
N ASP G 108 -32.39 15.07 17.32
CA ASP G 108 -31.19 14.27 17.57
C ASP G 108 -31.30 13.58 18.92
N LYS G 109 -31.83 14.29 19.90
CA LYS G 109 -31.99 13.74 21.24
C LYS G 109 -32.97 12.59 21.21
N ILE G 110 -34.12 12.82 20.61
CA ILE G 110 -35.12 11.77 20.52
C ILE G 110 -34.55 10.61 19.72
N PHE G 111 -33.72 10.92 18.73
CA PHE G 111 -33.12 9.88 17.88
C PHE G 111 -32.28 8.90 18.69
N TRP G 112 -31.33 9.42 19.46
CA TRP G 112 -30.46 8.53 20.23
C TRP G 112 -31.20 7.76 21.31
N GLU G 113 -32.31 8.31 21.79
CA GLU G 113 -33.10 7.61 22.79
C GLU G 113 -33.74 6.38 22.16
N THR G 114 -34.23 6.52 20.93
CA THR G 114 -34.87 5.41 20.23
C THR G 114 -33.86 4.34 19.88
N LYS G 115 -32.57 4.69 19.88
CA LYS G 115 -31.52 3.72 19.56
C LYS G 115 -31.25 2.79 20.76
N LYS G 116 -31.62 3.26 21.95
CA LYS G 116 -31.41 2.49 23.18
C LYS G 116 -32.50 1.43 23.34
N ALA G 117 -32.10 0.26 23.85
CA ALA G 117 -33.03 -0.84 24.06
C ALA G 117 -34.00 -0.53 25.20
N HIS H 1 -14.29 7.13 -17.01
CA HIS H 1 -14.52 8.26 -16.05
C HIS H 1 -15.81 8.03 -15.26
N CYS H 2 -16.47 6.91 -15.54
CA CYS H 2 -17.71 6.56 -14.88
C CYS H 2 -17.47 5.67 -13.68
N ASP H 3 -16.22 5.24 -13.52
CA ASP H 3 -15.81 4.40 -12.39
C ASP H 3 -16.18 2.92 -12.47
N LEU H 4 -16.58 2.43 -13.64
CA LEU H 4 -16.92 1.01 -13.77
C LEU H 4 -15.69 0.15 -13.46
N PRO H 5 -14.53 0.49 -14.04
CA PRO H 5 -14.25 1.59 -14.97
C PRO H 5 -14.54 1.25 -16.43
N CYS H 6 -14.62 2.28 -17.28
CA CYS H 6 -14.89 2.11 -18.70
C CYS H 6 -13.62 2.30 -19.52
N GLY H 7 -12.61 2.92 -18.92
CA GLY H 7 -11.36 3.16 -19.61
C GLY H 7 -11.37 4.39 -20.51
N VAL H 8 -12.42 5.18 -20.42
CA VAL H 8 -12.54 6.38 -21.24
C VAL H 8 -12.36 7.65 -20.42
N TYR H 9 -11.30 8.41 -20.72
CA TYR H 9 -11.01 9.65 -20.01
C TYR H 9 -10.52 10.72 -20.98
N ASP H 10 -10.82 11.97 -20.67
CA ASP H 10 -10.38 13.08 -21.50
C ASP H 10 -10.50 14.39 -20.75
N PRO H 11 -9.35 15.05 -20.49
CA PRO H 11 -9.33 16.34 -19.78
C PRO H 11 -10.19 17.37 -20.51
N ALA H 12 -10.65 16.99 -21.70
CA ALA H 12 -11.51 17.85 -22.52
C ALA H 12 -12.81 18.16 -21.78
N GLN H 13 -13.30 17.20 -20.99
CA GLN H 13 -14.53 17.43 -20.25
C GLN H 13 -14.35 18.61 -19.30
N ALA H 14 -13.21 18.64 -18.61
CA ALA H 14 -12.92 19.72 -17.68
C ALA H 14 -12.71 21.04 -18.41
N ARG H 15 -11.96 21.00 -19.50
CA ARG H 15 -11.67 22.20 -20.29
C ARG H 15 -12.91 22.89 -20.81
N ILE H 16 -13.82 22.13 -21.41
CA ILE H 16 -15.05 22.71 -21.95
C ILE H 16 -15.83 23.45 -20.87
N GLU H 17 -15.88 22.89 -19.67
CA GLU H 17 -16.59 23.53 -18.58
C GLU H 17 -15.85 24.77 -18.10
N ALA H 18 -14.52 24.68 -18.03
CA ALA H 18 -13.70 25.81 -17.61
C ALA H 18 -13.82 26.90 -18.66
N GLU H 19 -14.03 26.50 -19.91
CA GLU H 19 -14.18 27.45 -20.99
C GLU H 19 -15.46 28.26 -20.81
N SER H 20 -16.54 27.61 -20.41
CA SER H 20 -17.80 28.31 -20.19
C SER H 20 -17.62 29.28 -19.04
N VAL H 21 -16.84 28.89 -18.05
CA VAL H 21 -16.59 29.75 -16.89
C VAL H 21 -16.00 31.09 -17.30
N LYS H 22 -14.92 31.05 -18.09
CA LYS H 22 -14.27 32.27 -18.53
C LYS H 22 -15.16 33.09 -19.45
N ALA H 23 -15.86 32.42 -20.36
CA ALA H 23 -16.74 33.10 -21.30
C ALA H 23 -17.88 33.81 -20.56
N ILE H 24 -18.31 33.23 -19.44
CA ILE H 24 -19.39 33.82 -18.64
C ILE H 24 -18.87 35.04 -17.89
N GLN H 25 -17.64 34.98 -17.42
CA GLN H 25 -17.05 36.10 -16.71
C GLN H 25 -16.94 37.29 -17.66
N GLU H 26 -16.57 37.01 -18.91
CA GLU H 26 -16.44 38.05 -19.91
C GLU H 26 -17.79 38.70 -20.19
N LYS H 27 -18.83 37.88 -20.35
CA LYS H 27 -20.16 38.39 -20.61
C LYS H 27 -20.70 39.18 -19.42
N MET H 28 -20.22 38.87 -18.22
CA MET H 28 -20.68 39.58 -17.04
C MET H 28 -20.23 41.04 -17.03
N ALA H 29 -19.08 41.31 -17.64
CA ALA H 29 -18.55 42.68 -17.70
C ALA H 29 -19.23 43.51 -18.77
N ALA H 30 -19.96 42.84 -19.66
CA ALA H 30 -20.66 43.53 -20.75
C ALA H 30 -22.11 43.86 -20.42
N ASN H 31 -22.64 43.24 -19.37
CA ASN H 31 -24.03 43.47 -18.98
C ASN H 31 -24.16 43.61 -17.47
N ASP H 32 -24.46 44.81 -17.00
CA ASP H 32 -24.59 45.09 -15.57
C ASP H 32 -25.99 44.84 -15.02
N ASP H 33 -26.90 44.37 -15.87
CA ASP H 33 -28.26 44.10 -15.43
C ASP H 33 -28.24 43.14 -14.26
N LEU H 34 -28.96 43.49 -13.19
CA LEU H 34 -29.02 42.68 -11.98
C LEU H 34 -29.41 41.23 -12.22
N HIS H 35 -30.48 40.99 -12.99
CA HIS H 35 -30.94 39.63 -13.25
C HIS H 35 -29.94 38.82 -14.08
N PHE H 36 -29.25 39.48 -15.01
CA PHE H 36 -28.30 38.76 -15.81
C PHE H 36 -27.11 38.41 -14.90
N GLN H 37 -26.78 39.33 -13.99
CA GLN H 37 -25.67 39.10 -13.08
C GLN H 37 -25.96 37.90 -12.17
N ILE H 38 -27.23 37.77 -11.78
CA ILE H 38 -27.62 36.67 -10.92
C ILE H 38 -27.54 35.37 -11.71
N ARG H 39 -28.11 35.33 -12.92
CA ARG H 39 -28.09 34.12 -13.71
C ARG H 39 -26.66 33.69 -14.05
N ALA H 40 -25.80 34.66 -14.39
CA ALA H 40 -24.42 34.36 -14.74
C ALA H 40 -23.66 33.75 -13.56
N THR H 41 -23.90 34.28 -12.37
CA THR H 41 -23.21 33.79 -11.18
C THR H 41 -23.64 32.35 -10.90
N VAL H 42 -24.93 32.11 -10.96
CA VAL H 42 -25.50 30.78 -10.73
C VAL H 42 -24.90 29.77 -11.69
N ILE H 43 -24.97 30.09 -12.98
CA ILE H 43 -24.47 29.20 -14.01
C ILE H 43 -22.95 29.02 -13.99
N LYS H 44 -22.22 30.07 -13.65
CA LYS H 44 -20.76 29.99 -13.57
C LYS H 44 -20.39 29.05 -12.44
N GLU H 45 -21.16 29.10 -11.35
CA GLU H 45 -20.92 28.26 -10.18
C GLU H 45 -21.09 26.78 -10.57
N GLN H 46 -22.10 26.50 -11.38
CA GLN H 46 -22.37 25.13 -11.81
C GLN H 46 -21.36 24.62 -12.82
N ARG H 47 -20.92 25.47 -13.75
CA ARG H 47 -19.93 25.01 -14.72
C ARG H 47 -18.58 24.77 -14.05
N ALA H 48 -18.22 25.62 -13.08
CA ALA H 48 -16.96 25.49 -12.38
C ALA H 48 -16.94 24.23 -11.52
N GLU H 49 -18.08 23.94 -10.91
CA GLU H 49 -18.22 22.75 -10.07
C GLU H 49 -18.04 21.49 -10.92
N LEU H 50 -18.61 21.50 -12.12
CA LEU H 50 -18.48 20.34 -13.01
C LEU H 50 -17.03 20.19 -13.45
N ALA H 51 -16.37 21.31 -13.73
CA ALA H 51 -14.96 21.26 -14.14
C ALA H 51 -14.16 20.65 -12.99
N LYS H 52 -14.45 21.09 -11.77
CA LYS H 52 -13.77 20.56 -10.59
C LYS H 52 -13.99 19.06 -10.52
N HIS H 53 -15.24 18.65 -10.70
CA HIS H 53 -15.62 17.25 -10.66
C HIS H 53 -14.85 16.43 -11.68
N HIS H 54 -14.73 16.94 -12.90
CA HIS H 54 -14.01 16.23 -13.95
C HIS H 54 -12.52 16.08 -13.61
N LEU H 55 -11.92 17.11 -13.00
CA LEU H 55 -10.51 17.03 -12.63
C LEU H 55 -10.34 16.04 -11.49
N ASP H 56 -11.28 16.06 -10.54
CA ASP H 56 -11.25 15.15 -9.40
C ASP H 56 -11.31 13.69 -9.86
N VAL H 57 -12.09 13.42 -10.91
CA VAL H 57 -12.20 12.06 -11.43
C VAL H 57 -10.91 11.57 -12.07
N LEU H 58 -10.22 12.45 -12.78
CA LEU H 58 -8.95 12.07 -13.42
C LEU H 58 -7.94 11.74 -12.34
N TRP H 59 -7.92 12.57 -11.30
CA TRP H 59 -7.00 12.43 -10.18
C TRP H 59 -7.22 11.13 -9.40
N SER H 60 -8.47 10.80 -9.15
CA SER H 60 -8.80 9.63 -8.36
C SER H 60 -8.95 8.33 -9.15
N ASP H 61 -9.49 8.42 -10.36
CA ASP H 61 -9.73 7.24 -11.17
C ASP H 61 -8.72 6.94 -12.27
N TYR H 62 -8.29 7.95 -13.01
CA TYR H 62 -7.35 7.73 -14.09
C TYR H 62 -5.90 7.62 -13.63
N PHE H 63 -5.39 8.69 -13.03
CA PHE H 63 -4.02 8.69 -12.57
C PHE H 63 -3.81 7.67 -11.45
N LYS H 64 -2.69 6.97 -11.54
CA LYS H 64 -2.37 5.93 -10.56
C LYS H 64 -0.93 6.10 -10.05
N PRO H 65 -0.53 5.30 -9.04
CA PRO H 65 0.83 5.38 -8.48
C PRO H 65 1.97 5.62 -9.50
N PRO H 66 2.00 4.85 -10.61
CA PRO H 66 3.06 5.02 -11.61
C PRO H 66 3.14 6.47 -12.09
N HIS H 67 1.98 7.09 -12.27
CA HIS H 67 1.89 8.46 -12.75
C HIS H 67 2.38 9.47 -11.73
N PHE H 68 1.97 9.30 -10.48
CA PHE H 68 2.37 10.22 -9.43
C PHE H 68 3.87 10.15 -9.14
N GLU H 69 4.50 9.01 -9.43
CA GLU H 69 5.94 8.86 -9.22
C GLU H 69 6.71 9.54 -10.33
N SER H 70 6.29 9.28 -11.56
CA SER H 70 6.94 9.85 -12.72
C SER H 70 6.75 11.36 -12.79
N TYR H 71 5.69 11.85 -12.15
CA TYR H 71 5.38 13.27 -12.12
C TYR H 71 5.14 13.69 -10.68
N PRO H 72 6.22 13.97 -9.94
CA PRO H 72 6.17 14.38 -8.53
C PRO H 72 5.27 15.58 -8.28
N GLU H 73 5.08 16.40 -9.31
CA GLU H 73 4.28 17.60 -9.22
C GLU H 73 2.78 17.44 -9.53
N LEU H 74 2.38 16.27 -10.01
CA LEU H 74 0.98 16.06 -10.38
C LEU H 74 -0.04 16.35 -9.29
N HIS H 75 0.15 15.76 -8.10
CA HIS H 75 -0.78 15.99 -6.98
C HIS H 75 -0.99 17.48 -6.74
N THR H 76 0.10 18.23 -6.67
CA THR H 76 0.04 19.66 -6.43
C THR H 76 -0.62 20.40 -7.60
N LEU H 77 -0.29 19.99 -8.82
CA LEU H 77 -0.86 20.61 -10.02
C LEU H 77 -2.38 20.50 -10.06
N VAL H 78 -2.92 19.32 -9.80
CA VAL H 78 -4.36 19.13 -9.83
C VAL H 78 -5.03 19.91 -8.71
N ASN H 79 -4.47 19.80 -7.51
CA ASN H 79 -5.02 20.51 -6.36
C ASN H 79 -5.05 22.02 -6.59
N GLU H 80 -4.03 22.54 -7.27
CA GLU H 80 -3.98 23.97 -7.57
C GLU H 80 -5.01 24.27 -8.66
N ALA H 81 -5.26 23.29 -9.51
CA ALA H 81 -6.21 23.44 -10.60
C ALA H 81 -7.64 23.57 -10.04
N VAL H 82 -8.01 22.66 -9.14
CA VAL H 82 -9.34 22.73 -8.56
C VAL H 82 -9.49 23.99 -7.70
N LYS H 83 -8.42 24.39 -7.02
CA LYS H 83 -8.46 25.60 -6.21
C LYS H 83 -8.62 26.83 -7.11
N ALA H 84 -8.01 26.80 -8.30
CA ALA H 84 -8.13 27.92 -9.23
C ALA H 84 -9.58 28.02 -9.75
N LEU H 85 -10.25 26.88 -9.86
CA LEU H 85 -11.64 26.88 -10.31
C LEU H 85 -12.51 27.45 -9.18
N SER H 86 -12.14 27.15 -7.93
CA SER H 86 -12.88 27.68 -6.80
C SER H 86 -12.75 29.20 -6.78
N ALA H 87 -11.59 29.70 -7.18
CA ALA H 87 -11.36 31.13 -7.20
C ALA H 87 -12.14 31.77 -8.34
N ALA H 88 -12.35 30.99 -9.40
CA ALA H 88 -13.11 31.48 -10.54
C ALA H 88 -14.58 31.61 -10.14
N LYS H 89 -15.04 30.72 -9.24
CA LYS H 89 -16.43 30.79 -8.79
C LYS H 89 -16.64 32.12 -8.09
N ALA H 90 -15.65 32.51 -7.29
CA ALA H 90 -15.74 33.75 -6.52
C ALA H 90 -15.26 35.01 -7.23
N SER H 91 -15.17 34.97 -8.56
CA SER H 91 -14.71 36.14 -9.30
C SER H 91 -15.45 36.37 -10.61
N THR H 92 -15.44 37.62 -11.07
CA THR H 92 -16.06 37.97 -12.34
C THR H 92 -14.94 38.32 -13.33
N ASP H 93 -13.71 38.31 -12.82
CA ASP H 93 -12.53 38.63 -13.63
C ASP H 93 -12.09 37.43 -14.47
N PRO H 94 -12.18 37.54 -15.80
CA PRO H 94 -11.80 36.49 -16.76
C PRO H 94 -10.41 35.92 -16.50
N ALA H 95 -9.57 36.71 -15.84
CA ALA H 95 -8.20 36.29 -15.54
C ALA H 95 -8.21 35.05 -14.67
N THR H 96 -9.17 34.95 -13.75
CA THR H 96 -9.26 33.78 -12.88
C THR H 96 -9.66 32.56 -13.69
N GLY H 97 -10.63 32.74 -14.59
CA GLY H 97 -11.07 31.64 -15.41
C GLY H 97 -9.91 31.17 -16.27
N GLN H 98 -9.10 32.12 -16.72
CA GLN H 98 -7.95 31.81 -17.56
C GLN H 98 -6.88 31.05 -16.77
N LYS H 99 -6.70 31.40 -15.50
CA LYS H 99 -5.72 30.72 -14.67
C LYS H 99 -6.05 29.22 -14.58
N ALA H 100 -7.33 28.91 -14.40
CA ALA H 100 -7.76 27.53 -14.31
C ALA H 100 -7.48 26.80 -15.63
N LEU H 101 -7.79 27.44 -16.76
CA LEU H 101 -7.56 26.86 -18.07
C LEU H 101 -6.09 26.53 -18.30
N ASP H 102 -5.21 27.37 -17.75
CA ASP H 102 -3.76 27.16 -17.87
C ASP H 102 -3.34 25.92 -17.08
N TYR H 103 -3.90 25.75 -15.89
CA TYR H 103 -3.58 24.58 -15.08
C TYR H 103 -4.09 23.31 -15.75
N ILE H 104 -5.26 23.42 -16.39
CA ILE H 104 -5.85 22.29 -17.07
C ILE H 104 -5.00 21.92 -18.28
N ALA H 105 -4.37 22.91 -18.88
CA ALA H 105 -3.51 22.68 -20.05
C ALA H 105 -2.30 21.87 -19.63
N GLN H 106 -1.74 22.20 -18.46
CA GLN H 106 -0.58 21.48 -17.96
C GLN H 106 -0.96 20.05 -17.63
N ILE H 107 -2.16 19.88 -17.07
CA ILE H 107 -2.65 18.55 -16.71
C ILE H 107 -2.91 17.76 -17.98
N ASP H 108 -3.48 18.42 -18.97
CA ASP H 108 -3.79 17.78 -20.25
C ASP H 108 -2.52 17.26 -20.91
N LYS H 109 -1.46 18.06 -20.84
CA LYS H 109 -0.17 17.68 -21.43
C LYS H 109 0.39 16.42 -20.78
N ILE H 110 0.36 16.37 -19.44
CA ILE H 110 0.84 15.18 -18.73
C ILE H 110 -0.05 13.99 -19.06
N PHE H 111 -1.35 14.23 -19.09
CA PHE H 111 -2.32 13.18 -19.40
C PHE H 111 -1.98 12.49 -20.71
N TRP H 112 -1.77 13.27 -21.77
CA TRP H 112 -1.47 12.70 -23.07
C TRP H 112 -0.11 12.00 -23.14
N GLU H 113 0.79 12.34 -22.22
CA GLU H 113 2.09 11.69 -22.19
C GLU H 113 1.95 10.31 -21.55
N THR H 114 1.10 10.22 -20.53
CA THR H 114 0.89 8.95 -19.85
C THR H 114 0.09 8.04 -20.78
N LYS H 115 -0.56 8.63 -21.77
CA LYS H 115 -1.35 7.87 -22.73
C LYS H 115 -0.46 7.32 -23.83
N LYS H 116 0.49 8.16 -24.27
CA LYS H 116 1.42 7.77 -25.33
C LYS H 116 2.49 6.84 -24.77
N ALA H 117 3.09 7.25 -23.65
CA ALA H 117 4.13 6.46 -23.00
C ALA H 117 3.59 5.06 -22.68
N HIS I 1 -17.81 23.09 3.10
CA HIS I 1 -17.77 22.03 2.07
C HIS I 1 -18.61 22.39 0.85
N CYS I 2 -19.28 23.54 0.92
CA CYS I 2 -20.14 24.01 -0.17
C CYS I 2 -19.38 24.90 -1.15
N ASP I 3 -18.12 25.19 -0.83
CA ASP I 3 -17.26 26.01 -1.67
C ASP I 3 -17.64 27.49 -1.80
N LEU I 4 -18.35 28.02 -0.80
CA LEU I 4 -18.71 29.44 -0.82
C LEU I 4 -17.45 30.30 -0.64
N PRO I 5 -16.58 29.94 0.31
CA PRO I 5 -16.69 28.79 1.23
C PRO I 5 -17.43 29.12 2.53
N CYS I 6 -18.06 28.11 3.13
CA CYS I 6 -18.82 28.30 4.36
C CYS I 6 -17.99 28.15 5.63
N GLY I 7 -16.91 27.38 5.56
CA GLY I 7 -16.08 27.18 6.73
C GLY I 7 -16.44 25.94 7.52
N VAL I 8 -17.46 25.22 7.08
CA VAL I 8 -17.92 24.01 7.75
C VAL I 8 -17.45 22.74 7.04
N TYR I 9 -16.61 21.97 7.71
CA TYR I 9 -16.08 20.72 7.15
C TYR I 9 -16.11 19.63 8.20
N ASP I 10 -16.28 18.39 7.77
CA ASP I 10 -16.32 17.27 8.71
C ASP I 10 -16.23 15.92 7.99
N PRO I 11 -15.09 15.21 8.15
CA PRO I 11 -14.92 13.91 7.51
C PRO I 11 -16.07 12.96 7.87
N ALA I 12 -16.89 13.35 8.84
CA ALA I 12 -18.03 12.55 9.26
C ALA I 12 -18.98 12.27 8.10
N GLN I 13 -19.14 13.25 7.22
CA GLN I 13 -20.02 13.08 6.06
C GLN I 13 -19.54 11.88 5.25
N ALA I 14 -18.23 11.84 5.01
CA ALA I 14 -17.63 10.75 4.25
C ALA I 14 -17.70 9.42 4.99
N ARG I 15 -17.44 9.44 6.29
CA ARG I 15 -17.48 8.21 7.08
C ARG I 15 -18.86 7.55 7.13
N ILE I 16 -19.90 8.35 7.33
CA ILE I 16 -21.26 7.81 7.40
C ILE I 16 -21.69 7.14 6.10
N GLU I 17 -21.28 7.70 4.96
CA GLU I 17 -21.64 7.11 3.68
C GLU I 17 -20.85 5.82 3.47
N ALA I 18 -19.62 5.81 3.97
CA ALA I 18 -18.75 4.65 3.85
C ALA I 18 -19.28 3.52 4.73
N GLU I 19 -19.95 3.90 5.81
CA GLU I 19 -20.51 2.91 6.73
C GLU I 19 -21.70 2.21 6.07
N SER I 20 -22.50 2.95 5.31
CA SER I 20 -23.64 2.35 4.62
C SER I 20 -23.09 1.37 3.59
N VAL I 21 -21.99 1.75 2.95
CA VAL I 21 -21.34 0.90 1.96
C VAL I 21 -21.00 -0.47 2.56
N LYS I 22 -20.38 -0.48 3.73
CA LYS I 22 -20.03 -1.75 4.37
C LYS I 22 -21.27 -2.49 4.84
N ALA I 23 -22.20 -1.75 5.44
CA ALA I 23 -23.44 -2.35 5.92
C ALA I 23 -24.16 -3.04 4.78
N ILE I 24 -24.12 -2.43 3.59
CA ILE I 24 -24.77 -3.00 2.42
C ILE I 24 -24.02 -4.24 1.95
N GLN I 25 -22.70 -4.19 1.97
CA GLN I 25 -21.91 -5.35 1.55
C GLN I 25 -22.23 -6.53 2.46
N GLU I 26 -22.40 -6.27 3.75
CA GLU I 26 -22.72 -7.32 4.71
C GLU I 26 -24.11 -7.89 4.47
N LYS I 27 -25.05 -7.03 4.08
CA LYS I 27 -26.40 -7.48 3.82
C LYS I 27 -26.51 -8.27 2.52
N MET I 28 -25.68 -7.91 1.53
CA MET I 28 -25.69 -8.59 0.25
C MET I 28 -25.30 -10.06 0.37
N ALA I 29 -24.30 -10.33 1.19
CA ALA I 29 -23.85 -11.71 1.39
C ALA I 29 -24.91 -12.60 2.00
N ALA I 30 -25.92 -12.00 2.64
CA ALA I 30 -26.96 -12.77 3.29
C ALA I 30 -28.26 -12.99 2.51
N ASN I 31 -28.50 -12.21 1.46
CA ASN I 31 -29.73 -12.36 0.67
C ASN I 31 -29.43 -12.37 -0.82
N ASP I 32 -29.23 -13.56 -1.38
CA ASP I 32 -28.93 -13.67 -2.81
C ASP I 32 -30.13 -13.50 -3.74
N ASP I 33 -31.22 -12.94 -3.23
CA ASP I 33 -32.39 -12.69 -4.07
C ASP I 33 -31.89 -11.74 -5.15
N LEU I 34 -32.14 -12.06 -6.42
CA LEU I 34 -31.70 -11.21 -7.53
C LEU I 34 -32.06 -9.73 -7.37
N HIS I 35 -33.33 -9.45 -7.12
CA HIS I 35 -33.81 -8.09 -6.97
C HIS I 35 -33.11 -7.36 -5.83
N PHE I 36 -32.87 -8.05 -4.72
CA PHE I 36 -32.19 -7.41 -3.59
C PHE I 36 -30.75 -7.10 -3.99
N GLN I 37 -30.13 -8.02 -4.74
CA GLN I 37 -28.76 -7.83 -5.20
C GLN I 37 -28.66 -6.60 -6.10
N ILE I 38 -29.65 -6.41 -6.96
CA ILE I 38 -29.65 -5.27 -7.86
C ILE I 38 -29.78 -3.97 -7.07
N ARG I 39 -30.78 -3.90 -6.19
CA ARG I 39 -31.00 -2.71 -5.37
C ARG I 39 -29.81 -2.39 -4.50
N ALA I 40 -29.23 -3.41 -3.87
CA ALA I 40 -28.08 -3.21 -3.00
C ALA I 40 -26.89 -2.66 -3.78
N THR I 41 -26.71 -3.17 -5.01
CA THR I 41 -25.62 -2.75 -5.87
C THR I 41 -25.81 -1.30 -6.29
N VAL I 42 -27.01 -0.98 -6.75
CA VAL I 42 -27.33 0.37 -7.18
C VAL I 42 -27.12 1.37 -6.04
N ILE I 43 -27.59 1.03 -4.85
CA ILE I 43 -27.48 1.90 -3.69
C ILE I 43 -26.06 2.00 -3.11
N LYS I 44 -25.29 0.92 -3.24
CA LYS I 44 -23.92 0.92 -2.73
C LYS I 44 -23.06 1.81 -3.60
N GLU I 45 -23.36 1.82 -4.90
CA GLU I 45 -22.62 2.63 -5.85
C GLU I 45 -22.81 4.11 -5.50
N GLN I 46 -24.05 4.47 -5.19
CA GLN I 46 -24.38 5.86 -4.85
C GLN I 46 -23.77 6.32 -3.52
N ARG I 47 -23.77 5.45 -2.52
CA ARG I 47 -23.20 5.84 -1.23
C ARG I 47 -21.69 5.99 -1.35
N ALA I 48 -21.06 5.11 -2.13
CA ALA I 48 -19.62 5.17 -2.30
C ALA I 48 -19.22 6.43 -3.07
N GLU I 49 -20.04 6.80 -4.04
CA GLU I 49 -19.78 7.99 -4.84
C GLU I 49 -19.86 9.24 -3.96
N LEU I 50 -20.87 9.30 -3.11
CA LEU I 50 -21.01 10.45 -2.21
C LEU I 50 -19.80 10.52 -1.29
N ALA I 51 -19.39 9.37 -0.77
CA ALA I 51 -18.25 9.29 0.13
C ALA I 51 -17.01 9.85 -0.58
N LYS I 52 -16.79 9.42 -1.82
CA LYS I 52 -15.65 9.89 -2.59
C LYS I 52 -15.75 11.39 -2.75
N HIS I 53 -16.96 11.86 -3.02
CA HIS I 53 -17.19 13.28 -3.21
C HIS I 53 -16.82 14.08 -1.97
N HIS I 54 -17.23 13.61 -0.80
CA HIS I 54 -16.93 14.32 0.44
C HIS I 54 -15.41 14.40 0.66
N LEU I 55 -14.70 13.32 0.34
CA LEU I 55 -13.25 13.29 0.49
C LEU I 55 -12.59 14.20 -0.52
N ASP I 56 -13.14 14.25 -1.73
CA ASP I 56 -12.59 15.11 -2.78
C ASP I 56 -12.67 16.57 -2.32
N VAL I 57 -13.79 16.93 -1.68
CA VAL I 57 -13.98 18.31 -1.20
C VAL I 57 -12.97 18.66 -0.11
N LEU I 58 -12.73 17.75 0.83
CA LEU I 58 -11.76 18.02 1.90
C LEU I 58 -10.40 18.30 1.28
N TRP I 59 -10.02 17.44 0.35
CA TRP I 59 -8.74 17.55 -0.34
C TRP I 59 -8.61 18.82 -1.16
N SER I 60 -9.65 19.17 -1.90
CA SER I 60 -9.62 20.36 -2.76
C SER I 60 -9.91 21.69 -2.07
N ASP I 61 -10.87 21.68 -1.16
CA ASP I 61 -11.29 22.90 -0.47
C ASP I 61 -10.71 23.17 0.92
N TYR I 62 -10.77 22.19 1.81
CA TYR I 62 -10.27 22.37 3.17
C TYR I 62 -8.75 22.43 3.30
N PHE I 63 -8.09 21.33 2.97
CA PHE I 63 -6.63 21.27 3.06
C PHE I 63 -5.96 22.30 2.17
N LYS I 64 -5.06 23.08 2.75
CA LYS I 64 -4.32 24.12 2.04
C LYS I 64 -2.85 23.70 1.90
N PRO I 65 -2.05 24.46 1.14
CA PRO I 65 -0.64 24.10 0.97
C PRO I 65 0.10 23.83 2.30
N PRO I 66 -0.12 24.66 3.33
CA PRO I 66 0.56 24.43 4.61
C PRO I 66 0.34 23.01 5.12
N HIS I 67 -0.90 22.56 5.02
CA HIS I 67 -1.29 21.23 5.46
C HIS I 67 -0.56 20.11 4.71
N PHE I 68 -0.46 20.26 3.40
CA PHE I 68 0.22 19.26 2.58
C PHE I 68 1.72 19.27 2.88
N GLU I 69 2.21 20.42 3.33
CA GLU I 69 3.62 20.57 3.66
C GLU I 69 3.94 19.85 4.96
N SER I 70 3.05 19.99 5.95
CA SER I 70 3.22 19.37 7.26
C SER I 70 2.92 17.88 7.20
N TYR I 71 2.15 17.47 6.20
CA TYR I 71 1.78 16.07 6.03
C TYR I 71 2.07 15.65 4.60
N PRO I 72 3.34 15.43 4.27
CA PRO I 72 3.80 15.03 2.94
C PRO I 72 3.08 13.83 2.33
N GLU I 73 2.40 13.04 3.17
CA GLU I 73 1.69 11.87 2.67
C GLU I 73 0.18 12.07 2.56
N LEU I 74 -0.28 13.31 2.77
CA LEU I 74 -1.71 13.58 2.70
C LEU I 74 -2.27 13.30 1.31
N HIS I 75 -1.64 13.85 0.28
CA HIS I 75 -2.11 13.63 -1.09
C HIS I 75 -2.33 12.14 -1.35
N THR I 76 -1.31 11.34 -1.07
CA THR I 76 -1.36 9.90 -1.28
C THR I 76 -2.46 9.24 -0.44
N LEU I 77 -2.60 9.69 0.79
CA LEU I 77 -3.62 9.13 1.68
C LEU I 77 -5.04 9.34 1.15
N VAL I 78 -5.35 10.56 0.72
CA VAL I 78 -6.69 10.82 0.21
C VAL I 78 -6.93 10.04 -1.10
N ASN I 79 -5.93 10.05 -1.98
CA ASN I 79 -6.03 9.35 -3.25
C ASN I 79 -6.30 7.87 -3.01
N GLU I 80 -5.60 7.28 -2.04
CA GLU I 80 -5.78 5.87 -1.70
C GLU I 80 -7.17 5.63 -1.15
N ALA I 81 -7.66 6.58 -0.37
CA ALA I 81 -8.98 6.48 0.26
C ALA I 81 -10.10 6.43 -0.79
N VAL I 82 -10.05 7.33 -1.75
CA VAL I 82 -11.08 7.37 -2.78
C VAL I 82 -10.93 6.18 -3.70
N LYS I 83 -9.70 5.70 -3.88
CA LYS I 83 -9.45 4.53 -4.71
C LYS I 83 -9.98 3.30 -3.97
N ALA I 84 -10.00 3.37 -2.65
CA ALA I 84 -10.50 2.28 -1.85
C ALA I 84 -12.01 2.24 -2.01
N LEU I 85 -12.61 3.42 -2.15
CA LEU I 85 -14.05 3.50 -2.34
C LEU I 85 -14.45 2.94 -3.71
N SER I 86 -13.68 3.21 -4.75
CA SER I 86 -13.97 2.67 -6.07
C SER I 86 -13.89 1.14 -6.02
N ALA I 87 -12.97 0.62 -5.20
CA ALA I 87 -12.81 -0.81 -5.05
C ALA I 87 -14.01 -1.39 -4.33
N ALA I 88 -14.55 -0.62 -3.38
CA ALA I 88 -15.73 -1.08 -2.64
C ALA I 88 -16.96 -1.11 -3.54
N LYS I 89 -17.01 -0.19 -4.51
CA LYS I 89 -18.13 -0.16 -5.46
C LYS I 89 -18.14 -1.47 -6.23
N ALA I 90 -16.97 -1.85 -6.74
CA ALA I 90 -16.82 -3.06 -7.53
C ALA I 90 -16.77 -4.36 -6.73
N SER I 91 -17.01 -4.29 -5.43
CA SER I 91 -16.95 -5.49 -4.58
C SER I 91 -18.11 -5.67 -3.60
N THR I 92 -18.41 -6.92 -3.29
CA THR I 92 -19.46 -7.26 -2.34
C THR I 92 -18.81 -7.75 -1.05
N ASP I 93 -17.48 -7.69 -1.00
CA ASP I 93 -16.72 -8.13 0.18
C ASP I 93 -16.61 -6.99 1.20
N PRO I 94 -17.30 -7.13 2.34
CA PRO I 94 -17.31 -6.14 3.41
C PRO I 94 -15.94 -5.60 3.79
N ALA I 95 -14.91 -6.39 3.51
CA ALA I 95 -13.53 -5.98 3.83
C ALA I 95 -13.12 -4.78 3.00
N THR I 96 -13.61 -4.70 1.77
CA THR I 96 -13.26 -3.56 0.93
C THR I 96 -13.86 -2.30 1.56
N GLY I 97 -15.09 -2.43 2.07
CA GLY I 97 -15.72 -1.30 2.71
C GLY I 97 -14.92 -0.88 3.94
N GLN I 98 -14.47 -1.87 4.71
CA GLN I 98 -13.68 -1.61 5.91
C GLN I 98 -12.36 -0.92 5.57
N LYS I 99 -11.72 -1.34 4.48
CA LYS I 99 -10.47 -0.71 4.10
C LYS I 99 -10.70 0.78 3.83
N ALA I 100 -11.84 1.10 3.24
CA ALA I 100 -12.15 2.51 2.96
C ALA I 100 -12.31 3.23 4.29
N LEU I 101 -13.11 2.66 5.19
CA LEU I 101 -13.34 3.24 6.50
C LEU I 101 -12.01 3.44 7.23
N ASP I 102 -11.08 2.52 7.05
CA ASP I 102 -9.78 2.62 7.70
C ASP I 102 -9.06 3.88 7.22
N TYR I 103 -8.99 4.08 5.89
CA TYR I 103 -8.33 5.27 5.35
C TYR I 103 -9.00 6.55 5.83
N ILE I 104 -10.33 6.54 5.89
CA ILE I 104 -11.09 7.70 6.33
C ILE I 104 -10.72 8.06 7.76
N ALA I 105 -10.48 7.04 8.59
CA ALA I 105 -10.10 7.26 9.98
C ALA I 105 -8.77 8.01 10.03
N GLN I 106 -7.81 7.55 9.22
CA GLN I 106 -6.50 8.18 9.17
C GLN I 106 -6.64 9.65 8.75
N ILE I 107 -7.48 9.90 7.74
CA ILE I 107 -7.68 11.26 7.25
C ILE I 107 -8.37 12.07 8.34
N ASP I 108 -9.27 11.44 9.07
CA ASP I 108 -9.98 12.10 10.15
C ASP I 108 -9.00 12.56 11.22
N LYS I 109 -8.02 11.73 11.54
CA LYS I 109 -7.02 12.06 12.56
C LYS I 109 -6.22 13.29 12.15
N ILE I 110 -5.82 13.34 10.89
CA ILE I 110 -5.06 14.48 10.38
C ILE I 110 -5.95 15.73 10.36
N PHE I 111 -7.21 15.55 10.00
CA PHE I 111 -8.15 16.66 9.94
C PHE I 111 -8.20 17.41 11.27
N TRP I 112 -8.49 16.68 12.34
CA TRP I 112 -8.58 17.29 13.67
C TRP I 112 -7.26 17.86 14.14
N GLU I 113 -6.15 17.28 13.71
CA GLU I 113 -4.85 17.79 14.10
C GLU I 113 -4.69 19.19 13.50
N THR I 114 -5.01 19.34 12.22
CA THR I 114 -4.91 20.63 11.55
C THR I 114 -5.86 21.63 12.20
N LYS I 115 -6.97 21.12 12.72
CA LYS I 115 -7.97 21.95 13.38
C LYS I 115 -7.45 22.51 14.70
N LYS I 116 -6.65 21.71 15.40
CA LYS I 116 -6.10 22.14 16.68
C LYS I 116 -4.76 22.83 16.49
N ALA I 117 -4.13 22.59 15.33
CA ALA I 117 -2.84 23.20 15.03
C ALA I 117 -2.98 24.71 14.92
N HIS J 1 -41.81 7.75 -19.09
CA HIS J 1 -40.94 8.96 -19.19
C HIS J 1 -39.54 8.73 -18.63
N CYS J 2 -39.33 7.56 -18.03
CA CYS J 2 -38.05 7.19 -17.43
C CYS J 2 -37.12 6.45 -18.38
N ASP J 3 -37.59 6.23 -19.61
CA ASP J 3 -36.81 5.57 -20.64
C ASP J 3 -36.52 4.07 -20.44
N LEU J 4 -37.38 3.39 -19.68
CA LEU J 4 -37.22 1.94 -19.46
C LEU J 4 -37.50 1.20 -20.77
N PRO J 5 -38.60 1.56 -21.46
CA PRO J 5 -39.59 2.60 -21.13
C PRO J 5 -40.69 2.05 -20.22
N CYS J 6 -41.25 2.93 -19.39
CA CYS J 6 -42.31 2.54 -18.45
C CYS J 6 -43.69 2.63 -19.10
N GLY J 7 -43.78 3.38 -20.20
CA GLY J 7 -45.05 3.55 -20.89
C GLY J 7 -45.96 4.61 -20.29
N VAL J 8 -45.46 5.32 -19.28
CA VAL J 8 -46.25 6.37 -18.62
C VAL J 8 -45.69 7.76 -18.95
N TYR J 9 -46.47 8.54 -19.69
CA TYR J 9 -46.08 9.89 -20.05
C TYR J 9 -47.23 10.85 -19.80
N ASP J 10 -46.91 12.14 -19.64
CA ASP J 10 -47.92 13.15 -19.40
C ASP J 10 -47.31 14.55 -19.45
N PRO J 11 -47.70 15.35 -20.46
CA PRO J 11 -47.20 16.72 -20.64
C PRO J 11 -47.49 17.58 -19.41
N ALA J 12 -48.29 17.05 -18.49
CA ALA J 12 -48.63 17.75 -17.27
C ALA J 12 -47.39 18.01 -16.43
N GLN J 13 -46.38 17.14 -16.55
CA GLN J 13 -45.14 17.34 -15.80
C GLN J 13 -44.50 18.66 -16.27
N ALA J 14 -44.44 18.84 -17.59
CA ALA J 14 -43.87 20.06 -18.17
C ALA J 14 -44.72 21.27 -17.80
N ARG J 15 -46.03 21.13 -17.92
CA ARG J 15 -46.95 22.22 -17.62
C ARG J 15 -46.85 22.72 -16.19
N ILE J 16 -46.79 21.80 -15.24
CA ILE J 16 -46.71 22.17 -13.83
C ILE J 16 -45.44 22.99 -13.54
N GLU J 17 -44.32 22.61 -14.14
CA GLU J 17 -43.09 23.36 -13.92
C GLU J 17 -43.20 24.75 -14.58
N ALA J 18 -43.72 24.79 -15.80
CA ALA J 18 -43.87 26.06 -16.51
C ALA J 18 -44.85 26.98 -15.77
N GLU J 19 -45.81 26.39 -15.06
CA GLU J 19 -46.76 27.19 -14.29
C GLU J 19 -46.01 27.88 -13.16
N SER J 20 -45.03 27.18 -12.58
CA SER J 20 -44.22 27.74 -11.51
C SER J 20 -43.36 28.85 -12.06
N VAL J 21 -42.83 28.66 -13.27
CA VAL J 21 -42.01 29.68 -13.90
C VAL J 21 -42.79 30.98 -14.01
N LYS J 22 -44.00 30.91 -14.58
CA LYS J 22 -44.85 32.09 -14.72
C LYS J 22 -45.26 32.68 -13.37
N ALA J 23 -45.69 31.84 -12.44
CA ALA J 23 -46.08 32.35 -11.13
C ALA J 23 -44.91 33.08 -10.46
N ILE J 24 -43.71 32.55 -10.60
CA ILE J 24 -42.55 33.20 -10.00
C ILE J 24 -42.33 34.55 -10.65
N GLN J 25 -42.43 34.61 -11.97
CA GLN J 25 -42.25 35.88 -12.67
C GLN J 25 -43.30 36.90 -12.20
N GLU J 26 -44.53 36.45 -11.98
CA GLU J 26 -45.59 37.35 -11.50
C GLU J 26 -45.25 37.93 -10.12
N LYS J 27 -44.62 37.12 -9.28
CA LYS J 27 -44.23 37.56 -7.94
C LYS J 27 -43.05 38.53 -7.98
N MET J 28 -42.13 38.30 -8.90
CA MET J 28 -40.95 39.15 -9.01
C MET J 28 -41.31 40.61 -9.23
N ALA J 29 -42.50 40.84 -9.78
CA ALA J 29 -42.97 42.19 -10.04
C ALA J 29 -43.45 42.86 -8.75
N ALA J 30 -43.92 42.06 -7.80
CA ALA J 30 -44.45 42.57 -6.54
C ALA J 30 -43.44 42.75 -5.40
N ASN J 31 -42.25 42.14 -5.51
CA ASN J 31 -41.26 42.27 -4.44
C ASN J 31 -39.88 42.64 -5.00
N ASP J 32 -39.45 43.87 -4.74
CA ASP J 32 -38.16 44.33 -5.25
C ASP J 32 -36.97 43.99 -4.35
N ASP J 33 -37.23 43.30 -3.24
CA ASP J 33 -36.18 42.90 -2.31
C ASP J 33 -35.08 42.16 -3.08
N LEU J 34 -33.83 42.56 -2.89
CA LEU J 34 -32.70 41.93 -3.58
C LEU J 34 -32.62 40.42 -3.36
N HIS J 35 -32.68 40.00 -2.10
CA HIS J 35 -32.59 38.58 -1.83
C HIS J 35 -33.75 37.78 -2.38
N PHE J 36 -34.93 38.40 -2.43
CA PHE J 36 -36.09 37.73 -2.99
C PHE J 36 -35.84 37.60 -4.50
N GLN J 37 -35.31 38.65 -5.10
CA GLN J 37 -35.00 38.62 -6.54
C GLN J 37 -33.97 37.53 -6.86
N ILE J 38 -32.99 37.34 -5.98
CA ILE J 38 -31.97 36.31 -6.21
C ILE J 38 -32.58 34.92 -6.14
N ARG J 39 -33.32 34.63 -5.08
CA ARG J 39 -33.94 33.32 -4.90
C ARG J 39 -34.94 33.01 -6.00
N ALA J 40 -35.75 34.00 -6.35
CA ALA J 40 -36.75 33.82 -7.39
C ALA J 40 -36.09 33.43 -8.72
N THR J 41 -35.01 34.14 -9.06
CA THR J 41 -34.27 33.87 -10.28
C THR J 41 -33.69 32.46 -10.26
N VAL J 42 -33.05 32.12 -9.15
CA VAL J 42 -32.43 30.81 -8.97
C VAL J 42 -33.47 29.71 -9.14
N ILE J 43 -34.59 29.85 -8.45
CA ILE J 43 -35.62 28.85 -8.52
C ILE J 43 -36.30 28.79 -9.88
N LYS J 44 -36.53 29.94 -10.49
CA LYS J 44 -37.15 29.97 -11.83
C LYS J 44 -36.25 29.20 -12.80
N GLU J 45 -34.94 29.38 -12.64
CA GLU J 45 -33.97 28.71 -13.50
C GLU J 45 -34.14 27.19 -13.44
N GLN J 46 -34.26 26.65 -12.22
CA GLN J 46 -34.44 25.22 -12.02
C GLN J 46 -35.78 24.67 -12.53
N ARG J 47 -36.88 25.37 -12.30
CA ARG J 47 -38.17 24.87 -12.77
C ARG J 47 -38.24 24.85 -14.29
N ALA J 48 -37.71 25.89 -14.92
CA ALA J 48 -37.69 25.97 -16.38
C ALA J 48 -36.85 24.82 -16.94
N GLU J 49 -35.72 24.55 -16.29
CA GLU J 49 -34.83 23.48 -16.71
C GLU J 49 -35.56 22.14 -16.67
N LEU J 50 -36.33 21.93 -15.60
CA LEU J 50 -37.10 20.70 -15.46
C LEU J 50 -38.15 20.64 -16.57
N ALA J 51 -38.80 21.76 -16.84
CA ALA J 51 -39.82 21.78 -17.90
C ALA J 51 -39.18 21.42 -19.24
N LYS J 52 -37.98 21.93 -19.51
CA LYS J 52 -37.29 21.63 -20.77
C LYS J 52 -37.02 20.14 -20.85
N HIS J 53 -36.51 19.59 -19.75
CA HIS J 53 -36.21 18.17 -19.68
C HIS J 53 -37.47 17.34 -19.98
N HIS J 54 -38.59 17.67 -19.33
CA HIS J 54 -39.80 16.90 -19.57
C HIS J 54 -40.22 16.93 -21.04
N LEU J 55 -40.05 18.08 -21.69
CA LEU J 55 -40.40 18.18 -23.11
C LEU J 55 -39.41 17.41 -23.97
N ASP J 56 -38.14 17.44 -23.59
CA ASP J 56 -37.12 16.71 -24.36
C ASP J 56 -37.42 15.21 -24.33
N VAL J 57 -37.90 14.72 -23.19
CA VAL J 57 -38.24 13.31 -23.04
C VAL J 57 -39.46 12.93 -23.88
N LEU J 58 -40.44 13.83 -23.98
CA LEU J 58 -41.62 13.55 -24.80
C LEU J 58 -41.18 13.43 -26.25
N TRP J 59 -40.31 14.34 -26.66
CA TRP J 59 -39.79 14.38 -28.02
C TRP J 59 -38.88 13.19 -28.38
N SER J 60 -37.96 12.87 -27.49
CA SER J 60 -37.03 11.77 -27.75
C SER J 60 -37.56 10.37 -27.47
N ASP J 61 -38.36 10.23 -26.42
CA ASP J 61 -38.88 8.93 -26.02
C ASP J 61 -40.30 8.58 -26.44
N TYR J 62 -41.24 9.49 -26.16
CA TYR J 62 -42.64 9.19 -26.49
C TYR J 62 -42.98 9.30 -27.98
N PHE J 63 -42.78 10.48 -28.56
CA PHE J 63 -43.10 10.66 -29.97
C PHE J 63 -42.23 9.80 -30.89
N LYS J 64 -42.88 9.11 -31.81
CA LYS J 64 -42.22 8.21 -32.77
C LYS J 64 -42.40 8.72 -34.20
N PRO J 65 -41.62 8.18 -35.15
CA PRO J 65 -41.70 8.61 -36.56
C PRO J 65 -43.12 8.75 -37.14
N PRO J 66 -44.04 7.83 -36.82
CA PRO J 66 -45.39 7.96 -37.37
C PRO J 66 -46.06 9.25 -36.87
N HIS J 67 -45.69 9.65 -35.66
CA HIS J 67 -46.23 10.85 -35.05
C HIS J 67 -45.70 12.07 -35.80
N PHE J 68 -44.39 12.12 -36.00
CA PHE J 68 -43.80 13.25 -36.70
C PHE J 68 -44.31 13.30 -38.13
N GLU J 69 -44.80 12.16 -38.63
CA GLU J 69 -45.35 12.08 -39.98
C GLU J 69 -46.75 12.67 -39.98
N SER J 70 -47.56 12.29 -39.00
CA SER J 70 -48.93 12.79 -38.89
C SER J 70 -48.96 14.27 -38.52
N TYR J 71 -47.96 14.71 -37.74
CA TYR J 71 -47.88 16.11 -37.32
C TYR J 71 -46.56 16.71 -37.77
N PRO J 72 -46.48 17.14 -39.04
CA PRO J 72 -45.27 17.74 -39.61
C PRO J 72 -44.76 18.96 -38.85
N GLU J 73 -45.62 19.57 -38.05
CA GLU J 73 -45.22 20.75 -37.28
C GLU J 73 -44.64 20.42 -35.90
N LEU J 74 -44.79 19.15 -35.48
CA LEU J 74 -44.32 18.73 -34.16
C LEU J 74 -42.87 19.09 -33.81
N HIS J 75 -41.92 18.72 -34.65
CA HIS J 75 -40.52 19.04 -34.35
C HIS J 75 -40.32 20.51 -34.02
N THR J 76 -40.84 21.37 -34.90
CA THR J 76 -40.71 22.80 -34.72
C THR J 76 -41.42 23.28 -33.47
N LEU J 77 -42.60 22.73 -33.22
CA LEU J 77 -43.38 23.09 -32.06
C LEU J 77 -42.61 22.80 -30.76
N VAL J 78 -42.11 21.58 -30.60
CA VAL J 78 -41.38 21.23 -29.40
C VAL J 78 -40.11 22.09 -29.31
N ASN J 79 -39.39 22.24 -30.42
CA ASN J 79 -38.18 23.04 -30.41
C ASN J 79 -38.47 24.47 -29.97
N GLU J 80 -39.56 25.06 -30.48
CA GLU J 80 -39.93 26.41 -30.08
C GLU J 80 -40.37 26.45 -28.62
N ALA J 81 -40.99 25.37 -28.14
CA ALA J 81 -41.40 25.35 -26.73
C ALA J 81 -40.19 25.35 -25.78
N VAL J 82 -39.16 24.57 -26.09
CA VAL J 82 -37.99 24.56 -25.22
C VAL J 82 -37.22 25.88 -25.31
N LYS J 83 -37.22 26.49 -26.49
CA LYS J 83 -36.56 27.80 -26.65
C LYS J 83 -37.35 28.85 -25.87
N ALA J 84 -38.67 28.69 -25.81
CA ALA J 84 -39.53 29.60 -25.08
C ALA J 84 -39.20 29.49 -23.57
N LEU J 85 -38.87 28.28 -23.12
CA LEU J 85 -38.52 28.09 -21.71
C LEU J 85 -37.16 28.72 -21.47
N SER J 86 -36.24 28.57 -22.43
CA SER J 86 -34.93 29.18 -22.29
C SER J 86 -35.12 30.69 -22.17
N ALA J 87 -36.01 31.24 -23.00
CA ALA J 87 -36.29 32.67 -22.96
C ALA J 87 -36.89 33.11 -21.61
N ALA J 88 -37.72 32.26 -21.00
CA ALA J 88 -38.31 32.58 -19.70
C ALA J 88 -37.24 32.57 -18.59
N LYS J 89 -36.22 31.74 -18.73
CA LYS J 89 -35.13 31.71 -17.75
C LYS J 89 -34.46 33.08 -17.72
N ALA J 90 -34.25 33.64 -18.91
CA ALA J 90 -33.57 34.92 -19.06
C ALA J 90 -34.44 36.15 -18.81
N SER J 91 -35.66 35.95 -18.38
CA SER J 91 -36.57 37.07 -18.19
C SER J 91 -37.43 37.04 -16.94
N THR J 92 -37.83 38.23 -16.47
CA THR J 92 -38.71 38.34 -15.32
C THR J 92 -40.10 38.70 -15.84
N ASP J 93 -40.24 38.87 -17.15
CA ASP J 93 -41.53 39.20 -17.76
C ASP J 93 -42.44 37.97 -17.80
N PRO J 94 -43.61 38.03 -17.15
CA PRO J 94 -44.56 36.90 -17.12
C PRO J 94 -44.99 36.46 -18.53
N ALA J 95 -44.86 37.36 -19.50
CA ALA J 95 -45.21 37.04 -20.88
C ALA J 95 -44.35 35.90 -21.42
N THR J 96 -43.09 35.84 -21.00
CA THR J 96 -42.22 34.78 -21.49
C THR J 96 -42.69 33.45 -20.89
N GLY J 97 -43.09 33.47 -19.62
CA GLY J 97 -43.57 32.24 -19.01
C GLY J 97 -44.86 31.81 -19.70
N GLN J 98 -45.69 32.79 -20.04
CA GLN J 98 -46.96 32.52 -20.71
C GLN J 98 -46.76 31.85 -22.07
N LYS J 99 -45.80 32.35 -22.83
CA LYS J 99 -45.52 31.82 -24.16
C LYS J 99 -45.15 30.33 -24.10
N ALA J 100 -44.33 29.97 -23.11
CA ALA J 100 -43.93 28.58 -22.94
C ALA J 100 -45.18 27.75 -22.64
N LEU J 101 -46.02 28.26 -21.75
CA LEU J 101 -47.24 27.56 -21.37
C LEU J 101 -48.18 27.34 -22.55
N ASP J 102 -48.25 28.32 -23.44
CA ASP J 102 -49.12 28.20 -24.60
C ASP J 102 -48.61 27.13 -25.55
N TYR J 103 -47.30 27.04 -25.74
CA TYR J 103 -46.73 26.00 -26.61
C TYR J 103 -46.94 24.62 -26.00
N ILE J 104 -46.77 24.53 -24.69
CA ILE J 104 -46.96 23.27 -24.00
C ILE J 104 -48.40 22.81 -24.17
N ALA J 105 -49.35 23.75 -24.11
CA ALA J 105 -50.76 23.42 -24.27
C ALA J 105 -51.00 22.83 -25.66
N GLN J 106 -50.28 23.35 -26.65
CA GLN J 106 -50.39 22.85 -28.02
C GLN J 106 -49.86 21.41 -28.11
N ILE J 107 -48.69 21.20 -27.50
CA ILE J 107 -48.06 19.87 -27.51
C ILE J 107 -48.99 18.90 -26.79
N ASP J 108 -49.58 19.37 -25.70
CA ASP J 108 -50.49 18.53 -24.92
C ASP J 108 -51.69 18.06 -25.74
N LYS J 109 -52.22 18.94 -26.60
CA LYS J 109 -53.36 18.58 -27.42
C LYS J 109 -52.97 17.48 -28.40
N ILE J 110 -51.82 17.65 -29.05
CA ILE J 110 -51.34 16.65 -29.98
C ILE J 110 -51.06 15.33 -29.24
N PHE J 111 -50.52 15.44 -28.03
CA PHE J 111 -50.20 14.26 -27.23
C PHE J 111 -51.45 13.40 -27.00
N TRP J 112 -52.55 14.04 -26.60
CA TRP J 112 -53.76 13.29 -26.34
C TRP J 112 -54.37 12.72 -27.61
N GLU J 113 -54.10 13.35 -28.75
CA GLU J 113 -54.62 12.86 -30.01
C GLU J 113 -53.89 11.58 -30.39
N THR J 114 -52.60 11.51 -30.09
CA THR J 114 -51.82 10.31 -30.38
C THR J 114 -52.20 9.20 -29.41
N LYS J 115 -52.72 9.58 -28.25
CA LYS J 115 -53.13 8.60 -27.25
C LYS J 115 -54.46 7.98 -27.65
N LYS J 116 -55.34 8.79 -28.24
CA LYS J 116 -56.66 8.31 -28.66
C LYS J 116 -56.51 7.34 -29.83
N ALA J 117 -55.48 7.56 -30.65
CA ALA J 117 -55.23 6.71 -31.81
C ALA J 117 -54.88 5.28 -31.37
N HIS K 1 -23.78 26.00 -23.58
CA HIS K 1 -24.52 24.73 -23.37
C HIS K 1 -25.13 24.72 -21.96
N CYS K 2 -24.90 25.80 -21.24
CA CYS K 2 -25.39 25.97 -19.88
C CYS K 2 -26.69 26.77 -19.88
N ASP K 3 -27.05 27.28 -21.07
CA ASP K 3 -28.28 28.04 -21.27
C ASP K 3 -28.27 29.47 -20.73
N LEU K 4 -27.10 30.04 -20.46
CA LEU K 4 -27.04 31.41 -19.96
C LEU K 4 -27.58 32.38 -21.02
N PRO K 5 -27.17 32.22 -22.29
CA PRO K 5 -26.25 31.21 -22.81
C PRO K 5 -24.78 31.62 -22.66
N CYS K 6 -23.87 30.66 -22.82
CA CYS K 6 -22.45 30.95 -22.66
C CYS K 6 -21.68 30.99 -23.99
N GLY K 7 -22.27 30.44 -25.04
CA GLY K 7 -21.61 30.43 -26.34
C GLY K 7 -20.67 29.24 -26.55
N VAL K 8 -20.50 28.41 -25.52
CA VAL K 8 -19.62 27.25 -25.61
C VAL K 8 -20.42 25.95 -25.81
N TYR K 9 -20.23 25.32 -26.97
CA TYR K 9 -20.91 24.08 -27.33
C TYR K 9 -19.92 23.18 -28.05
N ASP K 10 -20.13 21.87 -27.97
CA ASP K 10 -19.25 20.90 -28.64
C ASP K 10 -19.83 19.50 -28.58
N PRO K 11 -20.17 18.91 -29.74
CA PRO K 11 -20.72 17.55 -29.80
C PRO K 11 -19.84 16.52 -29.08
N ALA K 12 -18.61 16.92 -28.76
CA ALA K 12 -17.67 16.04 -28.06
C ALA K 12 -18.19 15.60 -26.70
N GLN K 13 -19.00 16.45 -26.06
CA GLN K 13 -19.55 16.08 -24.77
C GLN K 13 -20.41 14.84 -24.94
N ALA K 14 -21.18 14.82 -26.03
CA ALA K 14 -22.02 13.66 -26.33
C ALA K 14 -21.16 12.48 -26.75
N ARG K 15 -20.23 12.72 -27.66
CA ARG K 15 -19.36 11.63 -28.15
C ARG K 15 -18.62 10.90 -27.03
N ILE K 16 -17.97 11.64 -26.13
CA ILE K 16 -17.21 11.03 -25.04
C ILE K 16 -18.09 10.10 -24.19
N GLU K 17 -19.34 10.52 -23.95
CA GLU K 17 -20.24 9.70 -23.16
C GLU K 17 -20.68 8.47 -23.96
N ALA K 18 -20.93 8.65 -25.25
CA ALA K 18 -21.33 7.52 -26.10
C ALA K 18 -20.16 6.55 -26.19
N GLU K 19 -18.94 7.07 -26.10
CA GLU K 19 -17.77 6.21 -26.16
C GLU K 19 -17.74 5.28 -24.95
N SER K 20 -18.09 5.81 -23.78
CA SER K 20 -18.12 4.98 -22.57
C SER K 20 -19.19 3.91 -22.72
N VAL K 21 -20.31 4.27 -23.34
CA VAL K 21 -21.40 3.33 -23.53
C VAL K 21 -20.91 2.13 -24.35
N LYS K 22 -20.21 2.40 -25.45
CA LYS K 22 -19.73 1.30 -26.28
C LYS K 22 -18.63 0.49 -25.58
N ALA K 23 -17.75 1.18 -24.87
CA ALA K 23 -16.68 0.51 -24.17
C ALA K 23 -17.25 -0.40 -23.08
N ILE K 24 -18.30 0.07 -22.42
CA ILE K 24 -18.94 -0.72 -21.37
C ILE K 24 -19.58 -1.96 -21.98
N GLN K 25 -20.24 -1.79 -23.12
CA GLN K 25 -20.88 -2.92 -23.78
C GLN K 25 -19.84 -3.98 -24.16
N GLU K 26 -18.65 -3.54 -24.55
CA GLU K 26 -17.60 -4.49 -24.90
C GLU K 26 -17.13 -5.24 -23.66
N LYS K 27 -16.98 -4.54 -22.55
CA LYS K 27 -16.56 -5.19 -21.32
C LYS K 27 -17.62 -6.19 -20.88
N MET K 28 -18.88 -5.88 -21.13
CA MET K 28 -19.96 -6.77 -20.75
C MET K 28 -19.89 -8.07 -21.52
N ALA K 29 -19.37 -7.99 -22.74
CA ALA K 29 -19.25 -9.16 -23.59
C ALA K 29 -18.13 -10.10 -23.09
N ALA K 30 -17.18 -9.54 -22.35
CA ALA K 30 -16.06 -10.32 -21.85
C ALA K 30 -16.18 -10.83 -20.41
N ASN K 31 -17.19 -10.36 -19.66
CA ASN K 31 -17.35 -10.80 -18.28
C ASN K 31 -18.81 -10.99 -17.90
N ASP K 32 -19.21 -12.23 -17.67
CA ASP K 32 -20.59 -12.54 -17.33
C ASP K 32 -20.93 -12.57 -15.84
N ASP K 33 -20.01 -12.12 -14.99
CA ASP K 33 -20.29 -12.11 -13.56
C ASP K 33 -21.54 -11.26 -13.31
N LEU K 34 -22.49 -11.80 -12.56
CA LEU K 34 -23.73 -11.10 -12.25
C LEU K 34 -23.55 -9.67 -11.73
N HIS K 35 -22.71 -9.52 -10.71
CA HIS K 35 -22.48 -8.18 -10.10
C HIS K 35 -21.82 -7.21 -11.06
N PHE K 36 -20.96 -7.69 -11.95
CA PHE K 36 -20.32 -6.82 -12.91
C PHE K 36 -21.38 -6.37 -13.88
N GLN K 37 -22.21 -7.32 -14.29
CA GLN K 37 -23.29 -7.06 -15.23
C GLN K 37 -24.25 -6.02 -14.64
N ILE K 38 -24.48 -6.07 -13.33
CA ILE K 38 -25.37 -5.11 -12.69
C ILE K 38 -24.78 -3.71 -12.72
N ARG K 39 -23.53 -3.57 -12.28
CA ARG K 39 -22.85 -2.28 -12.24
C ARG K 39 -22.70 -1.69 -13.63
N ALA K 40 -22.32 -2.54 -14.59
CA ALA K 40 -22.12 -2.11 -15.97
C ALA K 40 -23.42 -1.59 -16.57
N THR K 41 -24.52 -2.28 -16.27
CA THR K 41 -25.81 -1.88 -16.79
C THR K 41 -26.21 -0.53 -16.20
N VAL K 42 -26.01 -0.38 -14.90
CA VAL K 42 -26.34 0.85 -14.20
C VAL K 42 -25.53 2.04 -14.70
N ILE K 43 -24.24 1.82 -14.90
CA ILE K 43 -23.35 2.87 -15.37
C ILE K 43 -23.59 3.23 -16.83
N LYS K 44 -23.90 2.23 -17.66
CA LYS K 44 -24.17 2.47 -19.08
C LYS K 44 -25.45 3.32 -19.22
N GLU K 45 -26.41 3.03 -18.37
CA GLU K 45 -27.67 3.76 -18.38
C GLU K 45 -27.38 5.26 -18.11
N GLN K 46 -26.54 5.52 -17.12
CA GLN K 46 -26.18 6.89 -16.76
C GLN K 46 -25.42 7.62 -17.87
N ARG K 47 -24.46 6.94 -18.50
CA ARG K 47 -23.69 7.59 -19.56
C ARG K 47 -24.55 7.86 -20.80
N ALA K 48 -25.40 6.89 -21.16
CA ALA K 48 -26.26 7.06 -22.33
C ALA K 48 -27.21 8.23 -22.10
N GLU K 49 -27.69 8.37 -20.86
CA GLU K 49 -28.60 9.45 -20.51
C GLU K 49 -27.89 10.80 -20.63
N LEU K 50 -26.63 10.87 -20.20
CA LEU K 50 -25.88 12.11 -20.29
C LEU K 50 -25.61 12.46 -21.76
N ALA K 51 -25.39 11.44 -22.57
CA ALA K 51 -25.15 11.65 -24.00
C ALA K 51 -26.40 12.20 -24.67
N LYS K 52 -27.56 11.72 -24.24
CA LYS K 52 -28.83 12.18 -24.80
C LYS K 52 -29.06 13.63 -24.38
N HIS K 53 -28.71 13.93 -23.14
CA HIS K 53 -28.86 15.27 -22.62
C HIS K 53 -27.99 16.23 -23.43
N HIS K 54 -26.75 15.85 -23.72
CA HIS K 54 -25.89 16.73 -24.50
C HIS K 54 -26.43 16.98 -25.90
N LEU K 55 -27.00 15.96 -26.52
CA LEU K 55 -27.57 16.11 -27.86
C LEU K 55 -28.82 16.99 -27.78
N ASP K 56 -29.65 16.77 -26.76
CA ASP K 56 -30.86 17.56 -26.58
C ASP K 56 -30.52 19.03 -26.45
N VAL K 57 -29.46 19.34 -25.71
CA VAL K 57 -29.03 20.73 -25.52
C VAL K 57 -28.56 21.36 -26.84
N LEU K 58 -27.85 20.60 -27.67
CA LEU K 58 -27.42 21.14 -28.96
C LEU K 58 -28.65 21.45 -29.82
N TRP K 59 -29.61 20.54 -29.79
CA TRP K 59 -30.84 20.67 -30.56
C TRP K 59 -31.68 21.86 -30.10
N SER K 60 -31.85 21.99 -28.79
CA SER K 60 -32.67 23.06 -28.25
C SER K 60 -31.98 24.42 -28.09
N ASP K 61 -30.72 24.41 -27.69
CA ASP K 61 -30.00 25.67 -27.45
C ASP K 61 -29.07 26.17 -28.55
N TYR K 62 -28.31 25.29 -29.17
CA TYR K 62 -27.38 25.72 -30.22
C TYR K 62 -28.01 25.90 -31.60
N PHE K 63 -28.62 24.84 -32.12
CA PHE K 63 -29.25 24.94 -33.43
C PHE K 63 -30.42 25.91 -33.43
N LYS K 64 -30.42 26.79 -34.43
CA LYS K 64 -31.45 27.81 -34.60
C LYS K 64 -32.26 27.54 -35.86
N PRO K 65 -33.43 28.19 -35.98
CA PRO K 65 -34.30 28.01 -37.16
C PRO K 65 -33.58 28.01 -38.51
N PRO K 66 -32.63 28.93 -38.72
CA PRO K 66 -31.91 28.95 -40.00
C PRO K 66 -31.21 27.62 -40.26
N HIS K 67 -30.63 27.04 -39.21
CA HIS K 67 -29.95 25.76 -39.32
C HIS K 67 -30.90 24.65 -39.74
N PHE K 68 -32.08 24.62 -39.13
CA PHE K 68 -33.07 23.60 -39.48
C PHE K 68 -33.56 23.77 -40.91
N GLU K 69 -33.41 24.97 -41.44
CA GLU K 69 -33.83 25.25 -42.81
C GLU K 69 -32.72 24.80 -43.76
N SER K 70 -31.49 25.10 -43.40
CA SER K 70 -30.33 24.71 -44.21
C SER K 70 -30.19 23.19 -44.25
N TYR K 71 -30.56 22.55 -43.15
CA TYR K 71 -30.47 21.09 -43.06
C TYR K 71 -31.83 20.57 -42.64
N PRO K 72 -32.74 20.35 -43.62
CA PRO K 72 -34.09 19.86 -43.40
C PRO K 72 -34.17 18.52 -42.68
N GLU K 73 -33.05 17.81 -42.63
CA GLU K 73 -33.03 16.50 -41.99
C GLU K 73 -32.47 16.50 -40.57
N LEU K 74 -31.95 17.65 -40.12
CA LEU K 74 -31.37 17.76 -38.79
C LEU K 74 -32.30 17.31 -37.67
N HIS K 75 -33.56 17.73 -37.70
CA HIS K 75 -34.50 17.33 -36.65
C HIS K 75 -34.52 15.81 -36.54
N THR K 76 -34.73 15.13 -37.67
CA THR K 76 -34.81 13.68 -37.70
C THR K 76 -33.49 13.02 -37.26
N LEU K 77 -32.37 13.58 -37.68
CA LEU K 77 -31.07 13.05 -37.32
C LEU K 77 -30.87 13.06 -35.80
N VAL K 78 -31.11 14.20 -35.17
CA VAL K 78 -30.93 14.28 -33.73
C VAL K 78 -31.91 13.35 -33.01
N ASN K 79 -33.15 13.31 -33.49
CA ASN K 79 -34.14 12.44 -32.85
C ASN K 79 -33.74 10.97 -32.94
N GLU K 80 -33.22 10.56 -34.10
CA GLU K 80 -32.79 9.18 -34.28
C GLU K 80 -31.57 8.93 -33.38
N ALA K 81 -30.71 9.92 -33.27
CA ALA K 81 -29.51 9.78 -32.45
C ALA K 81 -29.88 9.52 -30.98
N VAL K 82 -30.81 10.30 -30.43
CA VAL K 82 -31.18 10.10 -29.04
C VAL K 82 -31.90 8.76 -28.88
N LYS K 83 -32.69 8.38 -29.87
CA LYS K 83 -33.40 7.10 -29.79
C LYS K 83 -32.39 5.95 -29.88
N ALA K 84 -31.32 6.14 -30.64
CA ALA K 84 -30.30 5.12 -30.78
C ALA K 84 -29.61 4.95 -29.42
N LEU K 85 -29.48 6.05 -28.68
CA LEU K 85 -28.88 5.99 -27.34
C LEU K 85 -29.82 5.25 -26.38
N SER K 86 -31.12 5.45 -26.55
CA SER K 86 -32.09 4.75 -25.71
C SER K 86 -32.00 3.25 -26.00
N ALA K 87 -31.73 2.91 -27.25
CA ALA K 87 -31.60 1.52 -27.66
C ALA K 87 -30.34 0.93 -27.03
N ALA K 88 -29.26 1.72 -27.01
CA ALA K 88 -28.00 1.28 -26.40
C ALA K 88 -28.19 1.01 -24.91
N LYS K 89 -29.07 1.78 -24.26
CA LYS K 89 -29.34 1.57 -22.84
C LYS K 89 -29.92 0.17 -22.62
N ALA K 90 -30.79 -0.25 -23.54
CA ALA K 90 -31.43 -1.55 -23.41
C ALA K 90 -30.70 -2.66 -24.16
N SER K 91 -29.39 -2.50 -24.38
CA SER K 91 -28.63 -3.51 -25.09
C SER K 91 -27.18 -3.67 -24.61
N THR K 92 -26.66 -4.88 -24.74
CA THR K 92 -25.28 -5.16 -24.34
C THR K 92 -24.43 -5.34 -25.61
N ASP K 93 -25.08 -5.22 -26.77
CA ASP K 93 -24.42 -5.37 -28.07
C ASP K 93 -23.66 -4.10 -28.47
N PRO K 94 -22.32 -4.16 -28.51
CA PRO K 94 -21.48 -3.00 -28.88
C PRO K 94 -21.96 -2.32 -30.15
N ALA K 95 -22.68 -3.07 -30.99
CA ALA K 95 -23.19 -2.51 -32.24
C ALA K 95 -24.15 -1.36 -32.00
N THR K 96 -24.98 -1.47 -30.96
CA THR K 96 -25.93 -0.39 -30.68
C THR K 96 -25.16 0.86 -30.24
N GLY K 97 -24.10 0.65 -29.48
CA GLY K 97 -23.30 1.77 -29.04
C GLY K 97 -22.63 2.44 -30.23
N GLN K 98 -22.12 1.63 -31.15
CA GLN K 98 -21.46 2.17 -32.34
C GLN K 98 -22.45 2.94 -33.22
N LYS K 99 -23.68 2.43 -33.31
CA LYS K 99 -24.70 3.08 -34.11
C LYS K 99 -24.97 4.50 -33.59
N ALA K 100 -25.02 4.64 -32.27
CA ALA K 100 -25.25 5.95 -31.67
C ALA K 100 -24.05 6.82 -32.04
N LEU K 101 -22.85 6.27 -31.92
CA LEU K 101 -21.65 7.01 -32.26
C LEU K 101 -21.71 7.50 -33.71
N ASP K 102 -22.29 6.69 -34.59
CA ASP K 102 -22.41 7.06 -35.99
C ASP K 102 -23.28 8.30 -36.17
N TYR K 103 -24.43 8.33 -35.50
CA TYR K 103 -25.33 9.48 -35.59
C TYR K 103 -24.67 10.72 -35.01
N ILE K 104 -23.93 10.55 -33.93
CA ILE K 104 -23.25 11.67 -33.30
C ILE K 104 -22.20 12.24 -34.26
N ALA K 105 -21.52 11.36 -34.98
CA ALA K 105 -20.50 11.79 -35.94
C ALA K 105 -21.17 12.65 -37.01
N GLN K 106 -22.34 12.24 -37.49
CA GLN K 106 -23.08 12.98 -38.50
C GLN K 106 -23.51 14.35 -38.00
N ILE K 107 -23.89 14.42 -36.72
CA ILE K 107 -24.31 15.68 -36.12
C ILE K 107 -23.09 16.57 -35.92
N ASP K 108 -21.95 15.97 -35.62
CA ASP K 108 -20.73 16.71 -35.40
C ASP K 108 -20.29 17.40 -36.69
N LYS K 109 -20.49 16.73 -37.81
CA LYS K 109 -20.13 17.29 -39.11
C LYS K 109 -20.97 18.54 -39.36
N ILE K 110 -22.28 18.41 -39.25
CA ILE K 110 -23.19 19.53 -39.46
C ILE K 110 -22.90 20.66 -38.48
N PHE K 111 -22.61 20.30 -37.22
CA PHE K 111 -22.31 21.30 -36.20
C PHE K 111 -21.15 22.18 -36.65
N TRP K 112 -20.05 21.55 -37.08
CA TRP K 112 -18.88 22.32 -37.50
C TRP K 112 -19.07 23.06 -38.81
N GLU K 113 -20.01 22.62 -39.63
CA GLU K 113 -20.29 23.31 -40.89
C GLU K 113 -20.94 24.65 -40.55
N THR K 114 -21.77 24.66 -39.51
CA THR K 114 -22.44 25.89 -39.09
C THR K 114 -21.47 26.80 -38.36
N LYS K 115 -20.35 26.25 -37.92
CA LYS K 115 -19.35 27.02 -37.20
C LYS K 115 -18.40 27.73 -38.16
N LYS K 116 -18.23 27.17 -39.35
CA LYS K 116 -17.34 27.76 -40.35
C LYS K 116 -18.03 28.96 -40.95
N ALA K 117 -19.26 28.76 -41.42
CA ALA K 117 -20.05 29.82 -42.00
C ALA K 117 -20.37 30.86 -40.93
N HIS L 1 -44.02 24.53 -5.01
CA HIS L 1 -43.34 23.26 -4.65
C HIS L 1 -41.81 23.39 -4.76
N CYS L 2 -41.37 24.58 -5.16
CA CYS L 2 -39.94 24.87 -5.32
C CYS L 2 -39.36 25.60 -4.11
N ASP L 3 -40.20 25.83 -3.11
CA ASP L 3 -39.80 26.49 -1.86
C ASP L 3 -39.49 27.98 -1.91
N LEU L 4 -39.84 28.66 -3.01
CA LEU L 4 -39.58 30.09 -3.08
C LEU L 4 -40.32 30.80 -1.95
N PRO L 5 -41.61 30.50 -1.75
CA PRO L 5 -42.45 29.56 -2.51
C PRO L 5 -43.10 30.18 -3.74
N CYS L 6 -43.47 29.34 -4.70
CA CYS L 6 -44.09 29.79 -5.94
C CYS L 6 -45.62 29.75 -5.88
N GLY L 7 -46.16 29.04 -4.88
CA GLY L 7 -47.60 28.94 -4.75
C GLY L 7 -48.23 27.86 -5.62
N VAL L 8 -47.39 27.17 -6.40
CA VAL L 8 -47.87 26.11 -7.28
C VAL L 8 -47.56 24.72 -6.71
N TYR L 9 -48.62 23.99 -6.38
CA TYR L 9 -48.49 22.64 -5.82
C TYR L 9 -49.51 21.72 -6.49
N ASP L 10 -49.16 20.46 -6.63
CA ASP L 10 -50.06 19.51 -7.26
C ASP L 10 -49.64 18.07 -6.95
N PRO L 11 -50.44 17.36 -6.14
CA PRO L 11 -50.15 15.96 -5.77
C PRO L 11 -50.02 15.08 -7.02
N ALA L 12 -50.41 15.63 -8.17
CA ALA L 12 -50.32 14.92 -9.44
C ALA L 12 -48.87 14.56 -9.75
N GLN L 13 -47.95 15.39 -9.27
CA GLN L 13 -46.54 15.13 -9.50
C GLN L 13 -46.20 13.79 -8.85
N ALA L 14 -46.66 13.60 -7.62
CA ALA L 14 -46.41 12.36 -6.90
C ALA L 14 -47.13 11.19 -7.56
N ARG L 15 -48.39 11.40 -7.91
CA ARG L 15 -49.19 10.35 -8.53
C ARG L 15 -48.57 9.81 -9.82
N ILE L 16 -48.11 10.72 -10.68
CA ILE L 16 -47.52 10.30 -11.95
C ILE L 16 -46.27 9.44 -11.77
N GLU L 17 -45.42 9.77 -10.81
CA GLU L 17 -44.23 8.96 -10.61
C GLU L 17 -44.66 7.60 -10.04
N ALA L 18 -45.65 7.60 -9.15
CA ALA L 18 -46.14 6.35 -8.57
C ALA L 18 -46.75 5.43 -9.64
N GLU L 19 -47.40 6.02 -10.64
CA GLU L 19 -47.99 5.22 -11.71
C GLU L 19 -46.88 4.47 -12.44
N SER L 20 -45.74 5.11 -12.62
CA SER L 20 -44.61 4.46 -13.28
C SER L 20 -44.13 3.28 -12.46
N VAL L 21 -44.09 3.45 -11.14
CA VAL L 21 -43.65 2.38 -10.27
C VAL L 21 -44.51 1.14 -10.50
N LYS L 22 -45.83 1.32 -10.47
CA LYS L 22 -46.72 0.17 -10.66
C LYS L 22 -46.59 -0.45 -12.05
N ALA L 23 -46.61 0.39 -13.08
CA ALA L 23 -46.49 -0.07 -14.45
C ALA L 23 -45.20 -0.87 -14.63
N ILE L 24 -44.13 -0.43 -13.97
CA ILE L 24 -42.85 -1.12 -14.05
C ILE L 24 -42.94 -2.47 -13.35
N GLN L 25 -43.62 -2.51 -12.21
CA GLN L 25 -43.77 -3.76 -11.48
C GLN L 25 -44.54 -4.76 -12.35
N GLU L 26 -45.55 -4.26 -13.07
CA GLU L 26 -46.33 -5.14 -13.94
C GLU L 26 -45.45 -5.72 -15.04
N LYS L 27 -44.62 -4.88 -15.65
CA LYS L 27 -43.72 -5.34 -16.71
C LYS L 27 -42.72 -6.37 -16.20
N MET L 28 -42.22 -6.16 -14.97
CA MET L 28 -41.25 -7.07 -14.38
C MET L 28 -41.85 -8.44 -14.11
N ALA L 29 -43.17 -8.50 -14.04
CA ALA L 29 -43.86 -9.76 -13.80
C ALA L 29 -43.89 -10.62 -15.07
N ALA L 30 -43.68 -10.01 -16.23
CA ALA L 30 -43.73 -10.74 -17.49
C ALA L 30 -42.40 -10.88 -18.21
N ASN L 31 -41.56 -9.86 -18.11
CA ASN L 31 -40.26 -9.86 -18.76
C ASN L 31 -39.19 -10.35 -17.78
N ASP L 32 -38.68 -11.55 -18.00
CA ASP L 32 -37.68 -12.10 -17.11
C ASP L 32 -36.24 -11.93 -17.58
N ASP L 33 -36.03 -11.15 -18.63
CA ASP L 33 -34.66 -10.93 -19.12
C ASP L 33 -33.85 -10.28 -18.01
N LEU L 34 -32.64 -10.79 -17.78
CA LEU L 34 -31.77 -10.26 -16.73
C LEU L 34 -31.53 -8.76 -16.84
N HIS L 35 -31.11 -8.29 -18.02
CA HIS L 35 -30.81 -6.87 -18.20
C HIS L 35 -32.05 -6.01 -18.06
N PHE L 36 -33.21 -6.52 -18.45
CA PHE L 36 -34.41 -5.73 -18.30
C PHE L 36 -34.71 -5.63 -16.80
N GLN L 37 -34.53 -6.73 -16.08
CA GLN L 37 -34.79 -6.76 -14.63
C GLN L 37 -33.90 -5.74 -13.94
N ILE L 38 -32.63 -5.70 -14.31
CA ILE L 38 -31.69 -4.75 -13.72
C ILE L 38 -32.15 -3.32 -13.98
N ARG L 39 -32.42 -3.02 -15.25
CA ARG L 39 -32.87 -1.67 -15.63
C ARG L 39 -34.20 -1.29 -14.98
N ALA L 40 -35.14 -2.23 -14.96
CA ALA L 40 -36.45 -1.97 -14.36
C ALA L 40 -36.30 -1.67 -12.86
N THR L 41 -35.48 -2.46 -12.17
CA THR L 41 -35.26 -2.25 -10.75
C THR L 41 -34.70 -0.86 -10.47
N VAL L 42 -33.63 -0.50 -11.20
CA VAL L 42 -32.99 0.81 -11.05
C VAL L 42 -33.97 1.95 -11.29
N ILE L 43 -34.73 1.85 -12.37
CA ILE L 43 -35.69 2.90 -12.73
C ILE L 43 -36.85 3.02 -11.73
N LYS L 44 -37.36 1.89 -11.26
CA LYS L 44 -38.45 1.88 -10.30
C LYS L 44 -37.98 2.59 -9.02
N GLU L 45 -36.74 2.33 -8.64
CA GLU L 45 -36.14 2.93 -7.45
C GLU L 45 -36.18 4.46 -7.57
N GLN L 46 -35.77 4.97 -8.74
CA GLN L 46 -35.74 6.41 -8.99
C GLN L 46 -37.12 7.03 -8.99
N ARG L 47 -38.09 6.38 -9.65
CA ARG L 47 -39.43 6.92 -9.71
C ARG L 47 -40.09 6.96 -8.33
N ALA L 48 -39.89 5.91 -7.55
CA ALA L 48 -40.46 5.86 -6.20
C ALA L 48 -39.83 6.95 -5.35
N GLU L 49 -38.54 7.17 -5.53
CA GLU L 49 -37.82 8.19 -4.75
C GLU L 49 -38.38 9.58 -5.09
N LEU L 50 -38.66 9.81 -6.38
CA LEU L 50 -39.21 11.09 -6.80
C LEU L 50 -40.60 11.28 -6.20
N ALA L 51 -41.40 10.22 -6.18
CA ALA L 51 -42.74 10.30 -5.60
C ALA L 51 -42.64 10.64 -4.10
N LYS L 52 -41.71 10.01 -3.38
CA LYS L 52 -41.57 10.28 -1.95
C LYS L 52 -41.19 11.74 -1.73
N HIS L 53 -40.34 12.25 -2.62
CA HIS L 53 -39.90 13.64 -2.56
C HIS L 53 -41.07 14.59 -2.74
N HIS L 54 -41.94 14.30 -3.71
CA HIS L 54 -43.10 15.16 -3.96
C HIS L 54 -44.02 15.18 -2.75
N LEU L 55 -44.20 14.03 -2.11
CA LEU L 55 -45.06 13.99 -0.94
C LEU L 55 -44.38 14.69 0.24
N ASP L 56 -43.06 14.56 0.36
CA ASP L 56 -42.35 15.21 1.47
C ASP L 56 -42.53 16.72 1.35
N VAL L 57 -42.44 17.23 0.13
CA VAL L 57 -42.61 18.64 -0.15
C VAL L 57 -44.03 19.09 0.24
N LEU L 58 -45.03 18.31 -0.13
CA LEU L 58 -46.41 18.68 0.23
C LEU L 58 -46.49 18.77 1.76
N TRP L 59 -45.94 17.77 2.43
CA TRP L 59 -45.96 17.71 3.89
C TRP L 59 -45.20 18.85 4.60
N SER L 60 -44.00 19.18 4.12
CA SER L 60 -43.21 20.22 4.76
C SER L 60 -43.51 21.64 4.31
N ASP L 61 -43.79 21.81 3.03
CA ASP L 61 -44.02 23.14 2.49
C ASP L 61 -45.47 23.60 2.29
N TYR L 62 -46.31 22.73 1.76
CA TYR L 62 -47.69 23.11 1.52
C TYR L 62 -48.57 23.07 2.76
N PHE L 63 -48.72 21.91 3.37
CA PHE L 63 -49.55 21.80 4.56
C PHE L 63 -49.01 22.67 5.68
N LYS L 64 -49.91 23.35 6.37
CA LYS L 64 -49.55 24.25 7.46
C LYS L 64 -50.05 23.71 8.79
N PRO L 65 -49.64 24.34 9.91
CA PRO L 65 -50.07 23.91 11.24
C PRO L 65 -51.58 23.74 11.39
N PRO L 66 -52.38 24.69 10.88
CA PRO L 66 -53.85 24.58 11.00
C PRO L 66 -54.39 23.32 10.32
N HIS L 67 -53.77 22.94 9.20
CA HIS L 67 -54.20 21.75 8.46
C HIS L 67 -54.00 20.50 9.28
N PHE L 68 -52.84 20.39 9.93
CA PHE L 68 -52.54 19.24 10.75
C PHE L 68 -53.48 19.15 11.95
N GLU L 69 -53.97 20.31 12.41
CA GLU L 69 -54.90 20.36 13.53
C GLU L 69 -56.27 19.88 13.06
N SER L 70 -56.71 20.39 11.92
CA SER L 70 -58.00 20.00 11.35
C SER L 70 -58.00 18.52 10.99
N TYR L 71 -56.94 18.05 10.37
CA TYR L 71 -56.83 16.64 10.00
C TYR L 71 -55.81 15.98 10.92
N PRO L 72 -56.25 15.54 12.10
CA PRO L 72 -55.39 14.89 13.09
C PRO L 72 -54.60 13.69 12.60
N GLU L 73 -55.08 13.04 11.56
CA GLU L 73 -54.41 11.85 11.02
C GLU L 73 -53.54 12.13 9.81
N LEU L 74 -53.46 13.39 9.39
CA LEU L 74 -52.67 13.76 8.22
C LEU L 74 -51.19 13.41 8.32
N HIS L 75 -50.59 13.62 9.49
CA HIS L 75 -49.18 13.28 9.65
C HIS L 75 -48.96 11.80 9.39
N THR L 76 -49.81 10.97 9.98
CA THR L 76 -49.71 9.52 9.84
C THR L 76 -49.99 9.07 8.41
N LEU L 77 -50.96 9.69 7.78
CA LEU L 77 -51.33 9.36 6.41
C LEU L 77 -50.16 9.59 5.45
N VAL L 78 -49.51 10.74 5.57
CA VAL L 78 -48.39 11.04 4.69
C VAL L 78 -47.21 10.14 5.01
N ASN L 79 -47.00 9.85 6.29
CA ASN L 79 -45.90 9.00 6.71
C ASN L 79 -46.07 7.59 6.17
N GLU L 80 -47.30 7.10 6.19
CA GLU L 80 -47.59 5.76 5.69
C GLU L 80 -47.48 5.75 4.17
N ALA L 81 -47.82 6.86 3.54
CA ALA L 81 -47.74 6.95 2.08
C ALA L 81 -46.29 6.81 1.64
N VAL L 82 -45.40 7.60 2.26
CA VAL L 82 -43.99 7.51 1.89
C VAL L 82 -43.41 6.15 2.25
N LYS L 83 -43.89 5.55 3.34
CA LYS L 83 -43.41 4.22 3.70
C LYS L 83 -43.92 3.22 2.66
N ALA L 84 -45.12 3.44 2.15
CA ALA L 84 -45.69 2.56 1.13
C ALA L 84 -44.82 2.61 -0.13
N LEU L 85 -44.26 3.78 -0.42
CA LEU L 85 -43.41 3.92 -1.59
C LEU L 85 -42.08 3.19 -1.38
N SER L 86 -41.58 3.19 -0.15
CA SER L 86 -40.36 2.47 0.16
C SER L 86 -40.63 0.97 -0.03
N ALA L 87 -41.81 0.54 0.42
CA ALA L 87 -42.19 -0.86 0.27
C ALA L 87 -42.20 -1.22 -1.21
N ALA L 88 -42.72 -0.29 -2.03
CA ALA L 88 -42.80 -0.49 -3.47
C ALA L 88 -41.41 -0.62 -4.09
N LYS L 89 -40.44 0.15 -3.60
CA LYS L 89 -39.08 0.07 -4.09
C LYS L 89 -38.50 -1.33 -3.89
N ALA L 90 -38.79 -1.93 -2.75
CA ALA L 90 -38.27 -3.24 -2.42
C ALA L 90 -39.11 -4.39 -2.94
N SER L 91 -40.08 -4.10 -3.80
CA SER L 91 -40.93 -5.18 -4.29
C SER L 91 -41.28 -5.10 -5.77
N THR L 92 -41.56 -6.27 -6.35
CA THR L 92 -41.96 -6.37 -7.75
C THR L 92 -43.46 -6.61 -7.84
N ASP L 93 -44.09 -6.78 -6.68
CA ASP L 93 -45.54 -7.02 -6.61
C ASP L 93 -46.31 -5.73 -6.91
N PRO L 94 -47.08 -5.72 -8.00
CA PRO L 94 -47.87 -4.54 -8.40
C PRO L 94 -48.81 -4.04 -7.29
N ALA L 95 -49.18 -4.93 -6.37
CA ALA L 95 -50.07 -4.54 -5.29
C ALA L 95 -49.42 -3.48 -4.40
N THR L 96 -48.10 -3.56 -4.23
CA THR L 96 -47.42 -2.58 -3.39
C THR L 96 -47.48 -1.22 -4.08
N GLY L 97 -47.35 -1.21 -5.40
CA GLY L 97 -47.41 0.04 -6.13
C GLY L 97 -48.80 0.62 -5.99
N GLN L 98 -49.80 -0.25 -6.07
CA GLN L 98 -51.19 0.19 -5.95
C GLN L 98 -51.46 0.77 -4.57
N LYS L 99 -50.87 0.15 -3.54
CA LYS L 99 -51.10 0.65 -2.18
C LYS L 99 -50.65 2.10 -2.06
N ALA L 100 -49.49 2.40 -2.63
CA ALA L 100 -48.95 3.76 -2.59
C ALA L 100 -49.89 4.70 -3.32
N LEU L 101 -50.44 4.26 -4.45
CA LEU L 101 -51.36 5.08 -5.22
C LEU L 101 -52.62 5.37 -4.41
N ASP L 102 -53.07 4.37 -3.64
CA ASP L 102 -54.26 4.54 -2.82
C ASP L 102 -54.03 5.62 -1.75
N TYR L 103 -52.86 5.58 -1.10
CA TYR L 103 -52.55 6.58 -0.09
C TYR L 103 -52.47 7.96 -0.75
N ILE L 104 -51.85 8.02 -1.92
CA ILE L 104 -51.73 9.29 -2.63
C ILE L 104 -53.10 9.85 -2.99
N ALA L 105 -54.04 8.98 -3.35
CA ALA L 105 -55.40 9.43 -3.70
C ALA L 105 -56.06 10.09 -2.50
N GLN L 106 -55.87 9.52 -1.30
CA GLN L 106 -56.44 10.07 -0.08
C GLN L 106 -55.81 11.44 0.22
N ILE L 107 -54.50 11.54 0.05
CA ILE L 107 -53.82 12.80 0.29
C ILE L 107 -54.31 13.83 -0.72
N ASP L 108 -54.54 13.38 -1.95
CA ASP L 108 -55.01 14.27 -3.01
C ASP L 108 -56.35 14.91 -2.65
N LYS L 109 -57.24 14.13 -2.05
CA LYS L 109 -58.54 14.67 -1.67
C LYS L 109 -58.39 15.76 -0.59
N ILE L 110 -57.62 15.46 0.45
CA ILE L 110 -57.41 16.43 1.52
C ILE L 110 -56.76 17.70 0.95
N PHE L 111 -55.79 17.51 0.06
CA PHE L 111 -55.10 18.63 -0.56
C PHE L 111 -56.12 19.57 -1.22
N TRP L 112 -57.02 19.03 -2.03
CA TRP L 112 -58.01 19.85 -2.71
C TRP L 112 -58.98 20.54 -1.76
N GLU L 113 -59.41 19.83 -0.72
CA GLU L 113 -60.32 20.44 0.24
C GLU L 113 -59.65 21.66 0.88
N THR L 114 -58.37 21.54 1.19
CA THR L 114 -57.64 22.65 1.81
C THR L 114 -57.47 23.76 0.80
N LYS L 115 -57.46 23.42 -0.48
CA LYS L 115 -57.34 24.42 -1.53
C LYS L 115 -58.62 25.23 -1.60
N LYS L 116 -59.75 24.53 -1.69
CA LYS L 116 -61.08 25.15 -1.77
C LYS L 116 -61.55 25.68 -0.42
N ALA L 117 -60.61 25.98 0.48
CA ALA L 117 -60.96 26.48 1.80
C ALA L 117 -61.24 27.98 1.79
#